data_2WW2
#
_entry.id   2WW2
#
_cell.length_a   154.990
_cell.length_b   162.990
_cell.length_c   114.860
_cell.angle_alpha   90.00
_cell.angle_beta   90.00
_cell.angle_gamma   90.00
#
_symmetry.space_group_name_H-M   'P 21 21 2'
#
loop_
_entity.id
_entity.type
_entity.pdbx_description
1 polymer ALPHA-1,2-MANNOSIDASE
2 non-polymer (4S)-2-METHYL-2,4-PENTANEDIOL
3 non-polymer 'SODIUM ION'
4 non-polymer GLYCEROL
5 non-polymer 1S-8AB-OCTAHYDRO-INDOLIZIDINE-1A,2A,8B-TRIOL
6 water water
#
_entity_poly.entity_id   1
_entity_poly.type   'polypeptide(L)'
_entity_poly.pdbx_seq_one_letter_code
;SKKTVEFVDYVNPLMGTESTFAFSHGNTYPAVAVPWGMNFWSPQTGENGSGWMYTYTDSLMRGFRQTHQPSPWINDYGTF
SIMPLAGELKMSHKERLVPFSHQQEKATPYNYSVTFNNGLQTSLSATSRGAVFEVSFPEKEDQYVVVDAYNGGSSITIEP
EKRLVKGATRYNNGGVPDNFANYFMMEFSHPVIEYGTYNGDTLLHHQTDVAADYTCAYLKFDVPAGEKLTIRTASSFISP
EQAAINFNREVADADVQLISGKAREQWNNYLGRVEAEGGTDEQLRTFYSCLYRTLLFPREFYEFDSQGNPVYYSPYDGNV
HDGYMYTDNGFWDTFRAVHPLFTLLYPEVSERVTQSIINAYNESGFMPEWASPGHRGCMIGNNSVSLLVDAWMKGIQTVD
AEKALEAMIHQTQARHAEIASVGRDGFEYYDKLGYVPYPEVPEATAKTLEYAYADWCIARFAESLGKQDIADQYYQKAPN
YRNLYYPEHGFMWTKDAKGNWRDRFDATEWGGPFTEGSSWHWTWSVFHDPEGLSELMGGHEPMIARLDSMFVAPNTYNYG
TYGFVIHEIAEMVALNMGQYAHGNQPVQHAIYLYDYIGQPWKTQYHLRNVMDKLYNSGSKGYCGDEDNGQTSAWYVFSAM
GFYPVCPGMPEYAIGSPLFKKVTLHLPEGKNFVVSAADNAADRPYIRKALLNGQEFTRNYLTHDELKQGGELNLSMDSVP
NQQRGTQPADFPYSYSK
;
_entity_poly.pdbx_strand_id   A,B,C
#
loop_
_chem_comp.id
_chem_comp.type
_chem_comp.name
_chem_comp.formula
GOL non-polymer GLYCEROL 'C3 H8 O3'
MPD non-polymer (4S)-2-METHYL-2,4-PENTANEDIOL 'C6 H14 O2'
NA non-polymer 'SODIUM ION' 'Na 1'
SWA non-polymer 1S-8AB-OCTAHYDRO-INDOLIZIDINE-1A,2A,8B-TRIOL 'C8 H15 N O3'
#
# COMPACT_ATOMS: atom_id res chain seq x y z
N SER A 1 33.65 -30.75 24.78
CA SER A 1 35.03 -30.26 25.11
C SER A 1 35.01 -28.71 25.22
N LYS A 2 35.85 -28.13 26.08
CA LYS A 2 35.89 -26.66 26.25
C LYS A 2 36.26 -25.94 24.95
N LYS A 3 35.62 -24.80 24.70
CA LYS A 3 35.92 -23.98 23.55
C LYS A 3 36.13 -22.53 23.98
N THR A 4 36.96 -21.82 23.22
CA THR A 4 37.20 -20.39 23.38
C THR A 4 35.90 -19.57 23.30
N VAL A 5 35.04 -19.88 22.33
CA VAL A 5 33.73 -19.25 22.28
C VAL A 5 32.71 -20.38 22.45
N GLU A 6 31.96 -20.35 23.54
CA GLU A 6 31.01 -21.40 23.87
C GLU A 6 29.64 -21.01 23.32
N PHE A 7 28.72 -21.98 23.24
CA PHE A 7 27.42 -21.69 22.64
C PHE A 7 26.68 -20.55 23.33
N VAL A 8 26.78 -20.47 24.65
CA VAL A 8 26.04 -19.41 25.38
C VAL A 8 26.62 -18.03 25.06
N ASP A 9 27.90 -17.98 24.66
CA ASP A 9 28.54 -16.71 24.28
C ASP A 9 27.90 -16.08 23.03
N TYR A 10 27.19 -16.89 22.26
CA TYR A 10 26.51 -16.37 21.07
C TYR A 10 25.14 -15.74 21.41
N VAL A 11 24.66 -15.96 22.62
CA VAL A 11 23.28 -15.55 22.95
C VAL A 11 23.18 -14.06 23.24
N ASN A 12 22.25 -13.38 22.56
CA ASN A 12 21.92 -11.99 22.87
C ASN A 12 20.49 -11.93 23.36
N PRO A 13 20.30 -11.79 24.69
CA PRO A 13 18.94 -11.74 25.26
C PRO A 13 18.20 -10.48 24.84
N LEU A 14 18.92 -9.51 24.27
CA LEU A 14 18.26 -8.32 23.74
C LEU A 14 17.89 -8.40 22.27
N MET A 15 18.13 -9.56 21.64
CA MET A 15 17.77 -9.72 20.23
C MET A 15 16.30 -9.42 20.04
N GLY A 16 15.97 -8.53 19.10
CA GLY A 16 14.57 -8.19 18.81
C GLY A 16 13.89 -7.37 19.91
N THR A 17 14.65 -6.91 20.90
CA THR A 17 14.05 -6.05 21.94
C THR A 17 13.34 -4.80 21.35
N GLU A 18 13.80 -4.35 20.18
CA GLU A 18 13.13 -3.23 19.49
C GLU A 18 12.27 -3.71 18.31
N SER A 19 12.14 -5.03 18.17
CA SER A 19 11.48 -5.66 17.01
C SER A 19 10.01 -5.99 17.20
N THR A 20 9.46 -5.66 18.36
CA THR A 20 8.13 -6.13 18.67
C THR A 20 7.10 -5.01 18.62
N PHE A 21 5.92 -5.35 18.11
CA PHE A 21 4.81 -4.42 18.06
C PHE A 21 4.22 -4.25 19.46
N ALA A 22 3.99 -2.99 19.86
CA ALA A 22 3.49 -2.71 21.20
C ALA A 22 2.26 -3.55 21.54
N PHE A 23 1.38 -3.70 20.55
CA PHE A 23 0.11 -4.38 20.81
C PHE A 23 0.15 -5.82 20.33
N SER A 24 1.27 -6.48 20.64
CA SER A 24 1.40 -7.91 20.39
C SER A 24 1.80 -8.60 21.70
N HIS A 25 1.82 -9.93 21.69
CA HIS A 25 2.20 -10.71 22.87
C HIS A 25 3.72 -10.89 22.98
N GLY A 26 4.49 -10.20 22.14
CA GLY A 26 5.96 -10.38 22.21
C GLY A 26 6.61 -9.73 23.42
N ASN A 27 7.38 -10.51 24.20
CA ASN A 27 8.19 -9.95 25.28
C ASN A 27 9.46 -9.26 24.76
N THR A 28 9.98 -8.32 25.52
CA THR A 28 11.19 -7.64 25.09
C THR A 28 12.25 -7.60 26.17
N TYR A 29 12.13 -8.44 27.20
CA TYR A 29 13.09 -8.29 28.32
C TYR A 29 14.24 -9.30 28.31
N PRO A 30 15.43 -8.84 28.75
CA PRO A 30 16.61 -9.71 28.68
C PRO A 30 16.67 -10.69 29.86
N ALA A 31 15.90 -11.76 29.77
CA ALA A 31 15.70 -12.69 30.90
C ALA A 31 17.01 -13.34 31.37
N VAL A 32 17.28 -13.18 32.66
CA VAL A 32 18.36 -13.90 33.33
C VAL A 32 17.74 -15.14 33.98
N ALA A 33 18.21 -16.32 33.60
CA ALA A 33 17.49 -17.54 33.99
C ALA A 33 18.36 -18.76 33.78
N VAL A 34 17.85 -19.92 34.16
CA VAL A 34 18.33 -21.18 33.60
C VAL A 34 17.14 -21.74 32.82
N PRO A 35 17.38 -22.72 31.93
CA PRO A 35 16.29 -23.16 31.08
C PRO A 35 15.06 -23.62 31.88
N TRP A 36 13.88 -23.19 31.41
CA TRP A 36 12.58 -23.48 32.07
C TRP A 36 12.51 -23.10 33.55
N GLY A 37 13.36 -22.18 34.00
CA GLY A 37 13.42 -21.88 35.42
C GLY A 37 12.12 -21.31 35.97
N MET A 38 11.78 -21.70 37.20
CA MET A 38 10.55 -21.26 37.84
C MET A 38 10.52 -19.75 38.01
N ASN A 39 11.66 -19.14 38.35
CA ASN A 39 11.70 -17.68 38.50
C ASN A 39 12.72 -17.11 37.51
N PHE A 40 12.33 -16.07 36.79
CA PHE A 40 13.28 -15.33 35.92
C PHE A 40 13.61 -14.02 36.58
N TRP A 41 14.71 -13.40 36.14
CA TRP A 41 15.11 -12.09 36.66
C TRP A 41 15.33 -11.15 35.48
N SER A 42 15.00 -9.86 35.66
CA SER A 42 15.22 -8.87 34.58
C SER A 42 15.37 -7.46 35.14
N PRO A 43 16.15 -6.62 34.46
CA PRO A 43 16.08 -5.18 34.70
C PRO A 43 14.68 -4.66 34.38
N GLN A 44 14.29 -3.62 35.10
CA GLN A 44 12.97 -3.00 34.90
C GLN A 44 13.14 -1.49 34.66
N THR A 45 12.64 -1.01 33.52
CA THR A 45 12.60 0.43 33.24
C THR A 45 11.17 0.98 33.35
N GLY A 46 10.19 0.12 33.10
CA GLY A 46 8.78 0.55 33.10
C GLY A 46 8.23 0.64 34.52
N GLU A 47 7.12 1.34 34.71
CA GLU A 47 6.48 1.43 36.02
C GLU A 47 6.05 0.04 36.49
N ASN A 48 5.93 -0.16 37.80
CA ASN A 48 5.25 -1.33 38.31
C ASN A 48 3.88 -1.40 37.64
N GLY A 49 3.48 -2.60 37.22
CA GLY A 49 2.17 -2.78 36.61
C GLY A 49 2.18 -2.77 35.09
N SER A 50 3.21 -2.19 34.49
CA SER A 50 3.25 -2.13 33.04
C SER A 50 3.84 -3.43 32.46
N GLY A 51 3.15 -4.00 31.47
CA GLY A 51 3.69 -5.19 30.78
C GLY A 51 4.96 -4.87 30.02
N TRP A 52 5.20 -3.59 29.77
CA TRP A 52 6.41 -3.16 29.08
C TRP A 52 7.52 -2.91 30.12
N MET A 53 7.97 -4.01 30.70
CA MET A 53 8.84 -3.97 31.86
C MET A 53 10.20 -3.38 31.53
N TYR A 54 10.74 -3.76 30.39
CA TYR A 54 12.04 -3.27 29.97
C TYR A 54 11.85 -2.73 28.56
N THR A 55 12.13 -1.44 28.37
CA THR A 55 12.04 -0.78 27.08
C THR A 55 13.43 -0.30 26.72
N TYR A 56 13.98 -0.84 25.63
CA TYR A 56 15.35 -0.59 25.26
C TYR A 56 15.65 0.90 25.10
N THR A 57 14.68 1.68 24.61
CA THR A 57 14.93 3.11 24.40
C THR A 57 14.81 3.94 25.69
N ASP A 58 14.39 3.33 26.80
CA ASP A 58 14.29 4.07 28.05
C ASP A 58 15.62 3.97 28.80
N SER A 59 16.04 5.06 29.41
CA SER A 59 17.40 5.12 29.96
C SER A 59 17.42 5.27 31.49
N LEU A 60 16.29 4.98 32.14
CA LEU A 60 16.17 5.12 33.58
C LEU A 60 15.73 3.79 34.15
N MET A 61 16.51 3.26 35.09
CA MET A 61 16.18 1.96 35.67
CA MET A 61 16.23 1.95 35.68
C MET A 61 15.46 2.11 36.99
N ARG A 62 14.47 1.25 37.24
CA ARG A 62 13.70 1.31 38.50
C ARG A 62 13.94 0.12 39.42
N GLY A 63 14.35 -1.02 38.88
CA GLY A 63 14.58 -2.18 39.73
C GLY A 63 15.03 -3.41 38.97
N PHE A 64 15.28 -4.48 39.72
CA PHE A 64 15.56 -5.78 39.13
C PHE A 64 14.49 -6.73 39.63
N ARG A 65 13.67 -7.20 38.71
CA ARG A 65 12.46 -7.93 39.04
C ARG A 65 12.67 -9.43 39.01
N GLN A 66 12.10 -10.12 40.00
CA GLN A 66 11.80 -11.52 39.84
C GLN A 66 10.50 -11.53 39.05
N THR A 67 10.52 -12.11 37.86
CA THR A 67 9.36 -12.03 36.97
C THR A 67 8.96 -13.41 36.44
N HIS A 68 7.69 -13.55 36.07
CA HIS A 68 7.22 -14.75 35.39
C HIS A 68 6.55 -14.41 34.08
N GLN A 69 6.63 -13.13 33.67
CA GLN A 69 5.79 -12.65 32.56
C GLN A 69 6.07 -13.32 31.20
N PRO A 70 5.04 -13.92 30.59
CA PRO A 70 5.23 -14.54 29.26
C PRO A 70 4.78 -13.66 28.09
N SER A 71 4.18 -12.50 28.38
CA SER A 71 3.69 -11.55 27.36
C SER A 71 3.34 -10.26 28.05
N PRO A 72 3.58 -9.11 27.41
CA PRO A 72 3.24 -7.85 28.11
C PRO A 72 1.76 -7.73 28.34
N TRP A 73 0.95 -8.32 27.48
CA TRP A 73 -0.50 -8.19 27.65
C TRP A 73 -1.07 -9.19 28.64
N ILE A 74 -0.47 -10.38 28.71
CA ILE A 74 -0.80 -11.32 29.78
C ILE A 74 -0.28 -10.75 31.13
N ASN A 75 0.87 -10.10 31.06
CA ASN A 75 1.45 -9.37 32.19
C ASN A 75 1.96 -10.36 33.25
N ASP A 76 2.25 -9.88 34.46
CA ASP A 76 3.09 -10.61 35.44
C ASP A 76 2.29 -11.13 36.63
N TYR A 77 2.93 -11.99 37.44
CA TYR A 77 2.37 -12.40 38.73
C TYR A 77 3.56 -12.86 39.61
N GLY A 78 3.35 -12.89 40.92
CA GLY A 78 4.35 -13.37 41.89
C GLY A 78 5.66 -12.63 41.71
N THR A 79 5.59 -11.31 41.59
CA THR A 79 6.76 -10.50 41.24
C THR A 79 7.13 -9.51 42.35
N PHE A 80 8.44 -9.35 42.57
CA PHE A 80 8.96 -8.32 43.48
C PHE A 80 10.25 -7.81 42.86
N SER A 81 10.81 -6.72 43.39
CA SER A 81 12.06 -6.23 42.80
C SER A 81 13.06 -5.84 43.88
N ILE A 82 14.31 -5.75 43.47
CA ILE A 82 15.39 -5.34 44.34
C ILE A 82 16.11 -4.23 43.58
N MET A 83 16.45 -3.13 44.25
CA MET A 83 17.09 -2.00 43.58
C MET A 83 18.16 -1.38 44.48
N PRO A 84 19.42 -1.57 44.12
CA PRO A 84 20.46 -0.86 44.87
C PRO A 84 20.47 0.62 44.46
N LEU A 85 20.78 1.51 45.40
CA LEU A 85 20.78 2.94 45.14
C LEU A 85 21.98 3.59 45.81
N ALA A 86 22.57 4.58 45.16
CA ALA A 86 23.62 5.37 45.78
C ALA A 86 23.10 6.77 45.97
N GLY A 87 23.42 7.36 47.12
CA GLY A 87 23.08 8.76 47.35
C GLY A 87 21.72 8.92 47.98
N GLU A 88 20.73 9.26 47.17
CA GLU A 88 19.40 9.59 47.70
CA GLU A 88 19.40 9.59 47.69
C GLU A 88 18.45 8.38 47.71
N LEU A 89 17.82 8.14 48.85
CA LEU A 89 16.87 7.06 48.97
C LEU A 89 15.57 7.43 48.28
N LYS A 90 15.03 6.52 47.46
CA LYS A 90 13.70 6.72 46.87
C LYS A 90 12.96 5.41 47.02
N MET A 91 11.72 5.43 47.53
CA MET A 91 11.01 4.18 47.83
C MET A 91 10.11 3.72 46.69
N SER A 92 9.18 4.58 46.28
CA SER A 92 8.17 4.21 45.29
C SER A 92 8.77 3.96 43.92
N HIS A 93 8.23 2.96 43.22
CA HIS A 93 8.65 2.71 41.85
C HIS A 93 8.51 3.97 40.96
N LYS A 94 7.60 4.87 41.33
CA LYS A 94 7.36 6.10 40.56
C LYS A 94 8.54 7.05 40.66
N GLU A 95 9.34 6.90 41.72
CA GLU A 95 10.45 7.79 42.00
C GLU A 95 11.85 7.16 41.90
N ARG A 96 11.94 5.83 41.83
CA ARG A 96 13.21 5.15 41.67
C ARG A 96 13.56 5.11 40.22
N LEU A 97 14.31 6.09 39.76
CA LEU A 97 14.63 6.23 38.37
C LEU A 97 16.10 6.57 38.29
N VAL A 98 16.93 5.62 37.89
CA VAL A 98 18.36 5.84 37.93
C VAL A 98 18.93 5.71 36.52
N PRO A 99 19.58 6.78 36.04
CA PRO A 99 20.06 6.78 34.65
C PRO A 99 21.23 5.82 34.42
N PHE A 100 21.22 5.16 33.26
CA PHE A 100 22.29 4.25 32.84
C PHE A 100 22.44 4.30 31.33
N SER A 101 23.58 3.86 30.83
CA SER A 101 23.84 3.78 29.39
C SER A 101 23.96 2.33 28.98
N HIS A 102 23.42 1.99 27.80
CA HIS A 102 23.60 0.63 27.29
C HIS A 102 25.08 0.34 27.07
N GLN A 103 25.92 1.38 26.99
CA GLN A 103 27.37 1.14 26.80
C GLN A 103 27.95 0.47 28.04
N GLN A 104 27.27 0.65 29.18
CA GLN A 104 27.72 0.01 30.41
C GLN A 104 26.74 -1.06 30.87
N GLU A 105 26.15 -1.75 29.90
CA GLU A 105 25.19 -2.82 30.17
C GLU A 105 25.62 -4.08 29.42
N LYS A 106 25.58 -5.22 30.10
CA LYS A 106 26.04 -6.45 29.51
C LYS A 106 25.01 -7.52 29.90
N ALA A 107 24.11 -7.82 28.97
CA ALA A 107 23.03 -8.77 29.18
C ALA A 107 23.38 -10.14 28.58
N THR A 108 23.38 -11.18 29.40
CA THR A 108 23.59 -12.58 28.96
C THR A 108 22.58 -13.40 29.74
N PRO A 109 22.35 -14.66 29.32
CA PRO A 109 21.37 -15.49 30.01
C PRO A 109 21.79 -15.85 31.44
N TYR A 110 23.10 -15.84 31.71
CA TYR A 110 23.65 -16.34 32.97
C TYR A 110 24.06 -15.20 33.90
N ASN A 111 23.94 -13.96 33.44
CA ASN A 111 24.31 -12.79 34.21
C ASN A 111 23.92 -11.50 33.49
N TYR A 112 23.27 -10.59 34.20
CA TYR A 112 23.05 -9.25 33.72
C TYR A 112 23.84 -8.28 34.60
N SER A 113 24.67 -7.44 33.96
CA SER A 113 25.48 -6.48 34.70
C SER A 113 25.23 -5.07 34.12
N VAL A 114 25.11 -4.08 34.99
CA VAL A 114 24.96 -2.70 34.53
C VAL A 114 25.67 -1.77 35.50
N THR A 115 26.27 -0.70 34.97
CA THR A 115 26.85 0.34 35.81
C THR A 115 26.09 1.62 35.53
N PHE A 116 25.52 2.20 36.57
CA PHE A 116 24.75 3.41 36.42
C PHE A 116 25.64 4.62 36.19
N ASN A 117 25.04 5.71 35.74
CA ASN A 117 25.82 6.91 35.49
C ASN A 117 26.54 7.40 36.75
N ASN A 118 25.98 7.12 37.92
CA ASN A 118 26.60 7.58 39.18
C ASN A 118 27.73 6.66 39.64
N GLY A 119 28.00 5.63 38.85
CA GLY A 119 29.11 4.73 39.14
C GLY A 119 28.74 3.48 39.92
N LEU A 120 27.49 3.37 40.36
CA LEU A 120 27.09 2.17 41.08
C LEU A 120 27.06 1.01 40.09
N GLN A 121 27.71 -0.10 40.42
CA GLN A 121 27.68 -1.25 39.52
C GLN A 121 26.96 -2.39 40.21
N THR A 122 26.19 -3.14 39.45
CA THR A 122 25.53 -4.33 40.00
C THR A 122 25.42 -5.42 38.95
N SER A 123 25.52 -6.68 39.37
CA SER A 123 25.14 -7.76 38.48
C SER A 123 24.38 -8.84 39.23
N LEU A 124 23.63 -9.63 38.48
CA LEU A 124 22.85 -10.70 39.07
C LEU A 124 22.87 -11.91 38.16
N SER A 125 22.79 -13.09 38.77
CA SER A 125 22.76 -14.34 38.04
C SER A 125 21.68 -15.18 38.71
N ALA A 126 20.99 -16.01 37.94
CA ALA A 126 19.87 -16.76 38.49
C ALA A 126 20.13 -18.26 38.57
N THR A 127 19.49 -18.93 39.51
CA THR A 127 19.39 -20.36 39.50
C THR A 127 17.95 -20.62 39.06
N SER A 128 17.44 -21.84 39.17
CA SER A 128 16.04 -22.13 38.79
C SER A 128 15.06 -21.27 39.60
N ARG A 129 15.33 -21.14 40.89
CA ARG A 129 14.37 -20.50 41.80
C ARG A 129 14.96 -19.34 42.60
N GLY A 130 16.27 -19.09 42.47
CA GLY A 130 16.85 -18.00 43.23
C GLY A 130 17.76 -17.12 42.38
N ALA A 131 18.41 -16.14 43.02
CA ALA A 131 19.36 -15.26 42.31
C ALA A 131 20.39 -14.77 43.30
N VAL A 132 21.54 -14.34 42.79
CA VAL A 132 22.54 -13.69 43.65
C VAL A 132 22.98 -12.43 42.93
N PHE A 133 23.08 -11.33 43.67
CA PHE A 133 23.55 -10.04 43.16
C PHE A 133 24.93 -9.74 43.75
N GLU A 134 25.73 -8.96 43.02
CA GLU A 134 26.85 -8.25 43.64
C GLU A 134 26.51 -6.79 43.46
N VAL A 135 26.86 -5.93 44.43
CA VAL A 135 26.70 -4.50 44.23
C VAL A 135 28.02 -3.82 44.62
N SER A 136 28.55 -2.97 43.73
CA SER A 136 29.69 -2.13 44.03
CA SER A 136 29.69 -2.12 44.04
C SER A 136 29.21 -0.68 44.20
N PHE A 137 29.21 -0.15 45.42
CA PHE A 137 28.68 1.19 45.68
C PHE A 137 29.74 2.25 45.41
N PRO A 138 29.35 3.43 44.88
CA PRO A 138 30.35 4.50 44.73
C PRO A 138 30.84 4.95 46.08
N GLU A 139 32.13 5.21 46.22
CA GLU A 139 32.67 5.58 47.51
C GLU A 139 32.05 6.90 48.00
N LYS A 140 31.91 7.04 49.31
CA LYS A 140 31.48 8.30 49.90
C LYS A 140 30.05 8.75 49.52
N GLU A 141 29.19 7.82 49.13
CA GLU A 141 27.78 8.11 48.92
C GLU A 141 27.01 7.16 49.80
N ASP A 142 25.83 7.57 50.26
CA ASP A 142 24.97 6.65 51.04
C ASP A 142 24.71 5.40 50.20
N GLN A 143 24.56 4.26 50.87
CA GLN A 143 24.41 2.96 50.22
C GLN A 143 23.08 2.35 50.64
N TYR A 144 22.18 2.14 49.69
CA TYR A 144 20.90 1.50 49.99
C TYR A 144 20.57 0.34 49.08
N VAL A 145 19.70 -0.53 49.56
CA VAL A 145 18.97 -1.42 48.68
C VAL A 145 17.50 -1.25 49.04
N VAL A 146 16.66 -1.09 48.02
CA VAL A 146 15.22 -1.05 48.22
C VAL A 146 14.62 -2.35 47.71
N VAL A 147 13.72 -2.91 48.52
CA VAL A 147 12.96 -4.08 48.14
C VAL A 147 11.51 -3.62 47.91
N ASP A 148 10.96 -3.99 46.77
CA ASP A 148 9.64 -3.51 46.36
C ASP A 148 8.80 -4.77 46.18
N ALA A 149 7.79 -4.93 47.03
CA ALA A 149 6.99 -6.15 47.02
C ALA A 149 5.72 -5.98 46.18
N TYR A 150 5.67 -4.89 45.43
CA TYR A 150 4.60 -4.61 44.44
C TYR A 150 3.28 -4.28 45.13
N ASN A 151 2.25 -4.00 44.33
CA ASN A 151 0.92 -3.74 44.92
C ASN A 151 0.02 -4.96 44.84
N GLY A 152 -1.26 -4.79 45.21
CA GLY A 152 -2.18 -5.93 45.27
C GLY A 152 -2.24 -6.66 46.61
N GLY A 153 -1.62 -6.08 47.64
CA GLY A 153 -1.65 -6.70 48.98
C GLY A 153 -0.40 -7.52 49.27
N SER A 154 0.67 -6.83 49.66
CA SER A 154 1.97 -7.49 49.90
C SER A 154 2.41 -7.23 51.34
N SER A 155 3.49 -7.87 51.75
CA SER A 155 4.05 -7.66 53.09
C SER A 155 5.54 -7.90 53.06
N ILE A 156 6.25 -7.18 53.92
CA ILE A 156 7.69 -7.34 54.06
C ILE A 156 8.05 -7.31 55.54
N THR A 157 8.97 -8.18 55.94
CA THR A 157 9.52 -8.16 57.28
CA THR A 157 9.53 -8.17 57.29
C THR A 157 11.04 -8.11 57.20
N ILE A 158 11.65 -7.22 57.98
CA ILE A 158 13.10 -7.09 57.99
C ILE A 158 13.60 -7.63 59.31
N GLU A 159 14.71 -8.37 59.27
CA GLU A 159 15.38 -8.81 60.48
C GLU A 159 16.82 -8.33 60.38
N PRO A 160 17.02 -7.04 60.70
CA PRO A 160 18.31 -6.39 60.43
C PRO A 160 19.47 -7.12 61.07
N GLU A 161 19.27 -7.59 62.31
CA GLU A 161 20.36 -8.28 63.01
C GLU A 161 20.75 -9.59 62.31
N LYS A 162 19.81 -10.23 61.61
CA LYS A 162 20.14 -11.42 60.83
C LYS A 162 20.46 -11.09 59.36
N ARG A 163 20.37 -9.81 59.00
CA ARG A 163 20.63 -9.40 57.62
C ARG A 163 19.66 -10.07 56.66
N LEU A 164 18.44 -10.34 57.12
CA LEU A 164 17.44 -11.03 56.31
C LEU A 164 16.25 -10.13 56.00
N VAL A 165 15.67 -10.32 54.81
CA VAL A 165 14.36 -9.73 54.51
C VAL A 165 13.47 -10.83 53.97
N LYS A 166 12.23 -10.91 54.45
CA LYS A 166 11.30 -11.89 53.92
C LYS A 166 10.02 -11.15 53.55
N GLY A 167 9.19 -11.75 52.70
CA GLY A 167 7.94 -11.07 52.34
C GLY A 167 7.02 -11.92 51.49
N ALA A 168 5.87 -11.36 51.15
CA ALA A 168 4.96 -12.05 50.26
C ALA A 168 4.48 -11.06 49.23
N THR A 169 4.48 -11.47 47.97
CA THR A 169 3.91 -10.65 46.93
C THR A 169 2.71 -11.38 46.35
N ARG A 170 1.61 -10.65 46.14
CA ARG A 170 0.39 -11.28 45.65
C ARG A 170 -0.11 -10.68 44.34
N TYR A 171 0.60 -9.69 43.82
CA TYR A 171 0.22 -9.08 42.56
C TYR A 171 0.01 -10.14 41.49
N ASN A 172 -1.04 -9.97 40.69
CA ASN A 172 -1.30 -10.90 39.59
C ASN A 172 -2.28 -10.26 38.61
N ASN A 173 -2.46 -10.91 37.47
CA ASN A 173 -3.37 -10.41 36.44
C ASN A 173 -4.48 -11.42 36.15
N GLY A 174 -4.87 -12.16 37.19
CA GLY A 174 -5.87 -13.20 37.06
C GLY A 174 -5.26 -14.58 36.91
N GLY A 175 -6.12 -15.59 36.76
CA GLY A 175 -5.62 -16.97 36.64
C GLY A 175 -4.92 -17.51 37.89
N VAL A 176 -5.31 -17.01 39.08
CA VAL A 176 -4.75 -17.53 40.33
C VAL A 176 -5.85 -17.94 41.31
N PRO A 177 -5.58 -18.96 42.14
CA PRO A 177 -6.51 -19.32 43.23
C PRO A 177 -6.57 -18.22 44.31
N ASP A 178 -7.56 -18.32 45.19
CA ASP A 178 -7.78 -17.30 46.20
C ASP A 178 -6.65 -17.18 47.22
N ASN A 179 -5.83 -18.20 47.36
CA ASN A 179 -4.77 -18.17 48.38
C ASN A 179 -3.41 -17.90 47.79
N PHE A 180 -3.39 -17.37 46.57
CA PHE A 180 -2.14 -17.17 45.84
C PHE A 180 -1.16 -16.20 46.53
N ALA A 181 0.12 -16.57 46.54
CA ALA A 181 1.22 -15.69 46.94
C ALA A 181 2.54 -16.26 46.49
N ASN A 182 3.52 -15.38 46.25
CA ASN A 182 4.90 -15.79 46.13
C ASN A 182 5.64 -15.36 47.41
N TYR A 183 6.25 -16.33 48.10
CA TYR A 183 6.91 -16.08 49.38
C TYR A 183 8.40 -15.96 49.10
N PHE A 184 8.99 -14.83 49.44
CA PHE A 184 10.39 -14.62 49.10
C PHE A 184 11.26 -14.37 50.33
N MET A 185 12.57 -14.60 50.17
CA MET A 185 13.51 -14.27 51.23
C MET A 185 14.83 -13.89 50.62
N MET A 186 15.57 -13.05 51.33
CA MET A 186 16.87 -12.64 50.85
C MET A 186 17.81 -12.37 52.02
N GLU A 187 19.10 -12.46 51.72
CA GLU A 187 20.10 -12.29 52.75
C GLU A 187 21.14 -11.34 52.21
N PHE A 188 21.67 -10.47 53.08
CA PHE A 188 22.69 -9.50 52.68
C PHE A 188 24.01 -9.88 53.37
N SER A 189 25.11 -9.67 52.68
CA SER A 189 26.40 -10.09 53.20
C SER A 189 26.94 -9.17 54.29
N HIS A 190 26.47 -7.92 54.32
CA HIS A 190 27.04 -6.91 55.20
C HIS A 190 25.99 -6.41 56.19
N PRO A 191 26.45 -5.86 57.34
CA PRO A 191 25.54 -5.37 58.37
C PRO A 191 24.58 -4.30 57.85
N VAL A 192 23.34 -4.42 58.30
CA VAL A 192 22.30 -3.46 57.97
C VAL A 192 22.34 -2.35 59.01
N ILE A 193 22.83 -1.18 58.63
CA ILE A 193 23.04 -0.08 59.56
C ILE A 193 21.74 0.66 59.90
N GLU A 194 20.93 0.93 58.88
CA GLU A 194 19.61 1.55 59.07
C GLU A 194 18.60 0.86 58.14
N TYR A 195 17.32 1.00 58.43
CA TYR A 195 16.31 0.26 57.69
C TYR A 195 14.95 0.91 57.95
N GLY A 196 13.98 0.58 57.11
CA GLY A 196 12.64 1.12 57.30
C GLY A 196 11.67 0.54 56.29
N THR A 197 10.39 0.86 56.46
CA THR A 197 9.39 0.33 55.57
C THR A 197 8.60 1.47 54.96
N TYR A 198 7.83 1.15 53.93
CA TYR A 198 7.03 2.14 53.22
C TYR A 198 5.75 1.41 52.87
N ASN A 199 4.61 2.07 53.08
CA ASN A 199 3.31 1.44 52.90
C ASN A 199 2.52 2.08 51.77
N GLY A 200 3.20 2.78 50.87
CA GLY A 200 2.56 3.41 49.73
C GLY A 200 2.17 4.85 50.05
N ASP A 201 2.32 5.24 51.30
CA ASP A 201 1.97 6.58 51.71
C ASP A 201 3.08 7.21 52.54
N THR A 202 3.56 6.46 53.53
CA THR A 202 4.52 6.98 54.49
C THR A 202 5.77 6.10 54.51
N LEU A 203 6.92 6.74 54.58
CA LEU A 203 8.18 6.06 54.87
C LEU A 203 8.39 6.03 56.40
N LEU A 204 8.51 4.83 56.95
CA LEU A 204 8.61 4.68 58.42
C LEU A 204 9.98 4.15 58.82
N HIS A 205 10.86 5.03 59.27
CA HIS A 205 12.20 4.60 59.67
C HIS A 205 12.20 3.68 60.90
N HIS A 206 13.12 2.71 60.94
CA HIS A 206 13.23 1.75 62.06
C HIS A 206 12.15 0.69 62.10
N GLN A 207 11.08 0.86 61.32
CA GLN A 207 10.06 -0.16 61.31
C GLN A 207 10.52 -1.37 60.48
N THR A 208 10.12 -2.56 60.88
CA THR A 208 10.64 -3.76 60.27
C THR A 208 9.52 -4.67 59.75
N ASP A 209 8.27 -4.27 59.92
CA ASP A 209 7.18 -5.14 59.50
C ASP A 209 6.11 -4.27 58.85
N VAL A 210 5.76 -4.55 57.59
CA VAL A 210 4.78 -3.74 56.90
C VAL A 210 3.86 -4.64 56.07
N ALA A 211 2.58 -4.27 55.98
CA ALA A 211 1.65 -4.95 55.09
C ALA A 211 0.65 -3.91 54.66
N ALA A 212 0.44 -3.82 53.35
CA ALA A 212 -0.51 -2.87 52.77
C ALA A 212 -0.73 -3.27 51.32
N ASP A 213 -1.52 -2.48 50.62
CA ASP A 213 -1.67 -2.68 49.18
C ASP A 213 -0.29 -2.73 48.50
N TYR A 214 0.48 -1.68 48.71
CA TYR A 214 1.82 -1.54 48.12
C TYR A 214 2.81 -1.41 49.27
N THR A 215 3.86 -2.23 49.29
CA THR A 215 4.89 -2.12 50.32
C THR A 215 6.29 -2.15 49.72
N CYS A 216 7.20 -1.41 50.35
CA CYS A 216 8.63 -1.46 50.07
C CYS A 216 9.39 -1.41 51.40
N ALA A 217 10.68 -1.74 51.33
CA ALA A 217 11.53 -1.66 52.52
C ALA A 217 12.87 -1.19 52.03
N TYR A 218 13.59 -0.49 52.90
CA TYR A 218 14.96 -0.12 52.56
C TYR A 218 15.92 -0.62 53.62
N LEU A 219 17.14 -0.87 53.17
CA LEU A 219 18.24 -1.25 54.02
C LEU A 219 19.38 -0.34 53.63
N LYS A 220 20.10 0.18 54.64
CA LYS A 220 21.25 1.05 54.40
C LYS A 220 22.52 0.34 54.87
N PHE A 221 23.59 0.44 54.09
CA PHE A 221 24.83 -0.29 54.39
C PHE A 221 26.03 0.62 54.61
N ASP A 222 27.14 0.01 55.02
CA ASP A 222 28.39 0.73 55.15
C ASP A 222 29.50 -0.19 54.68
N VAL A 223 29.35 -0.69 53.46
CA VAL A 223 30.34 -1.57 52.85
C VAL A 223 31.66 -0.83 52.73
N PRO A 224 32.77 -1.42 53.21
CA PRO A 224 34.03 -0.68 53.09
C PRO A 224 34.52 -0.57 51.64
N ALA A 225 35.26 0.49 51.34
CA ALA A 225 35.84 0.62 50.00
C ALA A 225 36.57 -0.67 49.59
N GLY A 226 36.44 -1.07 48.33
CA GLY A 226 37.08 -2.28 47.86
C GLY A 226 36.23 -3.54 48.03
N GLU A 227 35.19 -3.46 48.86
CA GLU A 227 34.33 -4.62 49.08
C GLU A 227 33.02 -4.49 48.30
N LYS A 228 32.33 -5.60 48.11
CA LYS A 228 31.06 -5.61 47.38
C LYS A 228 30.00 -6.23 48.26
N LEU A 229 28.76 -5.76 48.11
CA LEU A 229 27.63 -6.36 48.81
C LEU A 229 27.15 -7.54 47.99
N THR A 230 26.91 -8.66 48.64
CA THR A 230 26.23 -9.78 47.99
C THR A 230 24.79 -9.85 48.51
N ILE A 231 23.84 -10.08 47.61
CA ILE A 231 22.44 -10.29 48.01
C ILE A 231 22.06 -11.64 47.46
N ARG A 232 21.54 -12.50 48.33
CA ARG A 232 21.12 -13.84 47.94
C ARG A 232 19.63 -13.90 48.12
N THR A 233 18.91 -14.45 47.15
CA THR A 233 17.45 -14.47 47.25
C THR A 233 16.84 -15.73 46.60
N ALA A 234 15.71 -16.19 47.13
CA ALA A 234 14.94 -17.25 46.49
C ALA A 234 13.48 -17.07 46.88
N SER A 235 12.59 -17.71 46.14
CA SER A 235 11.16 -17.62 46.44
C SER A 235 10.50 -18.96 46.24
N SER A 236 9.26 -19.06 46.70
CA SER A 236 8.48 -20.28 46.56
C SER A 236 7.02 -19.89 46.37
N PHE A 237 6.25 -20.72 45.65
CA PHE A 237 4.80 -20.54 45.59
C PHE A 237 4.09 -21.38 46.64
N ILE A 238 4.82 -22.19 47.37
CA ILE A 238 4.23 -23.11 48.35
C ILE A 238 4.11 -22.49 49.74
N SER A 239 5.21 -21.97 50.27
CA SER A 239 5.24 -21.44 51.64
C SER A 239 6.56 -20.75 51.93
N PRO A 240 6.61 -19.94 53.01
CA PRO A 240 7.88 -19.36 53.43
C PRO A 240 8.93 -20.43 53.78
N GLU A 241 8.48 -21.53 54.40
CA GLU A 241 9.38 -22.66 54.67
C GLU A 241 9.99 -23.24 53.39
N GLN A 242 9.18 -23.39 52.34
CA GLN A 242 9.72 -23.93 51.10
C GLN A 242 10.65 -22.92 50.44
N ALA A 243 10.36 -21.63 50.60
CA ALA A 243 11.27 -20.61 50.05
C ALA A 243 12.65 -20.74 50.71
N ALA A 244 12.67 -21.09 51.99
CA ALA A 244 13.95 -21.23 52.70
C ALA A 244 14.69 -22.47 52.24
N ILE A 245 13.95 -23.55 51.99
CA ILE A 245 14.56 -24.76 51.42
C ILE A 245 15.19 -24.45 50.05
N ASN A 246 14.45 -23.77 49.18
CA ASN A 246 14.96 -23.35 47.88
C ASN A 246 16.21 -22.51 48.03
N PHE A 247 16.17 -21.54 48.95
CA PHE A 247 17.32 -20.66 49.23
C PHE A 247 18.53 -21.50 49.64
N ASN A 248 18.32 -22.43 50.57
CA ASN A 248 19.43 -23.21 51.11
C ASN A 248 20.01 -24.18 50.10
N ARG A 249 19.16 -24.71 49.25
CA ARG A 249 19.65 -25.63 48.24
C ARG A 249 20.38 -24.90 47.11
N GLU A 250 19.88 -23.72 46.71
CA GLU A 250 20.32 -23.14 45.45
C GLU A 250 21.29 -21.97 45.57
N VAL A 251 21.17 -21.15 46.61
CA VAL A 251 21.97 -19.91 46.64
C VAL A 251 22.73 -19.64 47.94
N ALA A 252 22.41 -20.37 49.00
CA ALA A 252 23.06 -20.13 50.30
C ALA A 252 24.57 -20.15 50.13
N ASP A 253 25.26 -19.17 50.73
CA ASP A 253 26.73 -19.10 50.73
C ASP A 253 27.36 -18.73 49.39
N ALA A 254 26.57 -18.56 48.34
CA ALA A 254 27.16 -18.32 47.03
C ALA A 254 27.44 -16.85 46.79
N ASP A 255 28.41 -16.57 45.92
CA ASP A 255 28.57 -15.22 45.39
C ASP A 255 28.09 -15.21 43.95
N VAL A 256 28.03 -14.04 43.29
CA VAL A 256 27.48 -13.97 41.94
C VAL A 256 28.32 -14.78 40.94
N GLN A 257 29.63 -14.82 41.16
CA GLN A 257 30.52 -15.59 40.27
C GLN A 257 30.16 -17.08 40.27
N LEU A 258 29.81 -17.62 41.43
CA LEU A 258 29.45 -19.04 41.52
C LEU A 258 28.16 -19.33 40.73
N ILE A 259 27.13 -18.52 40.97
CA ILE A 259 25.83 -18.71 40.30
C ILE A 259 25.95 -18.48 38.79
N SER A 260 26.69 -17.46 38.43
CA SER A 260 26.97 -17.17 37.03
C SER A 260 27.64 -18.38 36.31
N GLY A 261 28.73 -18.90 36.88
CA GLY A 261 29.40 -20.08 36.31
C GLY A 261 28.47 -21.28 36.18
N LYS A 262 27.66 -21.52 37.21
CA LYS A 262 26.72 -22.62 37.14
C LYS A 262 25.66 -22.42 36.03
N ALA A 263 25.11 -21.21 35.91
CA ALA A 263 24.11 -20.96 34.88
C ALA A 263 24.74 -21.04 33.48
N ARG A 264 25.98 -20.59 33.39
CA ARG A 264 26.69 -20.64 32.13
C ARG A 264 26.85 -22.11 31.70
N GLU A 265 27.23 -22.96 32.65
CA GLU A 265 27.37 -24.38 32.37
C GLU A 265 26.03 -25.00 31.97
N GLN A 266 24.94 -24.64 32.66
CA GLN A 266 23.64 -25.16 32.27
C GLN A 266 23.26 -24.74 30.85
N TRP A 267 23.42 -23.46 30.52
CA TRP A 267 23.08 -23.02 29.18
C TRP A 267 23.95 -23.73 28.13
N ASN A 268 25.25 -23.86 28.40
CA ASN A 268 26.09 -24.54 27.42
C ASN A 268 25.65 -25.99 27.23
N ASN A 269 25.26 -26.66 28.32
CA ASN A 269 24.77 -28.04 28.23
C ASN A 269 23.52 -28.16 27.35
N TYR A 270 22.51 -27.34 27.63
CA TYR A 270 21.25 -27.42 26.89
C TYR A 270 21.36 -26.86 25.47
N LEU A 271 22.03 -25.72 25.30
CA LEU A 271 22.22 -25.19 23.94
C LEU A 271 23.04 -26.18 23.12
N GLY A 272 24.00 -26.83 23.77
CA GLY A 272 24.94 -27.69 23.05
C GLY A 272 24.35 -28.99 22.54
N ARG A 273 23.09 -29.25 22.87
CA ARG A 273 22.43 -30.42 22.29
C ARG A 273 22.24 -30.29 20.78
N VAL A 274 22.31 -29.08 20.25
CA VAL A 274 22.46 -28.91 18.81
C VAL A 274 23.71 -28.08 18.50
N GLU A 275 24.65 -28.70 17.79
CA GLU A 275 25.92 -28.06 17.54
C GLU A 275 25.97 -27.57 16.10
N ALA A 276 25.96 -26.27 15.91
CA ALA A 276 26.06 -25.68 14.58
C ALA A 276 27.51 -25.32 14.26
N GLU A 277 27.97 -25.71 13.07
CA GLU A 277 29.35 -25.43 12.62
C GLU A 277 29.35 -24.92 11.17
N GLY A 278 30.27 -24.03 10.84
CA GLY A 278 30.40 -23.57 9.45
C GLY A 278 29.33 -22.53 9.14
N GLY A 279 29.41 -21.40 9.82
CA GLY A 279 28.46 -20.30 9.62
C GLY A 279 29.16 -19.03 10.09
N THR A 280 28.59 -17.87 9.79
CA THR A 280 29.17 -16.60 10.26
C THR A 280 28.88 -16.40 11.76
N ASP A 281 29.64 -15.54 12.42
CA ASP A 281 29.32 -15.19 13.82
C ASP A 281 27.88 -14.67 13.92
N GLU A 282 27.46 -13.90 12.93
CA GLU A 282 26.09 -13.36 12.98
C GLU A 282 25.03 -14.49 12.94
N GLN A 283 25.24 -15.47 12.08
CA GLN A 283 24.36 -16.64 12.02
C GLN A 283 24.35 -17.44 13.31
N LEU A 284 25.53 -17.68 13.89
CA LEU A 284 25.63 -18.40 15.15
C LEU A 284 24.89 -17.62 16.27
N ARG A 285 25.10 -16.30 16.30
CA ARG A 285 24.37 -15.49 17.29
C ARG A 285 22.85 -15.58 17.10
N THR A 286 22.41 -15.53 15.86
CA THR A 286 20.97 -15.57 15.61
C THR A 286 20.42 -16.90 16.06
N PHE A 287 21.07 -17.98 15.63
CA PHE A 287 20.64 -19.34 15.97
C PHE A 287 20.59 -19.60 17.48
N TYR A 288 21.68 -19.32 18.19
CA TYR A 288 21.70 -19.61 19.62
C TYR A 288 20.84 -18.67 20.43
N SER A 289 20.70 -17.42 19.99
CA SER A 289 19.74 -16.51 20.63
C SER A 289 18.32 -17.03 20.50
N CYS A 290 17.93 -17.46 19.30
CA CYS A 290 16.60 -18.06 19.11
C CYS A 290 16.44 -19.31 19.95
N LEU A 291 17.50 -20.12 20.05
CA LEU A 291 17.39 -21.35 20.84
C LEU A 291 17.23 -21.00 22.32
N TYR A 292 18.03 -20.04 22.81
CA TYR A 292 17.87 -19.59 24.20
C TYR A 292 16.43 -19.17 24.49
N ARG A 293 15.85 -18.39 23.57
CA ARG A 293 14.49 -17.88 23.74
C ARG A 293 13.54 -19.06 23.81
N THR A 294 13.85 -20.10 23.03
CA THR A 294 12.96 -21.26 22.97
C THR A 294 13.00 -22.12 24.23
N LEU A 295 14.10 -22.10 24.97
CA LEU A 295 14.22 -22.92 26.17
C LEU A 295 13.73 -22.27 27.48
N LEU A 296 13.13 -21.08 27.37
CA LEU A 296 12.63 -20.37 28.55
C LEU A 296 11.26 -20.85 29.02
N PHE A 297 10.32 -21.03 28.09
CA PHE A 297 8.91 -21.34 28.43
C PHE A 297 8.49 -22.66 27.80
N PRO A 298 7.50 -23.36 28.38
CA PRO A 298 6.85 -22.96 29.64
C PRO A 298 7.81 -23.17 30.81
N ARG A 299 7.59 -22.45 31.90
CA ARG A 299 8.45 -22.61 33.06
C ARG A 299 8.03 -23.79 33.94
N GLU A 300 9.02 -24.44 34.54
CA GLU A 300 8.77 -25.40 35.62
C GLU A 300 8.06 -24.64 36.74
N PHE A 301 7.02 -25.23 37.31
CA PHE A 301 6.29 -24.59 38.40
C PHE A 301 6.32 -25.49 39.65
N TYR A 302 7.24 -26.45 39.66
CA TYR A 302 7.41 -27.35 40.78
C TYR A 302 8.70 -27.03 41.52
N GLU A 303 8.81 -27.62 42.70
CA GLU A 303 9.87 -27.34 43.64
C GLU A 303 10.24 -28.66 44.29
N PHE A 304 11.38 -28.71 44.96
CA PHE A 304 11.79 -29.95 45.62
C PHE A 304 11.73 -29.77 47.11
N ASP A 305 10.90 -30.58 47.75
CA ASP A 305 10.65 -30.45 49.19
C ASP A 305 11.84 -30.90 50.04
N SER A 306 11.66 -30.96 51.36
CA SER A 306 12.79 -31.31 52.25
C SER A 306 13.31 -32.72 52.00
N GLN A 307 12.49 -33.59 51.43
CA GLN A 307 12.90 -34.95 51.11
C GLN A 307 13.47 -35.06 49.70
N GLY A 308 13.55 -33.92 49.02
CA GLY A 308 14.05 -33.91 47.65
C GLY A 308 13.03 -34.29 46.59
N ASN A 309 11.76 -34.39 46.99
CA ASN A 309 10.72 -34.82 46.05
C ASN A 309 10.00 -33.65 45.40
N PRO A 310 9.63 -33.78 44.11
CA PRO A 310 9.00 -32.67 43.38
C PRO A 310 7.59 -32.43 43.89
N VAL A 311 7.29 -31.19 44.24
CA VAL A 311 5.95 -30.80 44.66
C VAL A 311 5.62 -29.47 43.98
N TYR A 312 4.35 -29.14 43.91
CA TYR A 312 3.98 -27.85 43.36
C TYR A 312 2.71 -27.31 44.01
N TYR A 313 2.69 -25.99 44.12
CA TYR A 313 1.46 -25.25 44.37
C TYR A 313 0.67 -25.29 43.07
N SER A 314 -0.57 -25.76 43.12
CA SER A 314 -1.38 -25.77 41.91
C SER A 314 -2.01 -24.41 41.65
N PRO A 315 -1.73 -23.81 40.47
CA PRO A 315 -2.41 -22.55 40.20
C PRO A 315 -3.81 -22.82 39.69
N TYR A 316 -4.24 -24.09 39.68
CA TYR A 316 -5.60 -24.45 39.28
C TYR A 316 -6.54 -24.69 40.46
N ASP A 317 -6.03 -25.30 41.54
CA ASP A 317 -6.89 -25.55 42.70
C ASP A 317 -6.31 -25.01 44.02
N GLY A 318 -5.12 -24.43 43.96
CA GLY A 318 -4.54 -23.79 45.14
C GLY A 318 -4.01 -24.70 46.23
N ASN A 319 -4.07 -26.01 46.02
CA ASN A 319 -3.46 -26.97 46.93
C ASN A 319 -2.05 -27.36 46.48
N VAL A 320 -1.28 -27.97 47.38
CA VAL A 320 0.06 -28.46 47.05
C VAL A 320 -0.07 -29.92 46.63
N HIS A 321 0.61 -30.32 45.57
CA HIS A 321 0.52 -31.68 45.06
C HIS A 321 1.91 -32.28 44.88
N ASP A 322 1.98 -33.60 44.81
CA ASP A 322 3.21 -34.28 44.41
C ASP A 322 3.27 -34.31 42.90
N GLY A 323 4.45 -34.09 42.33
CA GLY A 323 4.61 -34.26 40.92
C GLY A 323 5.05 -32.99 40.22
N TYR A 324 4.62 -32.83 38.97
CA TYR A 324 5.10 -31.75 38.10
C TYR A 324 3.98 -30.86 37.63
N MET A 325 4.30 -29.58 37.51
CA MET A 325 3.41 -28.62 36.94
C MET A 325 4.30 -27.66 36.14
N TYR A 326 3.77 -27.17 35.01
CA TYR A 326 4.42 -26.10 34.23
C TYR A 326 3.39 -25.03 34.00
N THR A 327 3.84 -23.85 33.60
CA THR A 327 2.89 -22.84 33.21
C THR A 327 3.54 -21.75 32.36
N ASP A 328 2.79 -20.68 32.10
CA ASP A 328 3.22 -19.58 31.25
C ASP A 328 3.44 -20.00 29.82
N ASN A 329 2.34 -20.33 29.15
CA ASN A 329 2.42 -20.79 27.78
C ASN A 329 1.10 -20.57 27.12
N GLY A 330 1.12 -20.08 25.87
CA GLY A 330 -0.04 -20.14 24.99
C GLY A 330 0.16 -21.23 23.94
N PHE A 331 -0.49 -22.36 24.14
CA PHE A 331 -0.32 -23.48 23.24
C PHE A 331 -0.68 -23.13 21.80
N TRP A 332 -1.60 -22.18 21.61
CA TRP A 332 -1.97 -21.73 20.27
C TRP A 332 -0.72 -21.32 19.50
N ASP A 333 0.23 -20.77 20.23
CA ASP A 333 1.51 -20.39 19.62
CA ASP A 333 1.48 -20.40 19.60
C ASP A 333 2.51 -21.54 19.65
N THR A 334 2.67 -22.13 20.83
CA THR A 334 3.83 -23.01 21.06
C THR A 334 3.66 -24.46 20.55
N PHE A 335 2.46 -24.88 20.15
CA PHE A 335 2.31 -26.25 19.62
C PHE A 335 3.02 -26.42 18.28
N ARG A 336 3.19 -25.31 17.56
CA ARG A 336 3.62 -25.35 16.15
C ARG A 336 5.07 -25.80 16.00
N ALA A 337 5.97 -25.30 16.85
CA ALA A 337 7.39 -25.64 16.70
C ALA A 337 8.14 -25.75 18.02
N VAL A 338 7.74 -24.98 19.02
CA VAL A 338 8.45 -24.97 20.31
C VAL A 338 8.34 -26.36 20.99
N HIS A 339 7.13 -26.85 21.19
CA HIS A 339 7.01 -28.17 21.81
C HIS A 339 7.55 -29.29 20.95
N PRO A 340 7.32 -29.22 19.61
CA PRO A 340 7.99 -30.22 18.78
C PRO A 340 9.50 -30.22 18.93
N LEU A 341 10.12 -29.04 19.06
CA LEU A 341 11.56 -29.02 19.32
C LEU A 341 11.87 -29.77 20.62
N PHE A 342 11.07 -29.55 21.67
CA PHE A 342 11.29 -30.29 22.91
C PHE A 342 11.18 -31.81 22.67
N THR A 343 10.16 -32.26 21.94
CA THR A 343 9.99 -33.70 21.77
C THR A 343 11.21 -34.32 21.12
N LEU A 344 11.96 -33.52 20.35
CA LEU A 344 13.12 -34.05 19.62
C LEU A 344 14.40 -33.96 20.46
N LEU A 345 14.71 -32.74 20.88
CA LEU A 345 16.00 -32.47 21.53
C LEU A 345 15.95 -32.44 23.07
N TYR A 346 14.77 -32.21 23.64
CA TYR A 346 14.59 -32.10 25.08
C TYR A 346 13.38 -32.91 25.56
N PRO A 347 13.34 -34.22 25.21
CA PRO A 347 12.09 -34.96 25.45
C PRO A 347 11.82 -35.18 26.94
N GLU A 348 12.85 -35.04 27.79
CA GLU A 348 12.61 -35.15 29.23
C GLU A 348 11.70 -34.01 29.67
N VAL A 349 11.76 -32.90 28.95
CA VAL A 349 10.86 -31.79 29.25
C VAL A 349 9.43 -32.12 28.83
N SER A 350 9.26 -32.63 27.61
CA SER A 350 7.92 -33.00 27.14
C SER A 350 7.29 -34.08 28.01
N GLU A 351 8.13 -34.99 28.53
CA GLU A 351 7.62 -36.02 29.45
C GLU A 351 6.88 -35.38 30.64
N ARG A 352 7.45 -34.31 31.19
CA ARG A 352 6.86 -33.64 32.37
C ARG A 352 5.74 -32.66 31.97
N VAL A 353 5.91 -31.99 30.84
CA VAL A 353 4.90 -31.05 30.34
C VAL A 353 3.59 -31.77 30.04
N THR A 354 3.69 -32.94 29.41
CA THR A 354 2.46 -33.68 29.08
C THR A 354 1.76 -34.14 30.34
N GLN A 355 2.51 -34.65 31.32
CA GLN A 355 1.92 -34.97 32.62
C GLN A 355 1.24 -33.76 33.27
N SER A 356 1.84 -32.59 33.16
CA SER A 356 1.30 -31.39 33.80
CA SER A 356 1.31 -31.38 33.79
C SER A 356 -0.02 -30.93 33.17
N ILE A 357 -0.20 -31.20 31.88
CA ILE A 357 -1.45 -30.88 31.21
C ILE A 357 -2.57 -31.71 31.81
N ILE A 358 -2.30 -33.00 32.01
CA ILE A 358 -3.30 -33.89 32.64
C ILE A 358 -3.55 -33.46 34.09
N ASN A 359 -2.49 -33.09 34.81
CA ASN A 359 -2.67 -32.63 36.18
C ASN A 359 -3.58 -31.40 36.22
N ALA A 360 -3.37 -30.44 35.31
CA ALA A 360 -4.21 -29.24 35.27
C ALA A 360 -5.65 -29.65 35.01
N TYR A 361 -5.82 -30.61 34.10
CA TYR A 361 -7.16 -31.15 33.82
C TYR A 361 -7.79 -31.77 35.07
N ASN A 362 -7.00 -32.54 35.82
CA ASN A 362 -7.54 -33.17 37.03
C ASN A 362 -7.91 -32.10 38.07
N GLU A 363 -7.09 -31.05 38.15
CA GLU A 363 -7.27 -30.00 39.15
C GLU A 363 -8.34 -28.96 38.78
N SER A 364 -8.71 -28.85 37.51
CA SER A 364 -9.61 -27.77 37.08
C SER A 364 -10.80 -28.21 36.22
N GLY A 365 -10.74 -29.40 35.66
CA GLY A 365 -11.81 -29.85 34.76
C GLY A 365 -11.52 -29.64 33.28
N PHE A 366 -10.53 -28.79 32.98
CA PHE A 366 -10.15 -28.53 31.59
C PHE A 366 -8.63 -28.57 31.44
N MET A 367 -8.17 -28.97 30.27
CA MET A 367 -6.76 -28.77 29.94
C MET A 367 -6.52 -27.30 29.66
N PRO A 368 -5.33 -26.79 29.99
CA PRO A 368 -5.08 -25.38 29.70
C PRO A 368 -4.84 -25.14 28.21
N GLU A 369 -5.06 -23.90 27.76
CA GLU A 369 -4.73 -23.49 26.41
C GLU A 369 -3.77 -22.30 26.52
N TRP A 370 -4.21 -21.22 27.17
CA TRP A 370 -3.29 -20.18 27.67
C TRP A 370 -3.31 -20.25 29.20
N ALA A 371 -2.14 -20.40 29.81
CA ALA A 371 -2.01 -20.49 31.26
C ALA A 371 -0.98 -19.47 31.74
N SER A 372 -1.34 -18.73 32.79
CA SER A 372 -0.39 -17.80 33.42
C SER A 372 -0.95 -17.22 34.73
N PRO A 373 -0.77 -17.94 35.85
CA PRO A 373 -0.22 -19.29 35.92
C PRO A 373 -1.32 -20.33 35.76
N GLY A 374 -2.56 -19.94 36.04
CA GLY A 374 -3.71 -20.78 35.81
C GLY A 374 -4.40 -20.35 34.53
N HIS A 375 -5.64 -20.79 34.36
CA HIS A 375 -6.38 -20.50 33.12
C HIS A 375 -6.54 -19.00 32.90
N ARG A 376 -6.16 -18.56 31.70
CA ARG A 376 -6.32 -17.16 31.27
C ARG A 376 -7.05 -17.12 29.93
N GLY A 377 -7.94 -16.16 29.77
CA GLY A 377 -8.73 -16.04 28.53
C GLY A 377 -7.92 -15.37 27.43
N CYS A 378 -7.45 -16.14 26.46
CA CYS A 378 -6.57 -15.56 25.42
C CYS A 378 -6.46 -16.54 24.26
N MET A 379 -6.56 -16.02 23.03
CA MET A 379 -6.41 -16.83 21.80
C MET A 379 -7.48 -17.93 21.68
N ILE A 380 -7.19 -18.93 20.86
CA ILE A 380 -8.22 -19.89 20.45
C ILE A 380 -7.63 -21.29 20.30
N GLY A 381 -8.50 -22.25 20.01
CA GLY A 381 -8.06 -23.58 19.62
C GLY A 381 -8.04 -24.61 20.74
N ASN A 382 -7.70 -25.86 20.39
CA ASN A 382 -7.57 -26.93 21.36
C ASN A 382 -6.19 -27.54 21.19
N ASN A 383 -5.18 -26.68 21.13
CA ASN A 383 -3.85 -27.19 20.83
C ASN A 383 -3.15 -27.89 22.00
N SER A 384 -3.75 -27.82 23.19
CA SER A 384 -3.35 -28.73 24.26
C SER A 384 -3.30 -30.17 23.72
N VAL A 385 -4.27 -30.51 22.88
CA VAL A 385 -4.36 -31.85 22.32
C VAL A 385 -3.12 -32.16 21.47
N SER A 386 -2.69 -31.17 20.71
CA SER A 386 -1.52 -31.35 19.85
C SER A 386 -0.27 -31.71 20.66
N LEU A 387 -0.03 -31.00 21.75
CA LEU A 387 1.15 -31.32 22.59
C LEU A 387 1.11 -32.78 23.07
N LEU A 388 -0.05 -33.21 23.52
CA LEU A 388 -0.17 -34.59 23.98
C LEU A 388 0.03 -35.60 22.83
N VAL A 389 -0.62 -35.35 21.71
CA VAL A 389 -0.60 -36.36 20.63
C VAL A 389 0.74 -36.36 19.87
N ASP A 390 1.28 -35.17 19.62
CA ASP A 390 2.57 -35.10 18.96
C ASP A 390 3.60 -35.89 19.77
N ALA A 391 3.59 -35.69 21.10
CA ALA A 391 4.53 -36.40 21.98
C ALA A 391 4.27 -37.89 21.92
N TRP A 392 3.00 -38.27 22.02
CA TRP A 392 2.63 -39.68 22.06
C TRP A 392 3.14 -40.40 20.81
N MET A 393 3.00 -39.76 19.65
CA MET A 393 3.34 -40.42 18.40
C MET A 393 4.84 -40.51 18.20
N LYS A 394 5.59 -39.83 19.07
CA LYS A 394 7.02 -39.84 19.06
C LYS A 394 7.56 -40.69 20.21
N GLY A 395 6.67 -41.44 20.86
CA GLY A 395 7.10 -42.40 21.88
C GLY A 395 7.25 -41.79 23.27
N ILE A 396 6.77 -40.55 23.43
CA ILE A 396 6.75 -39.90 24.73
C ILE A 396 5.37 -40.14 25.30
N GLN A 397 5.32 -41.08 26.25
CA GLN A 397 4.05 -41.63 26.71
C GLN A 397 4.05 -41.76 28.22
N THR A 398 3.98 -40.62 28.91
CA THR A 398 4.01 -40.60 30.36
C THR A 398 2.62 -40.50 30.96
N VAL A 399 1.66 -40.04 30.18
CA VAL A 399 0.28 -39.96 30.65
C VAL A 399 -0.44 -41.29 30.43
N ASP A 400 -1.51 -41.50 31.18
CA ASP A 400 -2.37 -42.64 30.97
C ASP A 400 -3.23 -42.42 29.72
N ALA A 401 -3.20 -43.39 28.81
CA ALA A 401 -3.89 -43.27 27.53
C ALA A 401 -5.38 -42.95 27.68
N GLU A 402 -6.06 -43.69 28.54
CA GLU A 402 -7.51 -43.53 28.69
C GLU A 402 -7.87 -42.20 29.32
N LYS A 403 -7.09 -41.78 30.32
CA LYS A 403 -7.32 -40.49 30.96
C LYS A 403 -7.04 -39.36 29.96
N ALA A 404 -5.96 -39.50 29.19
CA ALA A 404 -5.65 -38.47 28.19
C ALA A 404 -6.77 -38.38 27.15
N LEU A 405 -7.25 -39.52 26.67
CA LEU A 405 -8.33 -39.50 25.68
C LEU A 405 -9.59 -38.81 26.24
N GLU A 406 -9.90 -39.10 27.51
CA GLU A 406 -11.09 -38.53 28.15
C GLU A 406 -10.97 -37.01 28.20
N ALA A 407 -9.78 -36.55 28.60
CA ALA A 407 -9.50 -35.12 28.69
C ALA A 407 -9.62 -34.45 27.32
N MET A 408 -9.10 -35.10 26.28
CA MET A 408 -9.12 -34.56 24.91
C MET A 408 -10.55 -34.42 24.43
N ILE A 409 -11.33 -35.48 24.57
CA ILE A 409 -12.71 -35.45 24.16
C ILE A 409 -13.49 -34.37 24.91
N HIS A 410 -13.26 -34.26 26.22
CA HIS A 410 -13.99 -33.27 27.03
C HIS A 410 -13.65 -31.84 26.57
N GLN A 411 -12.39 -31.63 26.21
CA GLN A 411 -11.95 -30.33 25.73
C GLN A 411 -12.73 -29.90 24.47
N THR A 412 -13.23 -30.87 23.71
CA THR A 412 -13.94 -30.57 22.48
C THR A 412 -15.46 -30.62 22.68
N GLN A 413 -15.91 -31.05 23.85
CA GLN A 413 -17.35 -31.26 24.09
C GLN A 413 -17.87 -30.43 25.25
N ALA A 414 -17.08 -29.45 25.67
CA ALA A 414 -17.46 -28.54 26.74
C ALA A 414 -16.65 -27.26 26.62
N ARG A 415 -17.08 -26.22 27.33
CA ARG A 415 -16.37 -24.96 27.39
C ARG A 415 -16.52 -24.40 28.78
N HIS A 416 -15.47 -23.74 29.26
CA HIS A 416 -15.53 -23.06 30.55
C HIS A 416 -16.68 -22.05 30.55
N ALA A 417 -17.36 -21.93 31.69
CA ALA A 417 -18.51 -21.04 31.79
C ALA A 417 -18.17 -19.58 31.55
N GLU A 418 -16.97 -19.15 31.96
CA GLU A 418 -16.58 -17.75 31.87
C GLU A 418 -15.49 -17.48 30.83
N ILE A 419 -14.62 -18.44 30.60
CA ILE A 419 -13.43 -18.18 29.80
C ILE A 419 -13.51 -18.89 28.44
N ALA A 420 -13.65 -18.12 27.37
CA ALA A 420 -14.02 -18.72 26.09
C ALA A 420 -12.93 -19.61 25.52
N SER A 421 -11.66 -19.32 25.83
CA SER A 421 -10.54 -20.08 25.29
C SER A 421 -10.29 -21.41 26.03
N VAL A 422 -11.07 -21.69 27.06
CA VAL A 422 -10.87 -22.93 27.85
C VAL A 422 -11.94 -23.94 27.47
N GLY A 423 -11.53 -25.05 26.87
CA GLY A 423 -12.47 -25.96 26.23
C GLY A 423 -12.69 -25.48 24.79
N ARG A 424 -13.90 -25.68 24.25
CA ARG A 424 -14.15 -25.40 22.84
C ARG A 424 -15.30 -24.43 22.63
N ASP A 425 -14.97 -23.16 22.44
CA ASP A 425 -16.01 -22.16 22.19
C ASP A 425 -16.74 -22.52 20.88
N GLY A 426 -18.06 -22.56 20.95
CA GLY A 426 -18.87 -22.88 19.78
C GLY A 426 -19.01 -24.37 19.46
N PHE A 427 -18.74 -25.25 20.41
CA PHE A 427 -18.69 -26.68 20.09
C PHE A 427 -20.05 -27.21 19.65
N GLU A 428 -21.12 -26.65 20.21
CA GLU A 428 -22.45 -27.13 19.87
C GLU A 428 -22.75 -26.85 18.40
N TYR A 429 -22.51 -25.62 17.95
CA TYR A 429 -22.67 -25.29 16.53
C TYR A 429 -21.77 -26.16 15.66
N TYR A 430 -20.50 -26.25 16.04
CA TYR A 430 -19.53 -26.99 15.22
C TYR A 430 -19.96 -28.44 15.02
N ASP A 431 -20.43 -29.08 16.08
CA ASP A 431 -20.86 -30.48 16.01
C ASP A 431 -22.10 -30.61 15.12
N LYS A 432 -22.99 -29.63 15.19
CA LYS A 432 -24.23 -29.69 14.42
C LYS A 432 -24.03 -29.32 12.95
N LEU A 433 -23.23 -28.29 12.71
CA LEU A 433 -23.17 -27.67 11.39
C LEU A 433 -21.95 -28.06 10.58
N GLY A 434 -20.89 -28.52 11.24
CA GLY A 434 -19.63 -28.80 10.55
C GLY A 434 -18.69 -27.61 10.52
N TYR A 435 -19.09 -26.53 11.18
CA TYR A 435 -18.25 -25.32 11.27
C TYR A 435 -18.82 -24.45 12.37
N VAL A 436 -18.02 -23.50 12.85
CA VAL A 436 -18.49 -22.51 13.81
C VAL A 436 -18.98 -21.27 13.04
N PRO A 437 -20.21 -20.81 13.34
CA PRO A 437 -20.78 -19.72 12.55
C PRO A 437 -20.45 -18.33 13.11
N TYR A 438 -20.32 -17.36 12.19
CA TYR A 438 -20.11 -15.95 12.53
C TYR A 438 -21.31 -15.20 11.91
N PRO A 439 -21.84 -14.16 12.59
CA PRO A 439 -21.32 -13.45 13.76
C PRO A 439 -21.74 -14.09 15.09
N GLU A 440 -22.37 -15.25 15.06
CA GLU A 440 -22.77 -15.94 16.30
C GLU A 440 -21.61 -16.16 17.27
N VAL A 441 -20.43 -16.48 16.74
CA VAL A 441 -19.26 -16.71 17.58
C VAL A 441 -18.10 -15.89 17.03
N PRO A 442 -17.46 -15.07 17.87
CA PRO A 442 -16.29 -14.30 17.43
C PRO A 442 -15.19 -15.22 16.87
N GLU A 443 -14.53 -14.79 15.80
CA GLU A 443 -13.38 -15.51 15.28
C GLU A 443 -13.70 -16.94 14.82
N ALA A 444 -14.92 -17.13 14.34
CA ALA A 444 -15.48 -18.45 14.07
C ALA A 444 -14.70 -19.27 13.04
N THR A 445 -14.20 -18.63 12.00
CA THR A 445 -13.57 -19.38 10.94
C THR A 445 -12.19 -19.87 11.41
N ALA A 446 -11.43 -18.96 12.04
CA ALA A 446 -10.14 -19.37 12.61
C ALA A 446 -10.36 -20.50 13.63
N LYS A 447 -11.42 -20.39 14.45
CA LYS A 447 -11.71 -21.48 15.39
C LYS A 447 -12.02 -22.81 14.67
N THR A 448 -12.89 -22.76 13.66
CA THR A 448 -13.23 -23.96 12.91
C THR A 448 -11.96 -24.63 12.39
N LEU A 449 -11.07 -23.83 11.82
CA LEU A 449 -9.83 -24.39 11.27
C LEU A 449 -8.93 -25.01 12.35
N GLU A 450 -8.81 -24.35 13.49
CA GLU A 450 -8.04 -24.92 14.60
C GLU A 450 -8.70 -26.21 15.10
N TYR A 451 -10.03 -26.23 15.13
CA TYR A 451 -10.74 -27.40 15.66
C TYR A 451 -10.65 -28.63 14.73
N ALA A 452 -10.71 -28.41 13.43
CA ALA A 452 -10.58 -29.54 12.48
C ALA A 452 -9.22 -30.23 12.67
N TYR A 453 -8.19 -29.44 12.94
CA TYR A 453 -6.86 -29.96 13.24
C TYR A 453 -6.82 -30.73 14.57
N ALA A 454 -7.40 -30.16 15.62
CA ALA A 454 -7.40 -30.82 16.91
C ALA A 454 -8.19 -32.12 16.81
N ASP A 455 -9.27 -32.10 16.04
CA ASP A 455 -10.06 -33.31 15.89
C ASP A 455 -9.27 -34.39 15.14
N TRP A 456 -8.51 -33.98 14.13
CA TRP A 456 -7.60 -34.92 13.45
C TRP A 456 -6.62 -35.50 14.48
N CYS A 457 -6.05 -34.66 15.36
CA CYS A 457 -5.11 -35.20 16.39
C CYS A 457 -5.79 -36.24 17.27
N ILE A 458 -7.04 -35.96 17.69
CA ILE A 458 -7.75 -36.90 18.57
C ILE A 458 -8.04 -38.20 17.83
N ALA A 459 -8.38 -38.10 16.54
CA ALA A 459 -8.62 -39.31 15.76
C ALA A 459 -7.34 -40.17 15.70
N ARG A 460 -6.22 -39.51 15.44
CA ARG A 460 -4.94 -40.21 15.36
C ARG A 460 -4.66 -40.92 16.68
N PHE A 461 -4.87 -40.21 17.79
CA PHE A 461 -4.64 -40.73 19.13
C PHE A 461 -5.51 -41.94 19.40
N ALA A 462 -6.82 -41.80 19.17
CA ALA A 462 -7.73 -42.90 19.42
C ALA A 462 -7.34 -44.11 18.56
N GLU A 463 -7.01 -43.86 17.30
CA GLU A 463 -6.67 -44.96 16.39
C GLU A 463 -5.48 -45.75 16.91
N SER A 464 -4.47 -45.04 17.43
CA SER A 464 -3.26 -45.68 17.96
C SER A 464 -3.53 -46.50 19.22
N LEU A 465 -4.66 -46.28 19.89
CA LEU A 465 -5.04 -47.08 21.07
C LEU A 465 -5.89 -48.28 20.67
N GLY A 466 -6.27 -48.37 19.40
CA GLY A 466 -7.15 -49.43 18.92
C GLY A 466 -8.61 -49.06 19.09
N LYS A 467 -8.89 -47.80 19.45
CA LYS A 467 -10.28 -47.36 19.58
C LYS A 467 -10.83 -46.81 18.26
N GLN A 468 -11.07 -47.71 17.32
CA GLN A 468 -11.39 -47.34 15.94
C GLN A 468 -12.72 -46.60 15.78
N ASP A 469 -13.72 -46.92 16.58
CA ASP A 469 -15.00 -46.23 16.50
C ASP A 469 -14.84 -44.75 16.84
N ILE A 470 -14.17 -44.48 17.95
CA ILE A 470 -13.88 -43.10 18.33
C ILE A 470 -12.99 -42.42 17.29
N ALA A 471 -11.99 -43.15 16.78
CA ALA A 471 -11.13 -42.59 15.72
C ALA A 471 -11.96 -42.18 14.50
N ASP A 472 -12.83 -43.06 14.03
CA ASP A 472 -13.67 -42.74 12.88
C ASP A 472 -14.62 -41.56 13.18
N GLN A 473 -15.14 -41.46 14.39
CA GLN A 473 -15.95 -40.29 14.75
C GLN A 473 -15.17 -38.98 14.53
N TYR A 474 -13.90 -39.01 14.91
CA TYR A 474 -13.10 -37.80 14.86
C TYR A 474 -12.51 -37.54 13.47
N TYR A 475 -12.15 -38.61 12.76
CA TYR A 475 -11.70 -38.47 11.39
C TYR A 475 -12.80 -37.83 10.52
N GLN A 476 -14.04 -38.07 10.88
CA GLN A 476 -15.16 -37.45 10.17
C GLN A 476 -15.14 -35.92 10.28
N LYS A 477 -14.47 -35.39 11.30
CA LYS A 477 -14.42 -33.94 11.48
C LYS A 477 -13.14 -33.30 10.92
N ALA A 478 -12.13 -34.13 10.68
CA ALA A 478 -10.84 -33.67 10.16
C ALA A 478 -10.97 -32.82 8.90
N PRO A 479 -11.91 -33.17 7.99
CA PRO A 479 -12.09 -32.36 6.79
C PRO A 479 -13.04 -31.16 6.95
N ASN A 480 -13.38 -30.77 8.18
CA ASN A 480 -14.35 -29.71 8.38
C ASN A 480 -13.84 -28.38 7.82
N TYR A 481 -12.53 -28.25 7.62
CA TYR A 481 -11.99 -27.05 6.96
C TYR A 481 -12.67 -26.81 5.61
N ARG A 482 -13.05 -27.89 4.94
CA ARG A 482 -13.68 -27.76 3.63
C ARG A 482 -15.01 -27.00 3.68
N ASN A 483 -15.64 -26.98 4.84
CA ASN A 483 -16.96 -26.44 4.96
C ASN A 483 -16.96 -24.91 4.90
N LEU A 484 -15.77 -24.30 5.01
CA LEU A 484 -15.68 -22.84 4.95
C LEU A 484 -14.92 -22.30 3.73
N TYR A 485 -14.48 -23.20 2.87
CA TYR A 485 -13.84 -22.78 1.62
C TYR A 485 -14.92 -22.28 0.64
N TYR A 486 -14.78 -21.03 0.23
CA TYR A 486 -15.81 -20.35 -0.59
C TYR A 486 -15.44 -20.57 -2.05
N PRO A 487 -16.09 -21.54 -2.74
CA PRO A 487 -15.55 -21.93 -4.04
C PRO A 487 -15.52 -20.81 -5.06
N GLU A 488 -16.56 -19.98 -5.11
CA GLU A 488 -16.59 -18.84 -6.05
C GLU A 488 -15.41 -17.90 -5.87
N HIS A 489 -14.85 -17.83 -4.67
CA HIS A 489 -13.79 -16.88 -4.39
C HIS A 489 -12.41 -17.51 -4.18
N GLY A 490 -12.37 -18.80 -3.84
CA GLY A 490 -11.11 -19.53 -3.72
C GLY A 490 -10.36 -19.25 -2.42
N PHE A 491 -11.10 -18.88 -1.39
CA PHE A 491 -10.52 -18.59 -0.07
C PHE A 491 -11.45 -19.08 1.04
N MET A 492 -10.91 -19.23 2.25
CA MET A 492 -11.75 -19.50 3.41
C MET A 492 -12.56 -18.25 3.71
N TRP A 493 -13.81 -18.43 4.13
CA TRP A 493 -14.67 -17.29 4.48
C TRP A 493 -15.50 -17.74 5.69
N THR A 494 -16.73 -17.23 5.82
CA THR A 494 -17.53 -17.53 7.00
C THR A 494 -19.00 -17.61 6.62
N LYS A 495 -19.77 -18.37 7.40
CA LYS A 495 -21.22 -18.48 7.23
C LYS A 495 -21.90 -18.24 8.58
N ASP A 496 -23.13 -17.74 8.56
CA ASP A 496 -23.92 -17.67 9.80
C ASP A 496 -24.51 -19.03 10.14
N ALA A 497 -25.31 -19.11 11.20
CA ALA A 497 -25.85 -20.40 11.64
C ALA A 497 -26.86 -20.99 10.64
N LYS A 498 -27.34 -20.16 9.72
CA LYS A 498 -28.28 -20.63 8.71
C LYS A 498 -27.59 -21.01 7.40
N GLY A 499 -26.27 -20.89 7.35
CA GLY A 499 -25.53 -21.34 6.16
C GLY A 499 -25.30 -20.26 5.13
N ASN A 500 -25.68 -19.03 5.44
CA ASN A 500 -25.49 -17.89 4.54
C ASN A 500 -24.04 -17.39 4.61
N TRP A 501 -23.36 -17.31 3.47
CA TRP A 501 -22.02 -16.70 3.45
C TRP A 501 -22.10 -15.22 3.84
N ARG A 502 -21.12 -14.74 4.60
CA ARG A 502 -21.06 -13.33 4.95
C ARG A 502 -20.97 -12.48 3.66
N ASP A 503 -21.66 -11.34 3.64
CA ASP A 503 -21.69 -10.46 2.47
C ASP A 503 -20.29 -9.95 2.13
N ARG A 504 -20.09 -9.59 0.86
CA ARG A 504 -18.94 -8.78 0.42
C ARG A 504 -17.61 -9.41 0.75
N PHE A 505 -17.33 -10.53 0.08
CA PHE A 505 -16.09 -11.24 0.30
C PHE A 505 -14.90 -10.32 0.14
N ASP A 506 -13.92 -10.42 1.04
CA ASP A 506 -12.72 -9.62 0.94
C ASP A 506 -11.56 -10.42 1.56
N ALA A 507 -10.67 -10.91 0.72
CA ALA A 507 -9.60 -11.78 1.17
C ALA A 507 -8.63 -11.08 2.13
N THR A 508 -8.64 -9.76 2.15
CA THR A 508 -7.63 -9.00 2.90
C THR A 508 -8.19 -8.43 4.19
N GLU A 509 -9.47 -8.69 4.46
CA GLU A 509 -10.12 -8.08 5.62
C GLU A 509 -9.83 -8.81 6.94
N TRP A 510 -9.23 -8.10 7.90
CA TRP A 510 -8.88 -8.66 9.19
C TRP A 510 -10.08 -8.75 10.11
N GLY A 511 -9.97 -9.56 11.14
CA GLY A 511 -10.92 -9.53 12.24
C GLY A 511 -12.14 -10.33 11.88
N GLY A 512 -13.24 -10.07 12.59
CA GLY A 512 -14.50 -10.75 12.34
C GLY A 512 -14.35 -12.25 12.63
N PRO A 513 -14.56 -13.08 11.59
CA PRO A 513 -14.43 -14.53 11.73
C PRO A 513 -12.97 -14.99 11.79
N PHE A 514 -12.04 -14.06 11.61
CA PHE A 514 -10.62 -14.41 11.67
C PHE A 514 -9.96 -13.86 12.91
N THR A 515 -8.82 -14.45 13.24
CA THR A 515 -8.03 -14.15 14.42
C THR A 515 -6.65 -13.67 13.97
N GLU A 516 -6.30 -12.43 14.28
CA GLU A 516 -4.94 -11.96 14.03
C GLU A 516 -4.51 -12.09 12.56
N GLY A 517 -5.45 -11.91 11.65
CA GLY A 517 -5.16 -12.23 10.26
C GLY A 517 -6.41 -12.10 9.45
N SER A 518 -6.30 -12.43 8.17
CA SER A 518 -7.40 -12.34 7.23
C SER A 518 -7.47 -13.68 6.51
N SER A 519 -8.41 -13.80 5.57
CA SER A 519 -8.52 -15.04 4.80
C SER A 519 -7.21 -15.35 4.07
N TRP A 520 -6.49 -14.31 3.70
CA TRP A 520 -5.22 -14.46 2.98
C TRP A 520 -4.28 -15.36 3.75
N HIS A 521 -4.31 -15.26 5.09
CA HIS A 521 -3.47 -16.09 5.95
C HIS A 521 -4.14 -17.40 6.31
N TRP A 522 -5.38 -17.32 6.78
CA TRP A 522 -6.09 -18.45 7.37
C TRP A 522 -6.45 -19.56 6.37
N THR A 523 -6.48 -19.22 5.08
CA THR A 523 -6.75 -20.21 4.06
C THR A 523 -5.69 -21.33 4.05
N TRP A 524 -4.49 -21.03 4.54
CA TRP A 524 -3.40 -22.03 4.57
C TRP A 524 -3.41 -22.92 5.80
N SER A 525 -4.34 -22.66 6.72
CA SER A 525 -4.32 -23.37 8.01
C SER A 525 -4.92 -24.77 7.90
N VAL A 526 -4.28 -25.61 7.09
CA VAL A 526 -4.71 -26.99 6.91
C VAL A 526 -3.46 -27.87 6.87
N PHE A 527 -2.72 -27.90 7.96
CA PHE A 527 -1.45 -28.61 7.92
C PHE A 527 -1.56 -30.13 8.07
N HIS A 528 -2.72 -30.62 8.49
CA HIS A 528 -2.98 -32.05 8.50
C HIS A 528 -3.43 -32.57 7.13
N ASP A 529 -3.64 -31.66 6.18
CA ASP A 529 -4.14 -32.09 4.86
C ASP A 529 -3.77 -31.14 3.71
N PRO A 530 -2.46 -30.91 3.48
CA PRO A 530 -2.09 -30.06 2.34
C PRO A 530 -2.68 -30.58 1.01
N GLU A 531 -2.74 -31.90 0.82
CA GLU A 531 -3.27 -32.44 -0.42
C GLU A 531 -4.76 -32.08 -0.56
N GLY A 532 -5.50 -32.18 0.55
CA GLY A 532 -6.91 -31.80 0.50
C GLY A 532 -7.09 -30.31 0.24
N LEU A 533 -6.19 -29.49 0.79
CA LEU A 533 -6.26 -28.07 0.49
C LEU A 533 -5.99 -27.81 -1.00
N SER A 534 -4.99 -28.49 -1.57
CA SER A 534 -4.71 -28.29 -2.98
C SER A 534 -5.91 -28.72 -3.81
N GLU A 535 -6.63 -29.74 -3.37
CA GLU A 535 -7.85 -30.15 -4.07
C GLU A 535 -8.87 -29.02 -4.11
N LEU A 536 -9.07 -28.38 -2.96
CA LEU A 536 -9.95 -27.23 -2.91
C LEU A 536 -9.49 -26.17 -3.91
N MET A 537 -8.18 -25.94 -3.97
CA MET A 537 -7.63 -24.86 -4.80
C MET A 537 -7.60 -25.22 -6.29
N GLY A 538 -7.92 -26.46 -6.62
CA GLY A 538 -7.95 -26.89 -8.01
C GLY A 538 -6.74 -27.69 -8.44
N GLY A 539 -5.83 -28.00 -7.52
CA GLY A 539 -4.73 -28.93 -7.81
C GLY A 539 -3.38 -28.39 -7.39
N HIS A 540 -2.33 -29.19 -7.59
CA HIS A 540 -0.99 -28.76 -7.22
C HIS A 540 -0.60 -27.47 -7.94
N GLU A 541 -0.94 -27.38 -9.22
CA GLU A 541 -0.58 -26.20 -10.03
C GLU A 541 -1.10 -24.88 -9.47
N PRO A 542 -2.41 -24.80 -9.22
CA PRO A 542 -2.98 -23.58 -8.66
C PRO A 542 -2.46 -23.29 -7.25
N MET A 543 -2.16 -24.33 -6.48
CA MET A 543 -1.64 -24.11 -5.14
C MET A 543 -0.23 -23.55 -5.17
N ILE A 544 0.61 -24.09 -6.05
CA ILE A 544 1.95 -23.58 -6.24
C ILE A 544 1.92 -22.11 -6.64
N ALA A 545 0.97 -21.75 -7.50
CA ALA A 545 0.85 -20.37 -7.97
C ALA A 545 0.48 -19.44 -6.84
N ARG A 546 -0.39 -19.91 -5.95
CA ARG A 546 -0.81 -19.09 -4.83
C ARG A 546 0.28 -18.91 -3.79
N LEU A 547 1.10 -19.95 -3.61
CA LEU A 547 2.26 -19.84 -2.74
C LEU A 547 3.22 -18.84 -3.36
N ASP A 548 3.43 -18.97 -4.66
CA ASP A 548 4.29 -18.05 -5.39
C ASP A 548 3.80 -16.60 -5.23
N SER A 549 2.48 -16.40 -5.20
CA SER A 549 1.92 -15.06 -5.04
C SER A 549 2.10 -14.50 -3.62
N MET A 550 2.66 -15.32 -2.74
CA MET A 550 2.98 -14.84 -1.40
C MET A 550 4.45 -14.45 -1.29
N PHE A 551 5.32 -15.20 -1.95
CA PHE A 551 6.77 -15.00 -1.81
C PHE A 551 7.44 -14.38 -3.03
N VAL A 552 6.65 -13.85 -3.96
CA VAL A 552 7.16 -13.36 -5.23
C VAL A 552 8.31 -12.34 -5.11
N ALA A 553 9.24 -12.40 -6.06
CA ALA A 553 10.33 -11.43 -6.13
C ALA A 553 9.81 -10.02 -6.40
N PRO A 554 10.60 -9.00 -6.03
CA PRO A 554 10.21 -7.63 -6.33
C PRO A 554 10.27 -7.35 -7.83
N ASN A 555 9.40 -6.45 -8.31
CA ASN A 555 9.44 -6.04 -9.70
C ASN A 555 10.26 -4.76 -9.83
N THR A 556 11.31 -4.80 -10.64
CA THR A 556 12.16 -3.62 -10.79
C THR A 556 12.05 -3.00 -12.18
N TYR A 557 11.15 -3.54 -12.99
CA TYR A 557 10.91 -3.01 -14.34
C TYR A 557 12.23 -2.84 -15.09
N ASN A 558 12.56 -1.61 -15.46
CA ASN A 558 13.85 -1.34 -16.13
C ASN A 558 14.82 -0.58 -15.22
N TYR A 559 14.48 -0.46 -13.93
CA TYR A 559 15.25 0.36 -13.00
C TYR A 559 16.50 -0.36 -12.44
N GLY A 560 16.58 -1.67 -12.66
CA GLY A 560 17.72 -2.47 -12.19
C GLY A 560 19.02 -2.07 -12.84
N THR A 561 18.93 -1.31 -13.93
CA THR A 561 20.09 -0.76 -14.63
C THR A 561 20.93 0.13 -13.72
N TYR A 562 20.29 0.64 -12.65
CA TYR A 562 21.00 1.43 -11.66
C TYR A 562 21.87 0.56 -10.75
N GLY A 563 21.61 -0.76 -10.79
CA GLY A 563 22.43 -1.72 -10.07
C GLY A 563 21.63 -2.77 -9.31
N PHE A 564 22.35 -3.65 -8.60
CA PHE A 564 21.71 -4.66 -7.74
C PHE A 564 21.13 -4.02 -6.48
N VAL A 565 21.55 -2.78 -6.23
CA VAL A 565 20.99 -1.96 -5.15
C VAL A 565 19.52 -1.65 -5.39
N ILE A 566 19.08 -1.83 -6.65
CA ILE A 566 17.68 -1.59 -7.02
C ILE A 566 16.76 -2.69 -6.52
N HIS A 567 17.20 -3.95 -6.65
CA HIS A 567 16.38 -5.10 -6.24
C HIS A 567 16.26 -5.24 -4.72
N GLU A 568 17.19 -4.61 -3.99
CA GLU A 568 17.15 -4.59 -2.53
C GLU A 568 16.10 -3.60 -2.03
N ILE A 569 16.18 -2.35 -2.50
CA ILE A 569 15.17 -1.34 -2.18
C ILE A 569 13.78 -1.82 -2.61
N ALA A 570 13.75 -2.59 -3.71
CA ALA A 570 12.50 -3.09 -4.26
C ALA A 570 11.91 -4.22 -3.42
N GLU A 571 12.77 -4.98 -2.74
CA GLU A 571 12.30 -6.13 -1.96
C GLU A 571 11.65 -5.68 -0.66
N MET A 572 12.14 -4.57 -0.10
CA MET A 572 11.52 -3.94 1.06
C MET A 572 10.01 -3.75 0.85
N VAL A 573 9.65 -3.31 -0.35
CA VAL A 573 8.27 -2.92 -0.65
C VAL A 573 7.27 -4.05 -0.43
N ALA A 574 7.56 -5.23 -0.94
CA ALA A 574 6.68 -6.39 -0.72
C ALA A 574 6.52 -6.69 0.77
N LEU A 575 7.64 -6.65 1.50
CA LEU A 575 7.63 -6.95 2.92
C LEU A 575 6.82 -5.92 3.71
N ASN A 576 7.00 -4.65 3.35
CA ASN A 576 6.27 -3.55 3.98
C ASN A 576 4.78 -3.55 3.65
N MET A 577 4.42 -4.00 2.45
CA MET A 577 3.01 -4.16 2.09
C MET A 577 2.47 -5.45 2.71
N GLY A 578 3.35 -6.41 2.98
CA GLY A 578 2.99 -7.62 3.73
C GLY A 578 2.34 -8.78 2.98
N GLN A 579 2.80 -9.05 1.75
CA GLN A 579 2.29 -10.18 0.97
C GLN A 579 2.60 -11.50 1.68
N TYR A 580 3.81 -11.61 2.22
CA TYR A 580 4.14 -12.70 3.13
C TYR A 580 4.25 -12.19 4.56
N ALA A 581 3.34 -12.61 5.44
CA ALA A 581 3.36 -12.11 6.79
C ALA A 581 4.16 -13.06 7.67
N HIS A 582 5.48 -13.04 7.52
CA HIS A 582 6.32 -13.97 8.27
C HIS A 582 6.06 -13.81 9.77
N GLY A 583 5.72 -14.90 10.42
CA GLY A 583 5.39 -14.86 11.84
C GLY A 583 3.90 -15.06 12.07
N ASN A 584 3.09 -14.71 11.08
CA ASN A 584 1.66 -14.89 11.23
C ASN A 584 1.37 -16.39 11.33
N GLN A 585 0.73 -16.77 12.44
CA GLN A 585 0.66 -18.18 12.84
C GLN A 585 0.15 -19.16 11.76
N PRO A 586 -1.02 -18.89 11.17
CA PRO A 586 -1.53 -19.87 10.21
C PRO A 586 -0.68 -20.01 8.93
N VAL A 587 0.28 -19.14 8.70
CA VAL A 587 1.18 -19.33 7.55
C VAL A 587 2.63 -19.63 7.93
N GLN A 588 2.92 -19.86 9.22
CA GLN A 588 4.30 -20.21 9.62
C GLN A 588 4.86 -21.43 8.87
N HIS A 589 3.99 -22.39 8.56
CA HIS A 589 4.40 -23.61 7.87
C HIS A 589 4.40 -23.48 6.34
N ALA A 590 3.87 -22.36 5.83
CA ALA A 590 3.48 -22.33 4.41
C ALA A 590 4.66 -22.47 3.43
N ILE A 591 5.82 -21.93 3.77
CA ILE A 591 6.96 -22.08 2.87
C ILE A 591 7.30 -23.54 2.60
N TYR A 592 6.97 -24.43 3.55
CA TYR A 592 7.30 -25.84 3.40
C TYR A 592 6.30 -26.58 2.55
N LEU A 593 5.21 -25.92 2.15
CA LEU A 593 4.14 -26.64 1.43
C LEU A 593 4.57 -27.07 0.02
N TYR A 594 5.56 -26.41 -0.55
CA TYR A 594 6.07 -26.85 -1.85
C TYR A 594 6.58 -28.30 -1.80
N ASP A 595 6.98 -28.77 -0.61
CA ASP A 595 7.45 -30.15 -0.41
C ASP A 595 6.37 -31.20 -0.66
N TYR A 596 5.10 -30.76 -0.58
CA TYR A 596 3.95 -31.65 -0.66
C TYR A 596 3.34 -31.72 -2.06
N ILE A 597 3.77 -30.79 -2.93
CA ILE A 597 3.13 -30.65 -4.22
C ILE A 597 4.16 -30.59 -5.35
N GLY A 598 5.36 -31.07 -5.09
CA GLY A 598 6.30 -31.40 -6.16
C GLY A 598 7.36 -30.40 -6.55
N GLN A 599 7.53 -29.33 -5.78
CA GLN A 599 8.57 -28.37 -6.12
C GLN A 599 9.40 -27.97 -4.91
N PRO A 600 10.12 -28.93 -4.31
CA PRO A 600 10.89 -28.68 -3.08
C PRO A 600 11.94 -27.57 -3.25
N TRP A 601 12.37 -27.33 -4.49
CA TRP A 601 13.39 -26.30 -4.71
C TRP A 601 12.90 -24.91 -4.35
N LYS A 602 11.59 -24.67 -4.49
CA LYS A 602 11.01 -23.40 -4.07
C LYS A 602 11.00 -23.22 -2.54
N THR A 603 10.73 -24.29 -1.81
CA THR A 603 10.89 -24.31 -0.36
C THR A 603 12.32 -23.94 -0.01
N GLN A 604 13.27 -24.56 -0.70
CA GLN A 604 14.67 -24.35 -0.42
C GLN A 604 15.06 -22.88 -0.65
N TYR A 605 14.64 -22.32 -1.79
CA TYR A 605 14.99 -20.94 -2.10
C TYR A 605 14.39 -19.95 -1.11
N HIS A 606 13.08 -20.02 -0.91
CA HIS A 606 12.37 -19.05 -0.09
C HIS A 606 12.73 -19.12 1.39
N LEU A 607 12.90 -20.33 1.88
CA LEU A 607 13.32 -20.52 3.25
C LEU A 607 14.68 -19.84 3.49
N ARG A 608 15.65 -20.13 2.62
CA ARG A 608 16.95 -19.51 2.79
C ARG A 608 16.88 -17.99 2.65
N ASN A 609 16.02 -17.51 1.76
CA ASN A 609 15.82 -16.07 1.58
C ASN A 609 15.27 -15.42 2.87
N VAL A 610 14.24 -16.03 3.45
CA VAL A 610 13.68 -15.55 4.72
C VAL A 610 14.72 -15.55 5.86
N MET A 611 15.48 -16.63 6.00
CA MET A 611 16.47 -16.69 7.06
CA MET A 611 16.50 -16.71 7.04
C MET A 611 17.51 -15.58 6.91
N ASP A 612 17.89 -15.28 5.68
CA ASP A 612 18.88 -14.23 5.42
C ASP A 612 18.29 -12.83 5.60
N LYS A 613 17.05 -12.64 5.19
CA LYS A 613 16.52 -11.26 5.09
C LYS A 613 15.68 -10.77 6.27
N LEU A 614 15.07 -11.69 7.02
CA LEU A 614 14.15 -11.30 8.09
C LEU A 614 14.68 -11.52 9.50
N TYR A 615 15.98 -11.82 9.62
CA TYR A 615 16.58 -12.07 10.93
C TYR A 615 17.95 -11.42 11.07
N ASN A 616 18.22 -10.93 12.27
CA ASN A 616 19.60 -10.69 12.68
C ASN A 616 19.68 -10.84 14.21
N SER A 617 20.88 -10.74 14.76
CA SER A 617 21.04 -11.03 16.18
C SER A 617 20.96 -9.78 17.06
N GLY A 618 20.71 -8.61 16.46
CA GLY A 618 20.70 -7.34 17.20
C GLY A 618 19.33 -6.98 17.75
N SER A 619 19.21 -5.73 18.22
CA SER A 619 17.99 -5.31 18.92
C SER A 619 16.76 -5.30 18.04
N LYS A 620 16.95 -5.16 16.73
CA LYS A 620 15.80 -5.27 15.80
C LYS A 620 15.80 -6.58 15.02
N GLY A 621 16.25 -7.66 15.66
CA GLY A 621 16.56 -8.91 14.97
C GLY A 621 15.43 -9.82 14.50
N TYR A 622 14.22 -9.59 14.99
CA TYR A 622 13.03 -10.25 14.44
C TYR A 622 12.37 -9.25 13.49
N CYS A 623 12.93 -9.16 12.27
CA CYS A 623 12.64 -8.06 11.34
C CYS A 623 11.21 -8.01 10.80
N GLY A 624 10.61 -9.17 10.58
CA GLY A 624 9.23 -9.22 10.09
C GLY A 624 8.29 -8.32 10.89
N ASP A 625 7.52 -7.48 10.19
CA ASP A 625 6.53 -6.61 10.85
C ASP A 625 5.57 -7.45 11.71
N GLU A 626 5.37 -8.69 11.29
CA GLU A 626 4.44 -9.57 11.98
C GLU A 626 5.15 -10.51 12.92
N ASP A 627 6.45 -10.38 13.04
CA ASP A 627 7.23 -11.29 13.87
C ASP A 627 7.63 -10.59 15.15
N ASN A 628 7.02 -11.03 16.24
CA ASN A 628 7.28 -10.44 17.55
C ASN A 628 8.06 -11.40 18.45
N GLY A 629 8.86 -12.27 17.83
CA GLY A 629 9.69 -13.20 18.59
C GLY A 629 9.19 -14.62 18.54
N GLN A 630 7.93 -14.79 18.11
CA GLN A 630 7.28 -16.11 18.13
C GLN A 630 7.88 -17.12 17.14
N THR A 631 8.74 -16.65 16.25
CA THR A 631 9.35 -17.53 15.28
C THR A 631 10.70 -18.10 15.77
N SER A 632 11.03 -17.97 17.05
CA SER A 632 12.31 -18.49 17.56
C SER A 632 12.54 -19.98 17.22
N ALA A 633 11.57 -20.84 17.50
CA ALA A 633 11.70 -22.26 17.20
C ALA A 633 11.65 -22.53 15.70
N TRP A 634 10.88 -21.71 15.00
CA TRP A 634 10.80 -21.79 13.55
C TRP A 634 12.21 -21.59 12.96
N TYR A 635 12.94 -20.63 13.52
CA TYR A 635 14.29 -20.36 13.01
C TYR A 635 15.23 -21.52 13.35
N VAL A 636 15.13 -22.06 14.56
CA VAL A 636 16.01 -23.16 14.95
C VAL A 636 15.80 -24.38 14.04
N PHE A 637 14.57 -24.82 13.93
CA PHE A 637 14.26 -25.91 13.01
C PHE A 637 14.75 -25.58 11.59
N SER A 638 14.35 -24.43 11.06
CA SER A 638 14.67 -24.11 9.67
C SER A 638 16.17 -24.07 9.40
N ALA A 639 16.94 -23.53 10.34
CA ALA A 639 18.41 -23.57 10.21
C ALA A 639 18.98 -24.99 10.20
N MET A 640 18.37 -25.89 10.96
CA MET A 640 18.80 -27.29 10.97
C MET A 640 18.45 -27.98 9.65
N GLY A 641 17.41 -27.50 8.97
CA GLY A 641 17.09 -28.07 7.67
C GLY A 641 15.72 -28.74 7.54
N PHE A 642 14.91 -28.71 8.59
CA PHE A 642 13.64 -29.45 8.58
C PHE A 642 12.66 -28.87 9.61
N TYR A 643 11.36 -29.10 9.41
CA TYR A 643 10.34 -28.42 10.20
C TYR A 643 9.11 -29.29 10.38
N PRO A 644 8.52 -29.27 11.60
CA PRO A 644 7.33 -30.06 11.94
C PRO A 644 6.07 -29.38 11.41
N VAL A 645 5.81 -29.52 10.12
CA VAL A 645 4.59 -28.93 9.53
C VAL A 645 3.31 -29.34 10.26
N CYS A 646 3.20 -30.62 10.63
CA CYS A 646 1.96 -31.10 11.24
C CYS A 646 2.26 -31.88 12.52
N PRO A 647 2.32 -31.16 13.66
CA PRO A 647 2.55 -31.88 14.90
C PRO A 647 1.43 -32.88 15.08
N GLY A 648 1.77 -34.05 15.60
CA GLY A 648 0.79 -35.13 15.70
C GLY A 648 1.10 -36.16 14.63
N MET A 649 1.82 -35.73 13.61
CA MET A 649 2.40 -36.65 12.62
C MET A 649 3.91 -36.60 12.79
N PRO A 650 4.54 -37.73 13.14
CA PRO A 650 5.96 -37.69 13.50
C PRO A 650 6.88 -37.60 12.26
N GLU A 651 6.80 -36.46 11.56
CA GLU A 651 7.52 -36.21 10.30
C GLU A 651 8.00 -34.79 10.34
N TYR A 652 9.13 -34.52 9.70
CA TYR A 652 9.61 -33.16 9.55
C TYR A 652 9.90 -32.90 8.08
N ALA A 653 9.24 -31.89 7.49
CA ALA A 653 9.47 -31.56 6.09
C ALA A 653 10.85 -30.92 5.94
N ILE A 654 11.55 -31.32 4.89
CA ILE A 654 12.91 -30.83 4.63
C ILE A 654 12.89 -29.45 3.94
N GLY A 655 13.70 -28.54 4.46
CA GLY A 655 13.83 -27.23 3.85
C GLY A 655 15.22 -27.16 3.24
N SER A 656 16.07 -26.36 3.84
CA SER A 656 17.46 -26.22 3.41
C SER A 656 18.20 -25.67 4.61
N PRO A 657 19.29 -26.35 5.03
CA PRO A 657 20.00 -26.01 6.26
C PRO A 657 20.77 -24.71 6.07
N LEU A 658 21.01 -24.02 7.17
CA LEU A 658 21.75 -22.76 7.14
C LEU A 658 23.27 -22.94 7.27
N PHE A 659 23.69 -23.99 7.97
CA PHE A 659 25.13 -24.15 8.29
C PHE A 659 25.78 -25.23 7.44
N LYS A 660 27.12 -25.31 7.44
CA LYS A 660 27.78 -26.41 6.76
C LYS A 660 27.54 -27.73 7.51
N LYS A 661 27.18 -27.63 8.78
CA LYS A 661 26.94 -28.82 9.59
C LYS A 661 26.17 -28.52 10.87
N VAL A 662 25.17 -29.34 11.17
CA VAL A 662 24.57 -29.32 12.50
C VAL A 662 24.58 -30.76 13.00
N THR A 663 24.85 -30.92 14.29
CA THR A 663 24.83 -32.21 14.94
C THR A 663 23.84 -32.16 16.09
N LEU A 664 22.85 -33.04 16.04
CA LEU A 664 21.86 -33.12 17.09
C LEU A 664 22.25 -34.25 18.03
N HIS A 665 22.42 -33.91 19.31
CA HIS A 665 22.77 -34.89 20.34
C HIS A 665 21.51 -35.36 21.01
N LEU A 666 21.07 -36.54 20.59
CA LEU A 666 19.80 -37.09 21.00
C LEU A 666 19.95 -38.09 22.15
N PRO A 667 18.83 -38.54 22.71
CA PRO A 667 18.90 -39.48 23.82
C PRO A 667 19.66 -40.78 23.48
N GLU A 668 20.23 -41.40 24.51
CA GLU A 668 20.89 -42.69 24.42
C GLU A 668 22.12 -42.67 23.50
N GLY A 669 22.80 -41.54 23.56
CA GLY A 669 24.05 -41.33 22.84
C GLY A 669 23.91 -41.36 21.34
N LYS A 670 22.70 -41.18 20.81
CA LYS A 670 22.53 -41.13 19.36
C LYS A 670 22.75 -39.72 18.84
N ASN A 671 23.46 -39.61 17.74
CA ASN A 671 23.71 -38.31 17.12
C ASN A 671 23.22 -38.31 15.68
N PHE A 672 22.51 -37.26 15.28
CA PHE A 672 22.11 -37.14 13.89
C PHE A 672 22.76 -35.91 13.30
N VAL A 673 23.47 -36.11 12.19
CA VAL A 673 24.16 -35.01 11.53
C VAL A 673 23.47 -34.59 10.22
N VAL A 674 23.22 -33.30 10.06
CA VAL A 674 22.86 -32.79 8.74
C VAL A 674 24.10 -32.11 8.20
N SER A 675 24.76 -32.74 7.23
CA SER A 675 25.95 -32.08 6.65
C SER A 675 25.67 -31.49 5.27
N ALA A 676 26.23 -30.30 5.03
CA ALA A 676 26.04 -29.59 3.79
C ALA A 676 27.37 -28.90 3.49
N ALA A 677 28.36 -29.72 3.15
CA ALA A 677 29.74 -29.26 3.13
C ALA A 677 29.96 -28.09 2.17
N ASP A 678 29.18 -28.02 1.10
CA ASP A 678 29.34 -26.90 0.15
CA ASP A 678 29.33 -26.93 0.13
C ASP A 678 28.23 -25.87 0.22
N ASN A 679 27.65 -25.72 1.41
CA ASN A 679 26.62 -24.72 1.65
C ASN A 679 27.20 -23.31 1.54
N ALA A 680 26.39 -22.37 1.08
CA ALA A 680 26.77 -20.96 0.90
C ALA A 680 25.52 -20.14 0.74
N ALA A 681 25.64 -18.83 0.93
CA ALA A 681 24.48 -17.95 0.77
C ALA A 681 23.81 -18.09 -0.60
N ASP A 682 24.59 -18.35 -1.65
CA ASP A 682 24.00 -18.46 -2.99
C ASP A 682 23.83 -19.92 -3.43
N ARG A 683 23.92 -20.84 -2.48
CA ARG A 683 23.73 -22.25 -2.77
C ARG A 683 22.66 -22.84 -1.85
N PRO A 684 21.41 -22.35 -1.99
CA PRO A 684 20.32 -22.81 -1.13
C PRO A 684 19.71 -24.16 -1.54
N TYR A 685 20.03 -24.62 -2.74
CA TYR A 685 19.31 -25.77 -3.33
C TYR A 685 19.95 -27.11 -2.97
N ILE A 686 19.13 -28.13 -2.73
CA ILE A 686 19.65 -29.48 -2.56
C ILE A 686 19.72 -30.17 -3.92
N ARG A 687 20.94 -30.45 -4.39
CA ARG A 687 21.11 -31.15 -5.66
C ARG A 687 20.94 -32.64 -5.47
N LYS A 688 21.56 -33.17 -4.43
CA LYS A 688 21.54 -34.60 -4.16
C LYS A 688 21.57 -34.83 -2.65
N ALA A 689 20.99 -35.92 -2.19
CA ALA A 689 21.09 -36.27 -0.76
C ALA A 689 21.35 -37.77 -0.54
N LEU A 690 22.18 -38.09 0.44
CA LEU A 690 22.32 -39.43 0.97
C LEU A 690 21.82 -39.45 2.41
N LEU A 691 20.95 -40.41 2.74
CA LEU A 691 20.59 -40.65 4.12
C LEU A 691 21.26 -41.94 4.55
N ASN A 692 22.17 -41.85 5.52
CA ASN A 692 22.95 -43.00 5.94
C ASN A 692 23.55 -43.72 4.73
N GLY A 693 24.03 -42.94 3.78
CA GLY A 693 24.81 -43.47 2.66
C GLY A 693 23.98 -43.96 1.49
N GLN A 694 22.66 -43.87 1.59
CA GLN A 694 21.79 -44.31 0.49
C GLN A 694 21.10 -43.12 -0.17
N GLU A 695 20.97 -43.16 -1.50
CA GLU A 695 20.30 -42.08 -2.22
C GLU A 695 18.95 -41.80 -1.54
N PHE A 696 18.63 -40.54 -1.34
CA PHE A 696 17.45 -40.15 -0.56
C PHE A 696 16.77 -39.03 -1.29
N THR A 697 15.50 -39.23 -1.65
CA THR A 697 14.77 -38.22 -2.43
C THR A 697 13.46 -37.78 -1.76
N ARG A 698 13.15 -38.33 -0.58
CA ARG A 698 11.94 -37.89 0.14
C ARG A 698 12.10 -36.45 0.63
N ASN A 699 10.99 -35.71 0.68
CA ASN A 699 11.02 -34.32 1.14
C ASN A 699 10.74 -34.18 2.63
N TYR A 700 10.95 -35.27 3.37
CA TYR A 700 10.75 -35.27 4.81
C TYR A 700 11.57 -36.36 5.48
N LEU A 701 11.84 -36.17 6.77
CA LEU A 701 12.48 -37.17 7.63
C LEU A 701 11.46 -37.59 8.68
N THR A 702 11.47 -38.86 9.07
CA THR A 702 10.60 -39.28 10.19
C THR A 702 11.29 -38.96 11.49
N HIS A 703 10.52 -38.83 12.57
CA HIS A 703 11.11 -38.71 13.91
C HIS A 703 12.03 -39.89 14.21
N ASP A 704 11.60 -41.10 13.85
CA ASP A 704 12.44 -42.29 14.08
C ASP A 704 13.76 -42.23 13.34
N GLU A 705 13.73 -41.73 12.11
CA GLU A 705 14.97 -41.56 11.36
C GLU A 705 15.96 -40.66 12.11
N LEU A 706 15.47 -39.57 12.68
CA LEU A 706 16.32 -38.69 13.48
C LEU A 706 16.82 -39.36 14.76
N LYS A 707 15.88 -39.91 15.52
CA LYS A 707 16.09 -40.47 16.85
C LYS A 707 17.12 -41.62 16.87
N GLN A 708 17.19 -42.39 15.80
CA GLN A 708 18.11 -43.53 15.76
C GLN A 708 19.53 -43.09 15.47
N GLY A 709 19.69 -41.81 15.11
CA GLY A 709 20.99 -41.27 14.79
C GLY A 709 21.40 -41.62 13.37
N GLY A 710 22.39 -40.90 12.85
CA GLY A 710 22.85 -41.15 11.49
C GLY A 710 23.25 -39.86 10.83
N GLU A 711 23.07 -39.78 9.53
CA GLU A 711 23.53 -38.60 8.79
C GLU A 711 22.73 -38.36 7.52
N LEU A 712 22.28 -37.12 7.36
CA LEU A 712 21.75 -36.65 6.08
C LEU A 712 22.83 -35.80 5.42
N ASN A 713 23.39 -36.30 4.33
CA ASN A 713 24.51 -35.66 3.62
C ASN A 713 23.99 -34.96 2.37
N LEU A 714 23.98 -33.62 2.39
CA LEU A 714 23.41 -32.86 1.29
C LEU A 714 24.51 -32.26 0.39
N SER A 715 24.30 -32.35 -0.92
CA SER A 715 25.15 -31.67 -1.90
C SER A 715 24.40 -30.41 -2.33
N MET A 716 24.90 -29.24 -1.92
CA MET A 716 24.21 -27.99 -2.15
C MET A 716 24.66 -27.39 -3.49
N ASP A 717 23.76 -26.66 -4.15
CA ASP A 717 24.02 -26.12 -5.48
C ASP A 717 23.40 -24.74 -5.61
N SER A 718 23.90 -23.95 -6.57
CA SER A 718 23.33 -22.63 -6.86
C SER A 718 22.16 -22.66 -7.84
N VAL A 719 21.90 -23.82 -8.44
CA VAL A 719 20.71 -23.95 -9.28
C VAL A 719 19.88 -25.13 -8.77
N PRO A 720 18.56 -25.06 -8.96
CA PRO A 720 17.67 -26.10 -8.42
C PRO A 720 17.79 -27.37 -9.22
N ASN A 721 17.56 -28.50 -8.57
CA ASN A 721 17.48 -29.77 -9.27
C ASN A 721 16.02 -30.15 -9.44
N GLN A 722 15.48 -29.89 -10.63
CA GLN A 722 14.04 -30.04 -10.84
C GLN A 722 13.61 -31.48 -11.04
N GLN A 723 14.55 -32.41 -11.00
CA GLN A 723 14.23 -33.84 -11.11
C GLN A 723 14.18 -34.52 -9.76
N ARG A 724 14.41 -33.78 -8.69
CA ARG A 724 14.50 -34.40 -7.36
C ARG A 724 13.31 -34.02 -6.49
N GLY A 725 12.73 -35.02 -5.84
CA GLY A 725 11.67 -34.75 -4.87
C GLY A 725 10.33 -34.40 -5.49
N THR A 726 10.11 -34.87 -6.73
CA THR A 726 8.91 -34.48 -7.48
C THR A 726 7.85 -35.60 -7.55
N GLN A 727 8.17 -36.78 -7.03
CA GLN A 727 7.25 -37.92 -7.13
C GLN A 727 6.31 -38.05 -5.93
N PRO A 728 5.14 -38.68 -6.13
CA PRO A 728 4.21 -38.85 -5.01
C PRO A 728 4.82 -39.58 -3.82
N ALA A 729 5.75 -40.50 -4.06
CA ALA A 729 6.40 -41.19 -2.96
C ALA A 729 7.27 -40.25 -2.12
N ASP A 730 7.63 -39.09 -2.69
CA ASP A 730 8.52 -38.17 -1.99
C ASP A 730 7.77 -37.21 -1.06
N PHE A 731 6.44 -37.14 -1.17
CA PHE A 731 5.67 -36.14 -0.43
C PHE A 731 5.32 -36.57 0.99
N PRO A 732 5.30 -35.63 1.94
CA PRO A 732 4.92 -35.97 3.31
C PRO A 732 3.41 -36.21 3.44
N TYR A 733 2.95 -36.42 4.67
CA TYR A 733 1.59 -36.85 4.95
C TYR A 733 0.51 -35.84 4.56
N SER A 734 -0.61 -36.33 4.05
CA SER A 734 -1.84 -35.56 4.03
C SER A 734 -2.96 -36.50 4.42
N TYR A 735 -3.92 -35.99 5.17
CA TYR A 735 -5.08 -36.78 5.51
C TYR A 735 -5.78 -37.38 4.26
N SER A 736 -5.92 -36.59 3.20
CA SER A 736 -6.70 -37.06 2.05
CA SER A 736 -6.66 -36.99 2.00
C SER A 736 -5.87 -37.85 1.04
N LYS A 737 -4.59 -37.99 1.30
CA LYS A 737 -3.70 -38.74 0.41
C LYS A 737 -3.44 -40.13 0.93
N SER B 1 16.10 48.08 12.78
CA SER B 1 17.23 48.72 12.03
C SER B 1 17.32 48.13 10.62
N LYS B 2 17.80 48.93 9.69
CA LYS B 2 17.95 48.51 8.30
C LYS B 2 18.91 47.31 8.18
N LYS B 3 18.55 46.35 7.35
CA LYS B 3 19.41 45.19 7.12
C LYS B 3 19.60 44.93 5.65
N THR B 4 20.75 44.36 5.32
CA THR B 4 21.04 44.02 3.93
C THR B 4 19.97 43.08 3.38
N VAL B 5 19.59 42.08 4.18
CA VAL B 5 18.51 41.18 3.78
C VAL B 5 17.41 41.36 4.82
N GLU B 6 16.23 41.83 4.39
CA GLU B 6 15.11 42.13 5.28
C GLU B 6 14.15 40.94 5.30
N PHE B 7 13.27 40.89 6.29
CA PHE B 7 12.39 39.74 6.40
C PHE B 7 11.56 39.47 5.14
N VAL B 8 11.04 40.52 4.52
CA VAL B 8 10.21 40.31 3.33
C VAL B 8 11.02 39.68 2.19
N ASP B 9 12.34 39.88 2.20
CA ASP B 9 13.21 39.31 1.17
C ASP B 9 13.26 37.77 1.21
N TYR B 10 12.89 37.19 2.35
CA TYR B 10 12.85 35.72 2.47
C TYR B 10 11.58 35.12 1.90
N VAL B 11 10.57 35.95 1.67
CA VAL B 11 9.27 35.43 1.26
C VAL B 11 9.28 34.98 -0.19
N ASN B 12 8.88 33.72 -0.40
CA ASN B 12 8.63 33.18 -1.72
C ASN B 12 7.15 32.94 -1.98
N PRO B 13 6.47 33.88 -2.65
CA PRO B 13 5.05 33.66 -2.92
C PRO B 13 4.77 32.50 -3.86
N LEU B 14 5.79 31.95 -4.52
CA LEU B 14 5.56 30.77 -5.36
C LEU B 14 5.63 29.46 -4.57
N MET B 15 5.91 29.56 -3.27
CA MET B 15 5.98 28.35 -2.45
C MET B 15 4.59 27.72 -2.46
N GLY B 16 4.54 26.47 -2.90
CA GLY B 16 3.26 25.78 -3.03
C GLY B 16 2.52 25.94 -4.35
N THR B 17 3.05 26.71 -5.30
CA THR B 17 2.32 26.95 -6.54
C THR B 17 2.47 25.83 -7.54
N GLU B 18 3.40 24.91 -7.27
CA GLU B 18 3.52 23.79 -8.19
C GLU B 18 2.52 22.75 -7.73
N SER B 19 1.25 23.08 -7.99
CA SER B 19 0.11 22.28 -7.58
C SER B 19 -0.87 22.19 -8.75
N THR B 20 -1.61 21.10 -8.77
CA THR B 20 -2.71 20.92 -9.72
C THR B 20 -3.92 20.34 -8.99
N PHE B 21 -5.05 20.31 -9.70
CA PHE B 21 -6.29 19.71 -9.19
C PHE B 21 -5.94 18.32 -8.65
N ALA B 22 -5.06 17.61 -9.36
CA ALA B 22 -4.70 16.24 -9.00
C ALA B 22 -3.71 16.14 -7.84
N PHE B 23 -2.68 16.99 -7.84
CA PHE B 23 -1.63 16.93 -6.84
C PHE B 23 -1.33 18.30 -6.24
N SER B 24 -1.79 18.51 -5.01
CA SER B 24 -1.51 19.73 -4.31
C SER B 24 -0.15 19.70 -3.59
N HIS B 25 0.60 20.78 -3.74
CA HIS B 25 1.79 20.99 -2.94
C HIS B 25 1.67 22.33 -2.26
N GLY B 26 0.42 22.75 -2.06
CA GLY B 26 0.10 24.00 -1.36
C GLY B 26 -1.22 24.60 -1.85
N ASN B 27 -1.50 24.43 -3.14
CA ASN B 27 -2.61 25.14 -3.83
C ASN B 27 -2.62 26.64 -3.57
N THR B 28 -1.47 27.28 -3.78
CA THR B 28 -1.34 28.73 -3.65
C THR B 28 -1.22 29.46 -5.01
N TYR B 29 -1.48 30.77 -4.96
CA TYR B 29 -1.12 31.65 -6.07
C TYR B 29 -0.20 32.71 -5.49
N PRO B 30 0.61 33.33 -6.33
CA PRO B 30 1.61 34.23 -5.75
C PRO B 30 1.02 35.62 -5.47
N ALA B 31 0.21 35.72 -4.40
CA ALA B 31 -0.52 36.94 -4.08
C ALA B 31 0.35 38.17 -3.88
N VAL B 32 0.05 39.23 -4.64
CA VAL B 32 0.59 40.57 -4.39
C VAL B 32 -0.46 41.33 -3.58
N ALA B 33 -0.07 41.84 -2.42
CA ALA B 33 -1.04 42.31 -1.43
C ALA B 33 -0.34 43.10 -0.36
N VAL B 34 -1.11 43.66 0.57
CA VAL B 34 -0.60 44.00 1.89
C VAL B 34 -1.38 43.13 2.85
N PRO B 35 -0.91 42.99 4.10
CA PRO B 35 -1.58 42.09 5.04
C PRO B 35 -3.09 42.32 5.17
N TRP B 36 -3.84 41.22 5.11
CA TRP B 36 -5.31 41.23 5.16
C TRP B 36 -5.96 42.20 4.18
N GLY B 37 -5.29 42.50 3.07
CA GLY B 37 -5.84 43.47 2.12
C GLY B 37 -7.16 43.04 1.52
N MET B 38 -8.08 43.99 1.35
CA MET B 38 -9.37 43.68 0.73
C MET B 38 -9.26 43.07 -0.68
N ASN B 39 -8.34 43.58 -1.49
CA ASN B 39 -8.15 43.07 -2.85
C ASN B 39 -6.73 42.50 -2.96
N PHE B 40 -6.59 41.28 -3.49
CA PHE B 40 -5.24 40.79 -3.83
C PHE B 40 -5.07 40.84 -5.35
N TRP B 41 -3.84 40.72 -5.80
CA TRP B 41 -3.54 40.67 -7.23
C TRP B 41 -2.67 39.46 -7.52
N SER B 42 -2.89 38.83 -8.68
CA SER B 42 -2.10 37.64 -9.05
C SER B 42 -1.96 37.48 -10.57
N PRO B 43 -0.80 37.00 -11.05
CA PRO B 43 -0.79 36.50 -12.42
C PRO B 43 -1.82 35.39 -12.57
N GLN B 44 -2.34 35.22 -13.78
CA GLN B 44 -3.31 34.18 -14.09
C GLN B 44 -2.84 33.39 -15.32
N THR B 45 -2.65 32.09 -15.14
CA THR B 45 -2.30 31.19 -16.23
C THR B 45 -3.49 30.30 -16.62
N GLY B 46 -4.33 29.96 -15.64
CA GLY B 46 -5.52 29.13 -15.92
C GLY B 46 -6.63 29.88 -16.63
N GLU B 47 -7.63 29.17 -17.14
CA GLU B 47 -8.79 29.79 -17.76
C GLU B 47 -9.61 30.58 -16.75
N ASN B 48 -10.30 31.62 -17.21
CA ASN B 48 -11.31 32.25 -16.36
C ASN B 48 -12.18 31.11 -15.83
N GLY B 49 -12.56 31.19 -14.56
CA GLY B 49 -13.49 30.23 -14.00
C GLY B 49 -12.80 29.09 -13.30
N SER B 50 -11.54 28.85 -13.64
CA SER B 50 -10.81 27.78 -12.99
C SER B 50 -10.27 28.25 -11.63
N GLY B 51 -10.47 27.42 -10.61
CA GLY B 51 -9.90 27.69 -9.29
C GLY B 51 -8.39 27.60 -9.36
N TRP B 52 -7.87 26.91 -10.39
CA TRP B 52 -6.42 26.82 -10.58
C TRP B 52 -5.91 28.03 -11.40
N MET B 53 -6.00 29.18 -10.75
CA MET B 53 -5.73 30.47 -11.39
C MET B 53 -4.30 30.58 -11.91
N TYR B 54 -3.36 30.08 -11.11
CA TYR B 54 -1.94 30.10 -11.45
C TYR B 54 -1.33 28.73 -11.11
N THR B 55 -0.69 28.08 -12.07
CA THR B 55 0.10 26.90 -11.71
C THR B 55 1.50 26.97 -12.30
N TYR B 56 2.48 26.56 -11.52
CA TYR B 56 3.88 26.72 -11.86
C TYR B 56 4.23 26.06 -13.20
N THR B 57 3.54 24.98 -13.54
CA THR B 57 3.87 24.26 -14.78
C THR B 57 3.29 24.90 -16.04
N ASP B 58 2.39 25.86 -15.89
CA ASP B 58 1.84 26.55 -17.05
C ASP B 58 2.90 27.48 -17.59
N SER B 59 2.89 27.69 -18.91
CA SER B 59 3.88 28.56 -19.52
C SER B 59 3.24 29.74 -20.28
N LEU B 60 1.93 29.88 -20.15
CA LEU B 60 1.19 30.91 -20.89
C LEU B 60 0.36 31.75 -19.92
N MET B 61 0.53 33.06 -19.97
CA MET B 61 -0.20 33.94 -19.08
CA MET B 61 -0.16 34.00 -19.09
C MET B 61 -1.40 34.58 -19.79
N ARG B 62 -2.49 34.75 -19.06
CA ARG B 62 -3.72 35.32 -19.63
C ARG B 62 -4.10 36.68 -19.07
N GLY B 63 -3.61 37.00 -17.87
CA GLY B 63 -4.06 38.23 -17.23
C GLY B 63 -3.43 38.44 -15.87
N PHE B 64 -3.66 39.63 -15.31
CA PHE B 64 -3.32 39.89 -13.93
C PHE B 64 -4.63 40.19 -13.24
N ARG B 65 -5.00 39.34 -12.28
CA ARG B 65 -6.31 39.37 -11.67
C ARG B 65 -6.35 40.15 -10.35
N GLN B 66 -7.39 40.95 -10.18
CA GLN B 66 -7.80 41.35 -8.85
C GLN B 66 -8.61 40.18 -8.34
N THR B 67 -8.12 39.50 -7.30
CA THR B 67 -8.71 38.26 -6.82
C THR B 67 -9.02 38.30 -5.32
N HIS B 68 -10.01 37.51 -4.90
CA HIS B 68 -10.32 37.32 -3.49
C HIS B 68 -10.28 35.86 -3.11
N GLN B 69 -9.91 35.01 -4.07
CA GLN B 69 -10.03 33.56 -3.87
C GLN B 69 -9.22 33.02 -2.69
N PRO B 70 -9.91 32.30 -1.76
CA PRO B 70 -9.25 31.69 -0.62
C PRO B 70 -8.79 30.24 -0.88
N SER B 71 -9.38 29.56 -1.86
CA SER B 71 -8.95 28.22 -2.24
C SER B 71 -9.50 27.86 -3.63
N PRO B 72 -8.82 26.94 -4.35
CA PRO B 72 -9.31 26.61 -5.69
C PRO B 72 -10.68 25.95 -5.63
N TRP B 73 -10.94 25.29 -4.51
CA TRP B 73 -12.18 24.53 -4.37
C TRP B 73 -13.35 25.49 -4.14
N ILE B 74 -13.08 26.58 -3.42
CA ILE B 74 -14.07 27.64 -3.14
C ILE B 74 -14.19 28.63 -4.29
N ASN B 75 -13.09 28.91 -4.96
CA ASN B 75 -13.11 29.77 -6.15
C ASN B 75 -13.34 31.24 -5.80
N ASP B 76 -13.57 32.08 -6.82
CA ASP B 76 -13.38 33.53 -6.67
C ASP B 76 -14.71 34.29 -6.74
N TYR B 77 -14.62 35.59 -6.50
CA TYR B 77 -15.78 36.48 -6.66
C TYR B 77 -15.23 37.89 -6.79
N GLY B 78 -16.02 38.79 -7.39
CA GLY B 78 -15.64 40.19 -7.48
C GLY B 78 -14.29 40.37 -8.16
N THR B 79 -14.06 39.62 -9.23
CA THR B 79 -12.75 39.57 -9.88
C THR B 79 -12.79 40.10 -11.32
N PHE B 80 -11.69 40.76 -11.72
CA PHE B 80 -11.49 41.20 -13.09
C PHE B 80 -10.00 41.15 -13.35
N SER B 81 -9.58 41.33 -14.60
CA SER B 81 -8.16 41.30 -14.88
C SER B 81 -7.72 42.36 -15.88
N ILE B 82 -6.42 42.62 -15.85
CA ILE B 82 -5.77 43.56 -16.76
C ILE B 82 -4.65 42.77 -17.46
N MET B 83 -4.54 42.93 -18.77
CA MET B 83 -3.49 42.24 -19.51
C MET B 83 -2.90 43.16 -20.59
N PRO B 84 -1.66 43.61 -20.37
CA PRO B 84 -0.96 44.30 -21.44
C PRO B 84 -0.58 43.31 -22.56
N LEU B 85 -0.68 43.74 -23.81
CA LEU B 85 -0.35 42.87 -24.95
C LEU B 85 0.48 43.62 -25.95
N ALA B 86 1.45 42.93 -26.56
CA ALA B 86 2.19 43.49 -27.70
C ALA B 86 1.81 42.76 -28.98
N GLY B 87 1.57 43.50 -30.05
CA GLY B 87 1.32 42.89 -31.37
C GLY B 87 -0.14 42.56 -31.59
N GLU B 88 -0.46 41.27 -31.58
CA GLU B 88 -1.84 40.82 -31.86
C GLU B 88 -2.80 41.12 -30.72
N LEU B 89 -3.97 41.64 -31.07
CA LEU B 89 -5.03 41.85 -30.11
C LEU B 89 -5.82 40.56 -29.91
N LYS B 90 -5.85 40.05 -28.67
CA LYS B 90 -6.64 38.89 -28.32
C LYS B 90 -7.56 39.31 -27.17
N MET B 91 -8.86 39.12 -27.32
CA MET B 91 -9.81 39.62 -26.32
C MET B 91 -10.20 38.57 -25.30
N SER B 92 -10.70 37.44 -25.78
CA SER B 92 -11.21 36.40 -24.88
C SER B 92 -10.11 35.75 -24.07
N HIS B 93 -10.43 35.39 -22.83
CA HIS B 93 -9.48 34.69 -21.98
C HIS B 93 -9.05 33.37 -22.62
N LYS B 94 -9.90 32.83 -23.48
CA LYS B 94 -9.56 31.61 -24.18
C LYS B 94 -8.45 31.83 -25.23
N GLU B 95 -8.28 33.07 -25.68
CA GLU B 95 -7.29 33.41 -26.70
C GLU B 95 -6.09 34.23 -26.20
N ARG B 96 -6.22 34.88 -25.04
CA ARG B 96 -5.13 35.69 -24.49
C ARG B 96 -4.13 34.77 -23.82
N LEU B 97 -3.14 34.31 -24.57
CA LEU B 97 -2.19 33.36 -24.04
C LEU B 97 -0.80 33.83 -24.43
N VAL B 98 -0.05 34.35 -23.47
CA VAL B 98 1.26 34.92 -23.77
C VAL B 98 2.37 34.12 -23.10
N PRO B 99 3.28 33.54 -23.89
CA PRO B 99 4.40 32.74 -23.39
C PRO B 99 5.35 33.57 -22.51
N PHE B 100 5.75 32.98 -21.38
CA PHE B 100 6.76 33.56 -20.50
C PHE B 100 7.56 32.45 -19.86
N SER B 101 8.73 32.80 -19.33
CA SER B 101 9.57 31.87 -18.62
C SER B 101 9.70 32.32 -17.17
N HIS B 102 9.70 31.36 -16.24
CA HIS B 102 9.97 31.67 -14.85
C HIS B 102 11.31 32.34 -14.69
N GLN B 103 12.22 32.14 -15.65
CA GLN B 103 13.53 32.78 -15.58
C GLN B 103 13.41 34.30 -15.64
N GLN B 104 12.30 34.78 -16.19
CA GLN B 104 12.08 36.22 -16.31
C GLN B 104 10.89 36.66 -15.48
N GLU B 105 10.70 35.98 -14.35
CA GLU B 105 9.61 36.27 -13.42
C GLU B 105 10.19 36.50 -12.04
N LYS B 106 9.78 37.56 -11.37
CA LYS B 106 10.17 37.76 -9.99
CA LYS B 106 10.17 37.76 -9.98
C LYS B 106 8.96 38.04 -9.12
N ALA B 107 8.53 37.03 -8.36
CA ALA B 107 7.35 37.13 -7.48
C ALA B 107 7.75 37.52 -6.05
N THR B 108 7.24 38.64 -5.56
CA THR B 108 7.35 39.03 -4.15
C THR B 108 5.97 39.50 -3.65
N PRO B 109 5.81 39.61 -2.33
CA PRO B 109 4.52 40.07 -1.78
C PRO B 109 4.20 41.52 -2.15
N TYR B 110 5.22 42.34 -2.41
CA TYR B 110 5.04 43.78 -2.62
C TYR B 110 5.16 44.17 -4.11
N ASN B 111 5.52 43.21 -4.96
CA ASN B 111 5.68 43.42 -6.41
C ASN B 111 5.83 42.10 -7.15
N TYR B 112 5.05 41.92 -8.22
CA TYR B 112 5.25 40.84 -9.18
C TYR B 112 5.67 41.46 -10.50
N SER B 113 6.80 40.99 -11.03
CA SER B 113 7.31 41.46 -12.30
C SER B 113 7.56 40.27 -13.22
N VAL B 114 7.18 40.43 -14.48
CA VAL B 114 7.41 39.40 -15.47
C VAL B 114 7.75 40.03 -16.82
N THR B 115 8.63 39.37 -17.55
CA THR B 115 8.93 39.76 -18.92
C THR B 115 8.54 38.58 -19.82
N PHE B 116 7.64 38.86 -20.77
CA PHE B 116 7.18 37.85 -21.70
C PHE B 116 8.23 37.55 -22.74
N ASN B 117 8.09 36.40 -23.41
CA ASN B 117 9.05 36.00 -24.41
C ASN B 117 9.17 37.07 -25.50
N ASN B 118 8.11 37.83 -25.74
CA ASN B 118 8.16 38.85 -26.80
C ASN B 118 8.83 40.15 -26.37
N GLY B 119 9.33 40.19 -25.14
CA GLY B 119 10.03 41.36 -24.63
C GLY B 119 9.18 42.33 -23.81
N LEU B 120 7.86 42.17 -23.84
CA LEU B 120 7.00 43.07 -23.04
C LEU B 120 7.27 42.81 -21.58
N GLN B 121 7.46 43.90 -20.81
CA GLN B 121 7.72 43.76 -19.39
C GLN B 121 6.62 44.44 -18.59
N THR B 122 6.17 43.81 -17.53
CA THR B 122 5.20 44.45 -16.69
C THR B 122 5.46 44.14 -15.21
N SER B 123 5.18 45.09 -14.34
CA SER B 123 5.17 44.77 -12.93
C SER B 123 4.04 45.48 -12.25
N LEU B 124 3.60 44.91 -11.13
CA LEU B 124 2.50 45.48 -10.38
C LEU B 124 2.72 45.33 -8.89
N SER B 125 2.30 46.34 -8.15
CA SER B 125 2.30 46.33 -6.68
C SER B 125 0.93 46.77 -6.18
N ALA B 126 0.52 46.23 -5.02
CA ALA B 126 -0.81 46.49 -4.46
C ALA B 126 -0.80 47.33 -3.20
N THR B 127 -1.87 48.08 -3.01
CA THR B 127 -2.23 48.63 -1.72
C THR B 127 -3.33 47.73 -1.15
N SER B 128 -3.97 48.15 -0.06
CA SER B 128 -5.07 47.35 0.49
C SER B 128 -6.17 47.12 -0.53
N ARG B 129 -6.49 48.16 -1.30
CA ARG B 129 -7.66 48.12 -2.17
C ARG B 129 -7.37 48.48 -3.62
N GLY B 130 -6.14 48.87 -3.91
CA GLY B 130 -5.78 49.26 -5.28
C GLY B 130 -4.47 48.62 -5.72
N ALA B 131 -4.06 48.93 -6.95
CA ALA B 131 -2.81 48.46 -7.47
C ALA B 131 -2.28 49.46 -8.48
N VAL B 132 -0.97 49.43 -8.71
CA VAL B 132 -0.40 50.19 -9.79
C VAL B 132 0.50 49.27 -10.61
N PHE B 133 0.36 49.37 -11.94
CA PHE B 133 1.14 48.60 -12.91
C PHE B 133 2.12 49.54 -13.59
N GLU B 134 3.24 48.98 -14.04
CA GLU B 134 4.10 49.67 -14.98
C GLU B 134 4.24 48.73 -16.16
N VAL B 135 4.22 49.26 -17.38
CA VAL B 135 4.34 48.41 -18.57
C VAL B 135 5.35 48.99 -19.53
N SER B 136 6.30 48.14 -19.94
CA SER B 136 7.27 48.51 -20.97
CA SER B 136 7.28 48.49 -20.96
C SER B 136 6.97 47.70 -22.23
N PHE B 137 6.47 48.39 -23.26
CA PHE B 137 6.09 47.72 -24.51
C PHE B 137 7.28 47.51 -25.45
N PRO B 138 7.31 46.38 -26.18
CA PRO B 138 8.34 46.22 -27.21
C PRO B 138 8.19 47.29 -28.29
N GLU B 139 9.29 47.84 -28.79
CA GLU B 139 9.19 48.89 -29.79
C GLU B 139 8.69 48.34 -31.14
N LYS B 140 8.06 49.19 -31.93
CA LYS B 140 7.58 48.82 -33.27
C LYS B 140 6.54 47.69 -33.29
N GLU B 141 5.88 47.44 -32.16
CA GLU B 141 4.74 46.54 -32.10
C GLU B 141 3.53 47.31 -31.57
N ASP B 142 2.33 46.94 -31.98
CA ASP B 142 1.13 47.56 -31.45
C ASP B 142 1.10 47.36 -29.92
N GLN B 143 0.52 48.33 -29.22
CA GLN B 143 0.45 48.35 -27.76
C GLN B 143 -1.00 48.35 -27.28
N TYR B 144 -1.40 47.28 -26.59
CA TYR B 144 -2.73 47.19 -26.03
C TYR B 144 -2.74 46.91 -24.52
N VAL B 145 -3.84 47.27 -23.88
CA VAL B 145 -4.19 46.70 -22.59
C VAL B 145 -5.61 46.17 -22.71
N VAL B 146 -5.82 44.94 -22.26
CA VAL B 146 -7.14 44.35 -22.29
C VAL B 146 -7.66 44.32 -20.85
N VAL B 147 -8.88 44.81 -20.65
CA VAL B 147 -9.56 44.66 -19.37
C VAL B 147 -10.63 43.59 -19.54
N ASP B 148 -10.59 42.59 -18.67
CA ASP B 148 -11.52 41.46 -18.68
C ASP B 148 -12.35 41.54 -17.41
N ALA B 149 -13.64 41.83 -17.56
CA ALA B 149 -14.51 41.96 -16.39
C ALA B 149 -15.21 40.65 -16.01
N TYR B 150 -14.80 39.55 -16.66
CA TYR B 150 -15.23 38.20 -16.27
C TYR B 150 -16.67 37.94 -16.70
N ASN B 151 -17.13 36.70 -16.48
CA ASN B 151 -18.50 36.36 -16.85
C ASN B 151 -19.42 36.40 -15.64
N GLY B 152 -20.69 36.13 -15.86
CA GLY B 152 -21.66 36.16 -14.78
C GLY B 152 -22.39 37.49 -14.71
N GLY B 153 -22.20 38.34 -15.72
CA GLY B 153 -22.94 39.61 -15.80
C GLY B 153 -22.10 40.81 -15.45
N SER B 154 -21.27 41.25 -16.40
CA SER B 154 -20.37 42.38 -16.17
C SER B 154 -20.64 43.55 -17.10
N SER B 155 -19.98 44.67 -16.83
CA SER B 155 -20.09 45.85 -17.68
C SER B 155 -18.81 46.66 -17.58
N ILE B 156 -18.48 47.33 -18.68
CA ILE B 156 -17.30 48.18 -18.73
C ILE B 156 -17.64 49.49 -19.45
N THR B 157 -17.03 50.58 -19.01
CA THR B 157 -17.24 51.87 -19.64
C THR B 157 -15.90 52.56 -19.82
N ILE B 158 -15.59 52.95 -21.05
CA ILE B 158 -14.32 53.61 -21.33
C ILE B 158 -14.55 55.11 -21.39
N GLU B 159 -13.63 55.91 -20.84
CA GLU B 159 -13.69 57.35 -21.00
C GLU B 159 -12.38 57.80 -21.62
N PRO B 160 -12.28 57.64 -22.95
CA PRO B 160 -11.00 57.76 -23.67
C PRO B 160 -10.28 59.07 -23.37
N GLU B 161 -11.01 60.18 -23.46
CA GLU B 161 -10.39 61.48 -23.31
C GLU B 161 -9.84 61.67 -21.89
N LYS B 162 -10.46 61.03 -20.91
CA LYS B 162 -9.99 61.11 -19.52
C LYS B 162 -8.98 59.99 -19.18
N ARG B 163 -8.74 59.10 -20.13
CA ARG B 163 -7.86 57.96 -19.88
C ARG B 163 -8.35 57.10 -18.72
N LEU B 164 -9.68 56.97 -18.58
CA LEU B 164 -10.27 56.16 -17.51
C LEU B 164 -11.07 54.99 -18.07
N VAL B 165 -11.12 53.89 -17.32
CA VAL B 165 -12.02 52.79 -17.61
C VAL B 165 -12.70 52.42 -16.29
N LYS B 166 -13.99 52.19 -16.32
CA LYS B 166 -14.72 51.79 -15.12
C LYS B 166 -15.63 50.61 -15.43
N GLY B 167 -15.97 49.83 -14.41
CA GLY B 167 -16.85 48.70 -14.66
C GLY B 167 -17.37 48.05 -13.42
N ALA B 168 -18.13 46.97 -13.62
CA ALA B 168 -18.65 46.19 -12.52
C ALA B 168 -18.46 44.72 -12.89
N THR B 169 -18.00 43.92 -11.93
CA THR B 169 -17.91 42.49 -12.11
C THR B 169 -18.81 41.85 -11.06
N ARG B 170 -19.57 40.83 -11.46
CA ARG B 170 -20.53 40.21 -10.56
C ARG B 170 -20.25 38.73 -10.41
N TYR B 171 -19.19 38.28 -11.07
CA TYR B 171 -18.81 36.89 -10.96
C TYR B 171 -18.75 36.47 -9.50
N ASN B 172 -19.31 35.31 -9.20
CA ASN B 172 -19.17 34.73 -7.88
C ASN B 172 -19.43 33.22 -7.94
N ASN B 173 -19.13 32.54 -6.85
CA ASN B 173 -19.38 31.12 -6.75
C ASN B 173 -20.32 30.79 -5.60
N GLY B 174 -21.24 31.72 -5.33
CA GLY B 174 -22.21 31.58 -4.26
C GLY B 174 -21.88 32.50 -3.09
N GLY B 175 -22.76 32.46 -2.10
CA GLY B 175 -22.60 33.27 -0.88
C GLY B 175 -22.58 34.76 -1.10
N VAL B 176 -23.36 35.26 -2.06
CA VAL B 176 -23.51 36.71 -2.26
C VAL B 176 -24.99 37.09 -2.25
N PRO B 177 -25.29 38.31 -1.76
CA PRO B 177 -26.65 38.86 -1.88
C PRO B 177 -26.96 39.20 -3.33
N ASP B 178 -28.25 39.37 -3.62
CA ASP B 178 -28.72 39.63 -4.98
C ASP B 178 -28.13 40.85 -5.65
N ASN B 179 -27.84 41.89 -4.87
CA ASN B 179 -27.32 43.12 -5.45
C ASN B 179 -25.78 43.18 -5.54
N PHE B 180 -25.12 42.04 -5.33
CA PHE B 180 -23.64 41.99 -5.27
C PHE B 180 -22.93 42.51 -6.53
N ALA B 181 -21.88 43.32 -6.34
CA ALA B 181 -20.94 43.66 -7.40
C ALA B 181 -19.63 44.19 -6.81
N ASN B 182 -18.55 44.07 -7.58
CA ASN B 182 -17.34 44.80 -7.28
C ASN B 182 -17.23 45.90 -8.33
N TYR B 183 -17.09 47.13 -7.87
CA TYR B 183 -17.03 48.29 -8.74
C TYR B 183 -15.58 48.73 -8.87
N PHE B 184 -15.06 48.77 -10.10
CA PHE B 184 -13.65 49.11 -10.28
C PHE B 184 -13.42 50.33 -11.18
N MET B 185 -12.27 50.96 -11.01
CA MET B 185 -11.85 52.01 -11.93
C MET B 185 -10.35 51.95 -12.13
N MET B 186 -9.91 52.42 -13.28
CA MET B 186 -8.49 52.49 -13.55
C MET B 186 -8.18 53.71 -14.40
N GLU B 187 -6.95 54.18 -14.30
CA GLU B 187 -6.51 55.35 -15.04
C GLU B 187 -5.21 54.99 -15.73
N PHE B 188 -5.04 55.47 -16.96
CA PHE B 188 -3.82 55.22 -17.71
C PHE B 188 -3.03 56.52 -17.88
N SER B 189 -1.71 56.41 -17.90
CA SER B 189 -0.83 57.59 -17.91
C SER B 189 -0.71 58.24 -19.28
N HIS B 190 -1.00 57.49 -20.34
CA HIS B 190 -0.76 57.97 -21.71
C HIS B 190 -2.06 58.01 -22.51
N PRO B 191 -2.12 58.88 -23.53
CA PRO B 191 -3.30 59.01 -24.38
C PRO B 191 -3.81 57.70 -24.94
N VAL B 192 -5.12 57.51 -24.95
CA VAL B 192 -5.72 56.36 -25.58
C VAL B 192 -5.91 56.63 -27.08
N ILE B 193 -5.29 55.81 -27.92
CA ILE B 193 -5.29 56.06 -29.37
C ILE B 193 -6.50 55.40 -30.03
N GLU B 194 -6.82 54.18 -29.61
CA GLU B 194 -8.04 53.49 -30.06
C GLU B 194 -8.59 52.69 -28.89
N TYR B 195 -9.82 52.22 -29.02
CA TYR B 195 -10.46 51.50 -27.92
C TYR B 195 -11.65 50.72 -28.46
N GLY B 196 -12.20 49.82 -27.65
CA GLY B 196 -13.33 49.02 -28.09
C GLY B 196 -13.69 47.97 -27.09
N THR B 197 -14.80 47.28 -27.35
CA THR B 197 -15.35 46.33 -26.39
C THR B 197 -15.68 44.98 -26.99
N TYR B 198 -16.01 44.04 -26.11
CA TYR B 198 -16.23 42.66 -26.49
C TYR B 198 -17.27 42.12 -25.55
N ASN B 199 -18.24 41.38 -26.09
CA ASN B 199 -19.33 40.88 -25.26
C ASN B 199 -19.44 39.36 -25.27
N GLY B 200 -18.33 38.67 -25.53
CA GLY B 200 -18.32 37.21 -25.56
C GLY B 200 -18.68 36.68 -26.94
N ASP B 201 -19.26 37.54 -27.78
CA ASP B 201 -19.67 37.14 -29.12
C ASP B 201 -18.91 37.92 -30.17
N THR B 202 -19.05 39.24 -30.13
CA THR B 202 -18.48 40.11 -31.14
C THR B 202 -17.62 41.20 -30.53
N LEU B 203 -16.62 41.64 -31.29
CA LEU B 203 -15.74 42.73 -30.91
C LEU B 203 -16.28 44.01 -31.52
N LEU B 204 -16.58 45.01 -30.68
CA LEU B 204 -17.09 46.29 -31.19
C LEU B 204 -16.09 47.45 -31.08
N HIS B 205 -15.48 47.80 -32.21
CA HIS B 205 -14.43 48.82 -32.25
C HIS B 205 -14.95 50.26 -32.11
N HIS B 206 -14.25 51.04 -31.30
CA HIS B 206 -14.56 52.46 -31.09
C HIS B 206 -15.92 52.64 -30.42
N GLN B 207 -16.30 51.65 -29.61
CA GLN B 207 -17.48 51.77 -28.76
C GLN B 207 -16.99 51.85 -27.31
N THR B 208 -17.61 52.71 -26.51
CA THR B 208 -17.13 52.95 -25.15
C THR B 208 -17.81 52.10 -24.08
N ASP B 209 -18.98 51.55 -24.39
CA ASP B 209 -19.79 50.86 -23.35
C ASP B 209 -20.20 49.45 -23.73
N VAL B 210 -20.10 48.52 -22.78
CA VAL B 210 -20.51 47.14 -23.02
C VAL B 210 -21.06 46.48 -21.73
N ALA B 211 -22.10 45.67 -21.89
CA ALA B 211 -22.66 44.89 -20.76
C ALA B 211 -23.22 43.55 -21.25
N ALA B 212 -22.80 42.46 -20.63
CA ALA B 212 -23.25 41.11 -21.02
C ALA B 212 -22.77 40.07 -20.02
N ASP B 213 -23.12 38.81 -20.24
CA ASP B 213 -22.64 37.78 -19.33
C ASP B 213 -21.12 37.90 -19.17
N TYR B 214 -20.42 38.04 -20.29
CA TYR B 214 -18.95 38.14 -20.30
C TYR B 214 -18.56 39.37 -21.10
N THR B 215 -17.66 40.19 -20.55
CA THR B 215 -17.23 41.43 -21.22
C THR B 215 -15.75 41.75 -21.06
N CYS B 216 -15.11 42.18 -22.14
CA CYS B 216 -13.75 42.70 -22.09
C CYS B 216 -13.74 44.05 -22.81
N ALA B 217 -12.68 44.81 -22.62
CA ALA B 217 -12.47 46.04 -23.37
C ALA B 217 -10.99 46.15 -23.72
N TYR B 218 -10.66 46.90 -24.77
CA TYR B 218 -9.26 47.09 -25.12
C TYR B 218 -8.96 48.57 -25.27
N LEU B 219 -7.74 48.95 -24.91
CA LEU B 219 -7.22 50.28 -25.19
C LEU B 219 -5.94 50.10 -25.98
N LYS B 220 -5.73 50.96 -26.96
CA LYS B 220 -4.50 50.92 -27.75
C LYS B 220 -3.73 52.20 -27.44
N PHE B 221 -2.42 52.06 -27.24
CA PHE B 221 -1.59 53.21 -26.88
C PHE B 221 -0.48 53.47 -27.91
N ASP B 222 0.26 54.54 -27.67
CA ASP B 222 1.40 54.87 -28.48
C ASP B 222 2.46 55.48 -27.56
N VAL B 223 2.89 54.70 -26.57
CA VAL B 223 3.90 55.13 -25.62
C VAL B 223 5.24 55.29 -26.36
N PRO B 224 5.87 56.47 -26.23
CA PRO B 224 7.16 56.71 -26.90
C PRO B 224 8.22 55.76 -26.40
N ALA B 225 9.21 55.47 -27.25
CA ALA B 225 10.32 54.63 -26.84
C ALA B 225 10.96 55.23 -25.60
N GLY B 226 11.34 54.38 -24.65
CA GLY B 226 11.98 54.86 -23.43
C GLY B 226 10.98 55.23 -22.34
N GLU B 227 9.69 55.30 -22.68
CA GLU B 227 8.69 55.61 -21.65
C GLU B 227 7.89 54.36 -21.28
N LYS B 228 7.26 54.40 -20.10
CA LYS B 228 6.47 53.27 -19.63
C LYS B 228 5.01 53.69 -19.37
N LEU B 229 4.09 52.77 -19.60
CA LEU B 229 2.70 53.04 -19.29
C LEU B 229 2.46 52.78 -17.81
N THR B 230 1.85 53.74 -17.12
CA THR B 230 1.41 53.49 -15.73
C THR B 230 -0.08 53.23 -15.70
N ILE B 231 -0.49 52.21 -14.94
CA ILE B 231 -1.89 51.88 -14.80
C ILE B 231 -2.19 51.91 -13.33
N ARG B 232 -3.16 52.75 -12.95
CA ARG B 232 -3.60 52.85 -11.55
C ARG B 232 -5.03 52.35 -11.43
N THR B 233 -5.30 51.53 -10.41
CA THR B 233 -6.60 50.95 -10.32
C THR B 233 -7.01 50.75 -8.86
N ALA B 234 -8.30 50.82 -8.58
CA ALA B 234 -8.85 50.46 -7.27
C ALA B 234 -10.31 50.02 -7.44
N SER B 235 -10.87 49.40 -6.41
CA SER B 235 -12.25 48.96 -6.49
C SER B 235 -12.90 49.01 -5.13
N SER B 236 -14.22 48.81 -5.11
CA SER B 236 -15.01 48.88 -3.91
C SER B 236 -16.17 47.88 -4.03
N PHE B 237 -16.65 47.37 -2.90
CA PHE B 237 -17.85 46.55 -2.95
C PHE B 237 -19.09 47.38 -2.62
N ILE B 238 -18.87 48.65 -2.31
CA ILE B 238 -19.97 49.52 -1.91
C ILE B 238 -20.57 50.26 -3.10
N SER B 239 -19.75 50.98 -3.85
CA SER B 239 -20.26 51.77 -4.97
C SER B 239 -19.12 52.27 -5.85
N PRO B 240 -19.44 52.72 -7.08
CA PRO B 240 -18.41 53.36 -7.89
C PRO B 240 -17.85 54.61 -7.21
N GLU B 241 -18.70 55.34 -6.49
CA GLU B 241 -18.25 56.50 -5.73
C GLU B 241 -17.17 56.11 -4.72
N GLN B 242 -17.42 55.02 -3.99
CA GLN B 242 -16.46 54.57 -2.98
C GLN B 242 -15.17 54.06 -3.65
N ALA B 243 -15.32 53.42 -4.82
CA ALA B 243 -14.14 52.98 -5.56
C ALA B 243 -13.25 54.19 -5.88
N ALA B 244 -13.86 55.30 -6.27
CA ALA B 244 -13.12 56.52 -6.55
C ALA B 244 -12.46 57.07 -5.29
N ILE B 245 -13.14 56.98 -4.15
CA ILE B 245 -12.54 57.40 -2.89
C ILE B 245 -11.31 56.55 -2.58
N ASN B 246 -11.44 55.24 -2.77
CA ASN B 246 -10.33 54.32 -2.55
C ASN B 246 -9.18 54.66 -3.51
N PHE B 247 -9.52 54.85 -4.77
CA PHE B 247 -8.52 55.23 -5.78
C PHE B 247 -7.77 56.47 -5.33
N ASN B 248 -8.52 57.52 -5.01
CA ASN B 248 -7.91 58.80 -4.68
C ASN B 248 -7.02 58.74 -3.43
N ARG B 249 -7.49 58.07 -2.39
CA ARG B 249 -6.68 57.89 -1.20
C ARG B 249 -5.46 56.97 -1.39
N GLU B 250 -5.63 55.86 -2.13
CA GLU B 250 -4.58 54.84 -2.15
C GLU B 250 -3.58 54.87 -3.30
N VAL B 251 -4.04 55.19 -4.52
CA VAL B 251 -3.13 55.08 -5.68
C VAL B 251 -3.03 56.30 -6.62
N ALA B 252 -3.91 57.28 -6.45
CA ALA B 252 -3.85 58.47 -7.32
C ALA B 252 -2.44 59.05 -7.33
N ASP B 253 -1.94 59.36 -8.53
CA ASP B 253 -0.64 60.00 -8.72
C ASP B 253 0.58 59.13 -8.43
N ALA B 254 0.37 57.87 -8.05
CA ALA B 254 1.50 57.01 -7.70
C ALA B 254 2.12 56.29 -8.89
N ASP B 255 3.42 56.03 -8.83
CA ASP B 255 3.99 55.09 -9.77
C ASP B 255 4.18 53.73 -9.06
N VAL B 256 4.60 52.71 -9.80
CA VAL B 256 4.66 51.38 -9.21
C VAL B 256 5.75 51.36 -8.13
N GLN B 257 6.80 52.14 -8.32
CA GLN B 257 7.89 52.23 -7.36
C GLN B 257 7.38 52.69 -6.00
N LEU B 258 6.48 53.67 -5.99
CA LEU B 258 5.96 54.19 -4.74
C LEU B 258 5.15 53.12 -4.03
N ILE B 259 4.25 52.47 -4.76
CA ILE B 259 3.37 51.50 -4.16
C ILE B 259 4.17 50.28 -3.67
N SER B 260 5.13 49.87 -4.49
CA SER B 260 6.06 48.80 -4.12
C SER B 260 6.78 49.10 -2.80
N GLY B 261 7.37 50.28 -2.69
CA GLY B 261 8.12 50.66 -1.49
C GLY B 261 7.21 50.65 -0.26
N LYS B 262 5.98 51.11 -0.45
CA LYS B 262 5.04 51.15 0.65
C LYS B 262 4.65 49.76 1.14
N ALA B 263 4.34 48.86 0.19
CA ALA B 263 3.97 47.50 0.57
C ALA B 263 5.17 46.77 1.18
N ARG B 264 6.35 47.03 0.64
CA ARG B 264 7.54 46.40 1.14
C ARG B 264 7.72 46.74 2.63
N GLU B 265 7.59 48.02 2.97
CA GLU B 265 7.67 48.48 4.36
C GLU B 265 6.57 47.86 5.24
N GLN B 266 5.33 47.79 4.75
CA GLN B 266 4.27 47.14 5.50
C GLN B 266 4.62 45.68 5.81
N TRP B 267 5.08 44.94 4.81
CA TRP B 267 5.42 43.52 5.06
C TRP B 267 6.56 43.42 6.05
N ASN B 268 7.59 44.23 5.86
CA ASN B 268 8.71 44.19 6.80
C ASN B 268 8.22 44.50 8.22
N ASN B 269 7.30 45.46 8.35
CA ASN B 269 6.77 45.81 9.66
C ASN B 269 6.00 44.64 10.31
N TYR B 270 5.10 44.03 9.56
CA TYR B 270 4.28 42.95 10.14
C TYR B 270 5.03 41.63 10.32
N LEU B 271 5.86 41.24 9.34
CA LEU B 271 6.64 40.01 9.46
C LEU B 271 7.65 40.18 10.60
N GLY B 272 8.12 41.41 10.78
CA GLY B 272 9.13 41.71 11.82
C GLY B 272 8.68 41.61 13.27
N ARG B 273 7.38 41.37 13.48
CA ARG B 273 6.91 41.13 14.85
C ARG B 273 7.43 39.82 15.44
N VAL B 274 7.92 38.94 14.57
CA VAL B 274 8.73 37.83 15.09
C VAL B 274 10.05 37.79 14.33
N GLU B 275 11.14 37.95 15.08
CA GLU B 275 12.48 37.96 14.50
C GLU B 275 13.21 36.65 14.73
N ALA B 276 13.41 35.90 13.66
CA ALA B 276 14.17 34.65 13.68
C ALA B 276 15.63 34.91 13.39
N GLU B 277 16.52 34.35 14.23
CA GLU B 277 17.95 34.50 14.00
C GLU B 277 18.64 33.17 14.23
N GLY B 278 19.72 32.91 13.50
CA GLY B 278 20.47 31.67 13.72
C GLY B 278 19.79 30.46 13.08
N GLY B 279 19.71 30.47 11.76
CA GLY B 279 19.19 29.35 10.96
C GLY B 279 19.71 29.49 9.54
N THR B 280 19.42 28.52 8.68
CA THR B 280 19.93 28.57 7.30
C THR B 280 19.03 29.48 6.48
N ASP B 281 19.50 29.93 5.31
CA ASP B 281 18.64 30.71 4.44
C ASP B 281 17.36 29.94 4.11
N GLU B 282 17.48 28.63 3.89
CA GLU B 282 16.30 27.83 3.55
C GLU B 282 15.27 27.82 4.69
N GLN B 283 15.73 27.74 5.93
CA GLN B 283 14.80 27.83 7.09
C GLN B 283 14.15 29.20 7.21
N LEU B 284 14.95 30.25 7.01
CA LEU B 284 14.41 31.60 7.04
C LEU B 284 13.41 31.80 5.91
N ARG B 285 13.72 31.32 4.70
CA ARG B 285 12.77 31.43 3.59
CA ARG B 285 12.77 31.44 3.60
C ARG B 285 11.48 30.68 3.89
N THR B 286 11.60 29.46 4.40
CA THR B 286 10.39 28.69 4.73
C THR B 286 9.56 29.39 5.80
N PHE B 287 10.22 29.85 6.87
CA PHE B 287 9.53 30.48 8.00
C PHE B 287 8.80 31.76 7.57
N TYR B 288 9.51 32.66 6.89
CA TYR B 288 8.86 33.91 6.50
C TYR B 288 7.84 33.76 5.38
N SER B 289 8.03 32.76 4.54
CA SER B 289 7.05 32.48 3.48
C SER B 289 5.75 32.01 4.14
N CYS B 290 5.89 31.13 5.13
CA CYS B 290 4.73 30.68 5.90
C CYS B 290 4.06 31.83 6.64
N LEU B 291 4.86 32.71 7.23
CA LEU B 291 4.30 33.84 7.96
C LEU B 291 3.52 34.76 7.02
N TYR B 292 4.10 35.06 5.85
CA TYR B 292 3.38 35.82 4.83
C TYR B 292 2.01 35.20 4.54
N ARG B 293 1.98 33.89 4.32
CA ARG B 293 0.72 33.22 3.99
C ARG B 293 -0.28 33.41 5.12
N THR B 294 0.19 33.46 6.35
CA THR B 294 -0.73 33.53 7.50
C THR B 294 -1.32 34.93 7.63
N LEU B 295 -0.65 35.93 7.06
CA LEU B 295 -1.14 37.30 7.22
C LEU B 295 -2.07 37.75 6.09
N LEU B 296 -2.44 36.84 5.20
CA LEU B 296 -3.32 37.21 4.07
C LEU B 296 -4.79 37.13 4.44
N PHE B 297 -5.20 36.02 5.08
CA PHE B 297 -6.61 35.77 5.38
C PHE B 297 -6.90 35.76 6.88
N PRO B 298 -8.15 36.02 7.30
CA PRO B 298 -9.27 36.45 6.46
C PRO B 298 -8.99 37.89 6.02
N ARG B 299 -9.53 38.30 4.87
CA ARG B 299 -9.31 39.65 4.39
C ARG B 299 -10.22 40.66 5.09
N GLU B 300 -9.70 41.88 5.23
CA GLU B 300 -10.54 43.03 5.58
C GLU B 300 -11.55 43.21 4.44
N PHE B 301 -12.80 43.44 4.81
CA PHE B 301 -13.85 43.64 3.81
C PHE B 301 -14.49 45.00 4.06
N TYR B 302 -13.82 45.83 4.84
CA TYR B 302 -14.28 47.20 5.07
C TYR B 302 -13.45 48.23 4.31
N GLU B 303 -14.01 49.44 4.23
CA GLU B 303 -13.47 50.52 3.43
C GLU B 303 -13.63 51.83 4.22
N PHE B 304 -12.89 52.87 3.86
CA PHE B 304 -13.00 54.12 4.59
C PHE B 304 -13.70 55.19 3.75
N ASP B 305 -14.81 55.69 4.27
CA ASP B 305 -15.67 56.60 3.52
C ASP B 305 -15.07 57.99 3.44
N SER B 306 -15.84 58.95 2.93
CA SER B 306 -15.30 60.28 2.67
C SER B 306 -14.83 60.98 3.95
N GLN B 307 -15.35 60.54 5.09
CA GLN B 307 -14.98 61.13 6.36
C GLN B 307 -13.87 60.33 7.02
N GLY B 308 -13.43 59.27 6.35
CA GLY B 308 -12.39 58.44 6.91
C GLY B 308 -12.88 57.44 7.93
N ASN B 309 -14.19 57.14 7.91
CA ASN B 309 -14.75 56.16 8.85
C ASN B 309 -14.97 54.80 8.20
N PRO B 310 -14.73 53.71 8.94
CA PRO B 310 -14.85 52.35 8.38
C PRO B 310 -16.30 51.97 8.07
N VAL B 311 -16.54 51.54 6.83
CA VAL B 311 -17.85 51.11 6.38
C VAL B 311 -17.69 49.81 5.59
N TYR B 312 -18.76 49.04 5.42
CA TYR B 312 -18.65 47.86 4.56
C TYR B 312 -19.95 47.49 3.89
N TYR B 313 -19.84 46.95 2.68
CA TYR B 313 -20.93 46.22 2.06
C TYR B 313 -21.03 44.86 2.75
N SER B 314 -22.19 44.54 3.32
CA SER B 314 -22.34 43.25 3.98
C SER B 314 -22.63 42.14 2.98
N PRO B 315 -21.80 41.07 2.96
CA PRO B 315 -22.12 39.95 2.07
C PRO B 315 -23.17 39.04 2.71
N TYR B 316 -23.70 39.47 3.85
CA TYR B 316 -24.73 38.74 4.57
C TYR B 316 -26.11 39.33 4.32
N ASP B 317 -26.25 40.66 4.27
CA ASP B 317 -27.58 41.22 4.03
C ASP B 317 -27.65 42.19 2.84
N GLY B 318 -26.49 42.48 2.24
CA GLY B 318 -26.46 43.29 1.04
C GLY B 318 -26.57 44.79 1.27
N ASN B 319 -26.61 45.19 2.54
CA ASN B 319 -26.65 46.63 2.85
C ASN B 319 -25.29 47.17 3.29
N VAL B 320 -25.17 48.49 3.36
CA VAL B 320 -23.92 49.12 3.81
C VAL B 320 -23.99 49.43 5.30
N HIS B 321 -22.94 49.10 6.05
CA HIS B 321 -22.95 49.24 7.50
C HIS B 321 -21.74 50.02 7.95
N ASP B 322 -21.82 50.59 9.15
CA ASP B 322 -20.66 51.18 9.82
C ASP B 322 -19.91 50.11 10.60
N GLY B 323 -18.58 50.13 10.53
CA GLY B 323 -17.78 49.23 11.33
C GLY B 323 -16.95 48.27 10.49
N TYR B 324 -16.76 47.06 11.02
CA TYR B 324 -15.80 46.12 10.43
C TYR B 324 -16.42 44.85 9.91
N MET B 325 -15.87 44.36 8.81
CA MET B 325 -16.25 43.06 8.31
C MET B 325 -14.99 42.40 7.76
N TYR B 326 -14.92 41.06 7.87
CA TYR B 326 -13.84 40.27 7.30
C TYR B 326 -14.47 39.10 6.57
N THR B 327 -13.72 38.45 5.67
CA THR B 327 -14.25 37.29 5.00
C THR B 327 -13.13 36.45 4.41
N ASP B 328 -13.52 35.39 3.70
CA ASP B 328 -12.60 34.47 3.06
C ASP B 328 -11.83 33.63 4.09
N ASN B 329 -12.59 32.84 4.85
CA ASN B 329 -12.00 32.03 5.90
C ASN B 329 -12.91 30.86 6.10
N GLY B 330 -12.32 29.66 6.15
CA GLY B 330 -13.01 28.52 6.76
C GLY B 330 -12.48 28.33 8.18
N PHE B 331 -13.29 28.67 9.19
CA PHE B 331 -12.86 28.53 10.58
C PHE B 331 -12.50 27.08 10.93
N TRP B 332 -13.07 26.12 10.22
CA TRP B 332 -12.70 24.70 10.43
C TRP B 332 -11.19 24.52 10.24
N ASP B 333 -10.60 25.28 9.31
CA ASP B 333 -9.14 25.25 9.13
C ASP B 333 -8.47 26.18 10.13
N THR B 334 -8.93 27.43 10.15
CA THR B 334 -8.14 28.53 10.70
C THR B 334 -8.19 28.72 12.23
N PHE B 335 -9.16 28.09 12.88
CA PHE B 335 -9.23 28.22 14.35
C PHE B 335 -8.05 27.55 15.04
N ARG B 336 -7.42 26.60 14.34
CA ARG B 336 -6.44 25.71 14.97
C ARG B 336 -5.14 26.42 15.32
N ALA B 337 -4.67 27.28 14.41
CA ALA B 337 -3.40 27.97 14.66
C ALA B 337 -3.32 29.37 14.08
N VAL B 338 -3.99 29.63 12.96
CA VAL B 338 -3.97 30.97 12.33
C VAL B 338 -4.53 32.02 13.29
N HIS B 339 -5.76 31.82 13.76
CA HIS B 339 -6.30 32.82 14.67
C HIS B 339 -5.58 32.91 16.01
N PRO B 340 -5.20 31.76 16.58
CA PRO B 340 -4.37 31.89 17.77
C PRO B 340 -3.10 32.71 17.55
N LEU B 341 -2.50 32.59 16.37
CA LEU B 341 -1.32 33.40 16.06
C LEU B 341 -1.64 34.91 16.10
N PHE B 342 -2.77 35.28 15.51
CA PHE B 342 -3.24 36.67 15.57
C PHE B 342 -3.42 37.09 17.03
N THR B 343 -4.04 36.24 17.85
CA THR B 343 -4.32 36.68 19.24
C THR B 343 -3.05 37.00 19.98
N LEU B 344 -1.95 36.38 19.56
CA LEU B 344 -0.67 36.55 20.25
C LEU B 344 0.10 37.74 19.66
N LEU B 345 0.36 37.69 18.36
CA LEU B 345 1.22 38.69 17.70
C LEU B 345 0.48 39.81 16.95
N TYR B 346 -0.77 39.58 16.55
CA TYR B 346 -1.55 40.57 15.78
C TYR B 346 -2.95 40.76 16.40
N PRO B 347 -3.00 41.04 17.70
CA PRO B 347 -4.30 41.02 18.39
C PRO B 347 -5.27 42.11 17.93
N GLU B 348 -4.76 43.21 17.37
CA GLU B 348 -5.64 44.26 16.84
C GLU B 348 -6.48 43.69 15.68
N VAL B 349 -5.97 42.66 15.00
CA VAL B 349 -6.75 41.99 13.97
C VAL B 349 -7.86 41.16 14.61
N SER B 350 -7.50 40.37 15.62
CA SER B 350 -8.50 39.57 16.37
C SER B 350 -9.59 40.46 16.95
N GLU B 351 -9.23 41.65 17.42
CA GLU B 351 -10.24 42.56 17.95
C GLU B 351 -11.34 42.85 16.91
N ARG B 352 -10.93 43.07 15.66
CA ARG B 352 -11.85 43.40 14.56
C ARG B 352 -12.54 42.16 13.99
N VAL B 353 -11.81 41.04 13.96
CA VAL B 353 -12.34 39.80 13.41
C VAL B 353 -13.49 39.27 14.31
N THR B 354 -13.29 39.33 15.61
CA THR B 354 -14.31 38.85 16.54
C THR B 354 -15.57 39.73 16.41
N GLN B 355 -15.41 41.05 16.30
CA GLN B 355 -16.57 41.93 16.06
C GLN B 355 -17.31 41.57 14.77
N SER B 356 -16.55 41.26 13.73
CA SER B 356 -17.14 40.97 12.42
CA SER B 356 -17.14 40.97 12.42
C SER B 356 -17.95 39.68 12.45
N ILE B 357 -17.51 38.72 13.25
CA ILE B 357 -18.28 37.49 13.43
C ILE B 357 -19.65 37.83 13.99
N ILE B 358 -19.68 38.67 15.02
CA ILE B 358 -20.96 39.08 15.63
C ILE B 358 -21.80 39.94 14.66
N ASN B 359 -21.14 40.83 13.91
CA ASN B 359 -21.82 41.56 12.84
C ASN B 359 -22.52 40.61 11.85
N ALA B 360 -21.82 39.54 11.43
CA ALA B 360 -22.41 38.59 10.48
C ALA B 360 -23.62 37.89 11.10
N TYR B 361 -23.52 37.57 12.38
CA TYR B 361 -24.63 37.00 13.14
C TYR B 361 -25.82 37.95 13.13
N ASN B 362 -25.56 39.22 13.41
CA ASN B 362 -26.65 40.23 13.45
C ASN B 362 -27.27 40.42 12.07
N GLU B 363 -26.47 40.27 11.03
CA GLU B 363 -26.95 40.45 9.66
C GLU B 363 -27.61 39.21 9.03
N SER B 364 -27.30 38.02 9.53
CA SER B 364 -27.74 36.80 8.85
C SER B 364 -28.50 35.82 9.74
N GLY B 365 -28.38 35.99 11.06
CA GLY B 365 -29.00 35.05 12.00
C GLY B 365 -28.09 33.93 12.47
N PHE B 366 -26.92 33.79 11.84
CA PHE B 366 -25.93 32.75 12.20
C PHE B 366 -24.51 33.28 12.13
N MET B 367 -23.61 32.71 12.93
CA MET B 367 -22.20 33.03 12.74
C MET B 367 -21.70 32.29 11.52
N PRO B 368 -20.71 32.88 10.82
CA PRO B 368 -20.12 32.17 9.69
C PRO B 368 -19.22 31.02 10.16
N GLU B 369 -19.11 30.00 9.32
CA GLU B 369 -18.12 28.95 9.50
C GLU B 369 -17.19 28.98 8.27
N TRP B 370 -17.76 28.79 7.08
CA TRP B 370 -17.01 29.08 5.86
C TRP B 370 -17.68 30.29 5.21
N ALA B 371 -16.89 31.33 4.96
CA ALA B 371 -17.40 32.57 4.38
C ALA B 371 -16.54 32.98 3.18
N SER B 372 -17.18 33.22 2.04
CA SER B 372 -16.49 33.69 0.83
C SER B 372 -17.50 34.14 -0.24
N PRO B 373 -17.96 35.41 -0.16
CA PRO B 373 -17.73 36.36 0.93
C PRO B 373 -18.77 36.19 2.05
N GLY B 374 -19.94 35.67 1.68
CA GLY B 374 -20.99 35.37 2.65
C GLY B 374 -21.03 33.89 2.94
N HIS B 375 -22.12 33.39 3.54
CA HIS B 375 -22.17 31.98 3.93
C HIS B 375 -21.98 31.02 2.75
N ARG B 376 -21.07 30.05 2.92
CA ARG B 376 -20.85 29.01 1.90
C ARG B 376 -20.90 27.63 2.52
N GLY B 377 -21.57 26.70 1.86
CA GLY B 377 -21.70 25.32 2.35
C GLY B 377 -20.38 24.58 2.18
N CYS B 378 -19.61 24.45 3.25
CA CYS B 378 -18.32 23.79 3.16
C CYS B 378 -17.82 23.39 4.55
N MET B 379 -17.34 22.15 4.68
CA MET B 379 -16.79 21.61 5.92
C MET B 379 -17.83 21.51 7.04
N ILE B 380 -17.36 21.57 8.28
CA ILE B 380 -18.18 21.19 9.43
C ILE B 380 -17.76 21.93 10.68
N GLY B 381 -18.54 21.76 11.75
CA GLY B 381 -18.15 22.27 13.06
C GLY B 381 -18.74 23.62 13.42
N ASN B 382 -18.46 24.06 14.65
CA ASN B 382 -18.87 25.37 15.14
C ASN B 382 -17.65 26.12 15.63
N ASN B 383 -16.62 26.17 14.80
CA ASN B 383 -15.35 26.73 15.26
C ASN B 383 -15.31 28.26 15.26
N SER B 384 -16.36 28.88 14.74
CA SER B 384 -16.60 30.29 14.99
C SER B 384 -16.55 30.55 16.50
N VAL B 385 -17.11 29.61 17.26
CA VAL B 385 -17.12 29.71 18.69
C VAL B 385 -15.69 29.75 19.25
N SER B 386 -14.81 28.93 18.69
CA SER B 386 -13.42 28.91 19.11
C SER B 386 -12.71 30.24 18.93
N LEU B 387 -12.90 30.89 17.78
CA LEU B 387 -12.31 32.21 17.57
C LEU B 387 -12.72 33.18 18.68
N LEU B 388 -14.01 33.22 18.98
CA LEU B 388 -14.51 34.15 20.01
C LEU B 388 -13.95 33.82 21.41
N VAL B 389 -14.00 32.53 21.78
CA VAL B 389 -13.61 32.12 23.13
C VAL B 389 -12.10 32.16 23.30
N ASP B 390 -11.35 31.70 22.31
CA ASP B 390 -9.88 31.74 22.46
C ASP B 390 -9.45 33.20 22.67
N ALA B 391 -9.97 34.12 21.86
CA ALA B 391 -9.66 35.55 22.02
C ALA B 391 -10.13 36.06 23.40
N TRP B 392 -11.35 35.72 23.78
CA TRP B 392 -11.93 36.21 25.04
C TRP B 392 -11.09 35.80 26.24
N MET B 393 -10.66 34.54 26.27
CA MET B 393 -9.89 34.05 27.41
C MET B 393 -8.45 34.57 27.43
N LYS B 394 -8.07 35.25 26.36
CA LYS B 394 -6.78 35.94 26.30
C LYS B 394 -6.92 37.45 26.50
N GLY B 395 -8.11 37.91 26.85
CA GLY B 395 -8.31 39.31 27.14
C GLY B 395 -8.75 40.17 25.97
N ILE B 396 -9.03 39.54 24.83
CA ILE B 396 -9.52 40.28 23.66
C ILE B 396 -11.03 40.21 23.72
N GLN B 397 -11.65 41.34 24.06
CA GLN B 397 -13.06 41.38 24.40
C GLN B 397 -13.67 42.63 23.79
N THR B 398 -14.08 42.54 22.55
CA THR B 398 -14.55 43.71 21.83
C THR B 398 -16.01 43.54 21.46
N VAL B 399 -16.60 42.44 21.88
CA VAL B 399 -18.02 42.23 21.58
C VAL B 399 -18.82 42.18 22.89
N ASP B 400 -20.12 42.41 22.78
CA ASP B 400 -21.04 42.35 23.91
C ASP B 400 -21.10 40.91 24.38
N ALA B 401 -20.81 40.69 25.67
CA ALA B 401 -20.75 39.33 26.20
C ALA B 401 -22.05 38.57 26.03
N GLU B 402 -23.17 39.21 26.38
CA GLU B 402 -24.47 38.56 26.25
C GLU B 402 -24.78 38.24 24.80
N LYS B 403 -24.49 39.17 23.89
CA LYS B 403 -24.73 38.92 22.48
C LYS B 403 -23.88 37.74 21.98
N ALA B 404 -22.61 37.69 22.38
CA ALA B 404 -21.74 36.59 21.98
C ALA B 404 -22.25 35.24 22.49
N LEU B 405 -22.69 35.19 23.74
CA LEU B 405 -23.20 33.94 24.31
C LEU B 405 -24.49 33.50 23.59
N GLU B 406 -25.38 34.45 23.36
CA GLU B 406 -26.58 34.19 22.57
C GLU B 406 -26.22 33.59 21.20
N ALA B 407 -25.27 34.19 20.52
CA ALA B 407 -24.90 33.73 19.19
C ALA B 407 -24.30 32.32 19.21
N MET B 408 -23.47 32.03 20.21
CA MET B 408 -22.83 30.74 20.36
C MET B 408 -23.87 29.66 20.63
N ILE B 409 -24.74 29.92 21.61
CA ILE B 409 -25.78 28.98 21.94
C ILE B 409 -26.67 28.71 20.71
N HIS B 410 -27.11 29.78 20.03
CA HIS B 410 -27.91 29.63 18.81
C HIS B 410 -27.23 28.78 17.74
N GLN B 411 -25.91 28.95 17.61
CA GLN B 411 -25.14 28.19 16.61
C GLN B 411 -25.21 26.68 16.87
N THR B 412 -25.41 26.28 18.14
CA THR B 412 -25.49 24.86 18.51
C THR B 412 -26.93 24.33 18.61
N GLN B 413 -27.90 25.25 18.56
CA GLN B 413 -29.31 24.89 18.74
C GLN B 413 -30.16 25.12 17.50
N ALA B 414 -29.51 25.41 16.37
CA ALA B 414 -30.21 25.77 15.15
C ALA B 414 -29.32 25.43 13.98
N ARG B 415 -29.93 25.31 12.81
CA ARG B 415 -29.19 25.12 11.57
C ARG B 415 -29.83 25.83 10.39
N HIS B 416 -29.02 26.37 9.49
CA HIS B 416 -29.54 27.05 8.31
C HIS B 416 -30.45 26.10 7.52
N ALA B 417 -31.55 26.63 6.98
CA ALA B 417 -32.49 25.79 6.26
C ALA B 417 -31.88 25.07 5.05
N GLU B 418 -30.91 25.69 4.39
CA GLU B 418 -30.35 25.10 3.18
C GLU B 418 -28.87 24.72 3.29
N ILE B 419 -28.11 25.41 4.12
CA ILE B 419 -26.66 25.22 4.14
C ILE B 419 -26.23 24.46 5.39
N ALA B 420 -25.86 23.19 5.23
CA ALA B 420 -25.58 22.29 6.35
C ALA B 420 -24.51 22.79 7.32
N SER B 421 -23.51 23.49 6.78
CA SER B 421 -22.37 23.91 7.61
C SER B 421 -22.63 25.18 8.42
N VAL B 422 -23.80 25.78 8.23
CA VAL B 422 -24.15 27.02 8.93
C VAL B 422 -25.08 26.68 10.11
N GLY B 423 -24.59 26.84 11.33
CA GLY B 423 -25.31 26.34 12.51
C GLY B 423 -24.78 24.95 12.84
N ARG B 424 -25.61 24.09 13.41
CA ARG B 424 -25.17 22.76 13.82
C ARG B 424 -25.99 21.64 13.18
N ASP B 425 -25.51 21.12 12.05
CA ASP B 425 -26.17 19.99 11.39
C ASP B 425 -26.30 18.80 12.35
N GLY B 426 -27.52 18.30 12.50
CA GLY B 426 -27.80 17.18 13.37
C GLY B 426 -27.85 17.52 14.86
N PHE B 427 -28.13 18.77 15.20
CA PHE B 427 -28.10 19.16 16.61
C PHE B 427 -29.17 18.42 17.42
N GLU B 428 -30.34 18.19 16.82
CA GLU B 428 -31.44 17.49 17.52
C GLU B 428 -30.99 16.12 18.01
N TYR B 429 -30.41 15.33 17.11
CA TYR B 429 -29.89 14.01 17.47
C TYR B 429 -28.82 14.14 18.54
N TYR B 430 -27.88 15.05 18.31
CA TYR B 430 -26.74 15.22 19.19
C TYR B 430 -27.16 15.50 20.64
N ASP B 431 -28.11 16.42 20.81
CA ASP B 431 -28.62 16.78 22.13
C ASP B 431 -29.35 15.61 22.80
N LYS B 432 -30.00 14.77 21.99
CA LYS B 432 -30.78 13.65 22.52
C LYS B 432 -29.91 12.41 22.79
N LEU B 433 -29.00 12.11 21.87
CA LEU B 433 -28.26 10.85 21.90
C LEU B 433 -26.86 10.95 22.52
N GLY B 434 -26.28 12.14 22.51
CA GLY B 434 -24.90 12.31 22.93
C GLY B 434 -23.92 12.17 21.76
N TYR B 435 -24.45 12.01 20.55
CA TYR B 435 -23.66 11.91 19.32
C TYR B 435 -24.54 12.14 18.10
N VAL B 436 -23.93 12.46 16.97
CA VAL B 436 -24.66 12.58 15.72
C VAL B 436 -24.62 11.20 15.05
N PRO B 437 -25.78 10.70 14.60
CA PRO B 437 -25.79 9.36 14.00
C PRO B 437 -25.62 9.33 12.49
N TYR B 438 -25.04 8.23 12.01
CA TYR B 438 -24.89 7.94 10.59
C TYR B 438 -25.62 6.62 10.34
N PRO B 439 -26.27 6.44 9.17
CA PRO B 439 -26.27 7.28 7.99
C PRO B 439 -27.27 8.43 8.02
N GLU B 440 -27.94 8.64 9.16
CA GLU B 440 -28.95 9.69 9.25
C GLU B 440 -28.37 11.07 8.89
N VAL B 441 -27.14 11.32 9.32
CA VAL B 441 -26.48 12.59 9.02
C VAL B 441 -25.11 12.34 8.41
N PRO B 442 -24.83 12.94 7.25
CA PRO B 442 -23.51 12.75 6.64
C PRO B 442 -22.39 13.26 7.54
N GLU B 443 -21.25 12.57 7.51
CA GLU B 443 -20.05 13.00 8.24
C GLU B 443 -20.28 13.09 9.76
N ALA B 444 -21.19 12.26 10.27
CA ALA B 444 -21.68 12.35 11.66
C ALA B 444 -20.61 12.26 12.74
N THR B 445 -19.64 11.38 12.54
CA THR B 445 -18.66 11.16 13.60
C THR B 445 -17.70 12.35 13.69
N ALA B 446 -17.24 12.83 12.53
CA ALA B 446 -16.39 14.02 12.52
C ALA B 446 -17.15 15.20 13.17
N LYS B 447 -18.41 15.35 12.81
CA LYS B 447 -19.21 16.42 13.40
C LYS B 447 -19.32 16.32 14.92
N THR B 448 -19.60 15.12 15.41
CA THR B 448 -19.70 14.90 16.85
C THR B 448 -18.42 15.37 17.55
N LEU B 449 -17.27 15.01 17.01
CA LEU B 449 -15.99 15.37 17.62
C LEU B 449 -15.76 16.89 17.59
N GLU B 450 -16.13 17.53 16.49
CA GLU B 450 -16.03 18.99 16.40
C GLU B 450 -16.99 19.65 17.39
N TYR B 451 -18.19 19.08 17.54
CA TYR B 451 -19.19 19.66 18.44
C TYR B 451 -18.79 19.56 19.91
N ALA B 452 -18.21 18.42 20.30
CA ALA B 452 -17.79 18.24 21.69
C ALA B 452 -16.80 19.33 22.07
N TYR B 453 -15.93 19.67 21.13
CA TYR B 453 -14.98 20.76 21.37
C TYR B 453 -15.65 22.15 21.42
N ALA B 454 -16.54 22.45 20.47
CA ALA B 454 -17.22 23.72 20.53
C ALA B 454 -17.98 23.83 21.85
N ASP B 455 -18.62 22.73 22.26
CA ASP B 455 -19.40 22.80 23.50
C ASP B 455 -18.51 23.07 24.71
N TRP B 456 -17.34 22.45 24.74
CA TRP B 456 -16.36 22.75 25.77
C TRP B 456 -16.01 24.26 25.78
N CYS B 457 -15.79 24.82 24.58
CA CYS B 457 -15.51 26.26 24.45
C CYS B 457 -16.64 27.12 25.04
N ILE B 458 -17.86 26.83 24.64
CA ILE B 458 -18.99 27.57 25.19
C ILE B 458 -19.03 27.47 26.73
N ALA B 459 -18.80 26.27 27.26
CA ALA B 459 -18.76 26.07 28.71
C ALA B 459 -17.72 26.99 29.33
N ARG B 460 -16.52 27.03 28.73
CA ARG B 460 -15.47 27.89 29.26
C ARG B 460 -15.91 29.35 29.31
N PHE B 461 -16.57 29.79 28.24
CA PHE B 461 -17.00 31.18 28.10
C PHE B 461 -18.07 31.50 29.14
N ALA B 462 -19.08 30.66 29.22
CA ALA B 462 -20.18 30.86 30.18
C ALA B 462 -19.64 30.90 31.61
N GLU B 463 -18.78 29.93 31.94
CA GLU B 463 -18.15 29.90 33.24
C GLU B 463 -17.44 31.22 33.57
N SER B 464 -16.64 31.73 32.64
CA SER B 464 -15.90 32.96 32.92
C SER B 464 -16.83 34.14 33.16
N LEU B 465 -18.02 34.10 32.56
CA LEU B 465 -19.03 35.13 32.79
C LEU B 465 -19.85 34.92 34.07
N GLY B 466 -19.63 33.83 34.77
CA GLY B 466 -20.34 33.57 36.02
C GLY B 466 -21.68 32.91 35.78
N LYS B 467 -21.89 32.44 34.56
CA LYS B 467 -23.12 31.72 34.25
C LYS B 467 -22.89 30.23 34.45
N GLN B 468 -22.88 29.79 35.71
CA GLN B 468 -22.40 28.44 36.01
C GLN B 468 -23.34 27.35 35.54
N ASP B 469 -24.63 27.66 35.53
CA ASP B 469 -25.60 26.66 35.12
C ASP B 469 -25.43 26.34 33.64
N ILE B 470 -25.39 27.38 32.81
CA ILE B 470 -25.14 27.22 31.38
C ILE B 470 -23.82 26.52 31.17
N ALA B 471 -22.79 26.95 31.89
CA ALA B 471 -21.48 26.31 31.78
C ALA B 471 -21.57 24.80 32.03
N ASP B 472 -22.25 24.41 33.12
CA ASP B 472 -22.38 22.99 33.47
C ASP B 472 -23.14 22.20 32.40
N GLN B 473 -24.16 22.82 31.82
CA GLN B 473 -24.88 22.15 30.74
C GLN B 473 -23.97 21.87 29.56
N TYR B 474 -23.09 22.81 29.25
CA TYR B 474 -22.17 22.58 28.12
C TYR B 474 -21.02 21.67 28.49
N TYR B 475 -20.52 21.77 29.72
CA TYR B 475 -19.46 20.86 30.17
C TYR B 475 -19.93 19.40 30.16
N GLN B 476 -21.23 19.19 30.31
CA GLN B 476 -21.79 17.84 30.25
C GLN B 476 -21.66 17.26 28.84
N LYS B 477 -21.49 18.13 27.84
CA LYS B 477 -21.36 17.67 26.45
C LYS B 477 -19.91 17.54 26.01
N ALA B 478 -19.01 18.21 26.73
CA ALA B 478 -17.59 18.15 26.39
C ALA B 478 -17.04 16.70 26.22
N PRO B 479 -17.53 15.74 27.05
CA PRO B 479 -17.10 14.36 26.92
C PRO B 479 -17.86 13.50 25.91
N ASN B 480 -18.69 14.13 25.07
CA ASN B 480 -19.41 13.37 24.06
C ASN B 480 -18.52 12.62 23.08
N TYR B 481 -17.24 13.00 22.96
CA TYR B 481 -16.32 12.23 22.13
C TYR B 481 -16.26 10.76 22.58
N ARG B 482 -16.52 10.51 23.86
CA ARG B 482 -16.42 9.16 24.42
C ARG B 482 -17.50 8.23 23.86
N ASN B 483 -18.61 8.82 23.45
CA ASN B 483 -19.76 8.08 22.97
C ASN B 483 -19.54 7.36 21.63
N LEU B 484 -18.48 7.72 20.90
CA LEU B 484 -18.22 7.07 19.62
C LEU B 484 -16.94 6.25 19.60
N TYR B 485 -16.28 6.15 20.75
CA TYR B 485 -15.09 5.32 20.85
C TYR B 485 -15.52 3.85 20.93
N TYR B 486 -15.10 3.05 19.95
CA TYR B 486 -15.50 1.65 19.84
C TYR B 486 -14.48 0.79 20.59
N PRO B 487 -14.78 0.44 21.85
CA PRO B 487 -13.84 -0.23 22.74
C PRO B 487 -13.23 -1.51 22.15
N GLU B 488 -14.04 -2.34 21.52
CA GLU B 488 -13.53 -3.56 20.88
C GLU B 488 -12.41 -3.28 19.88
N HIS B 489 -12.47 -2.12 19.22
CA HIS B 489 -11.53 -1.83 18.14
C HIS B 489 -10.50 -0.76 18.49
N GLY B 490 -10.78 0.05 19.50
CA GLY B 490 -9.83 1.06 19.94
C GLY B 490 -9.76 2.31 19.08
N PHE B 491 -10.83 2.59 18.34
CA PHE B 491 -10.91 3.76 17.46
C PHE B 491 -12.29 4.36 17.54
N MET B 492 -12.42 5.63 17.14
CA MET B 492 -13.73 6.24 16.97
C MET B 492 -14.42 5.55 15.81
N TRP B 493 -15.73 5.40 15.90
CA TRP B 493 -16.49 4.76 14.81
C TRP B 493 -17.83 5.49 14.73
N THR B 494 -18.90 4.79 14.38
CA THR B 494 -20.19 5.45 14.18
C THR B 494 -21.35 4.55 14.57
N LYS B 495 -22.44 5.17 15.05
CA LYS B 495 -23.66 4.43 15.38
C LYS B 495 -24.81 5.05 14.63
N ASP B 496 -25.87 4.28 14.39
CA ASP B 496 -27.09 4.84 13.83
C ASP B 496 -27.93 5.46 14.95
N ALA B 497 -29.15 5.89 14.63
CA ALA B 497 -29.96 6.58 15.63
C ALA B 497 -30.43 5.62 16.73
N LYS B 498 -30.50 4.33 16.42
CA LYS B 498 -30.92 3.33 17.41
C LYS B 498 -29.76 2.91 18.32
N GLY B 499 -28.55 3.36 17.99
CA GLY B 499 -27.38 3.08 18.81
C GLY B 499 -26.58 1.86 18.37
N ASN B 500 -26.82 1.39 17.14
CA ASN B 500 -26.09 0.26 16.60
C ASN B 500 -24.83 0.70 15.89
N TRP B 501 -23.68 0.13 16.26
CA TRP B 501 -22.43 0.39 15.55
C TRP B 501 -22.55 0.00 14.08
N ARG B 502 -22.01 0.81 13.18
CA ARG B 502 -21.98 0.43 11.77
C ARG B 502 -21.19 -0.87 11.60
N ASP B 503 -21.70 -1.77 10.76
CA ASP B 503 -21.05 -3.05 10.50
C ASP B 503 -19.71 -2.89 9.78
N ARG B 504 -18.85 -3.89 9.91
CA ARG B 504 -17.58 -3.91 9.18
CA ARG B 504 -17.58 -3.92 9.20
C ARG B 504 -16.64 -2.76 9.52
N PHE B 505 -16.30 -2.63 10.80
CA PHE B 505 -15.33 -1.63 11.22
C PHE B 505 -14.06 -1.64 10.35
N ASP B 506 -13.57 -0.46 10.00
CA ASP B 506 -12.33 -0.32 9.23
C ASP B 506 -11.67 1.03 9.56
N ALA B 507 -10.55 0.99 10.28
CA ALA B 507 -9.93 2.23 10.77
C ALA B 507 -9.44 3.16 9.67
N THR B 508 -9.26 2.61 8.47
CA THR B 508 -8.67 3.40 7.40
C THR B 508 -9.66 3.81 6.32
N GLU B 509 -10.94 3.49 6.55
CA GLU B 509 -12.01 3.80 5.59
C GLU B 509 -12.40 5.28 5.61
N TRP B 510 -12.17 5.98 4.51
CA TRP B 510 -12.57 7.38 4.37
C TRP B 510 -14.08 7.55 4.12
N GLY B 511 -14.57 8.77 4.27
CA GLY B 511 -15.97 9.08 3.96
C GLY B 511 -16.97 8.60 4.98
N GLY B 512 -18.23 8.50 4.56
CA GLY B 512 -19.31 8.07 5.43
C GLY B 512 -19.43 9.00 6.64
N PRO B 513 -19.21 8.45 7.84
CA PRO B 513 -19.27 9.24 9.07
C PRO B 513 -18.07 10.16 9.26
N PHE B 514 -17.07 10.07 8.39
CA PHE B 514 -15.90 10.94 8.50
C PHE B 514 -15.81 11.90 7.32
N THR B 515 -14.98 12.94 7.46
CA THR B 515 -14.69 13.80 6.32
C THR B 515 -13.22 14.18 6.32
N GLU B 516 -12.62 14.21 5.15
CA GLU B 516 -11.21 14.58 5.04
C GLU B 516 -10.34 13.69 5.94
N GLY B 517 -10.61 12.39 5.96
CA GLY B 517 -9.84 11.51 6.81
C GLY B 517 -10.59 10.27 7.20
N SER B 518 -9.95 9.42 7.98
CA SER B 518 -10.58 8.20 8.42
C SER B 518 -10.54 8.19 9.94
N SER B 519 -11.04 7.12 10.54
CA SER B 519 -11.00 7.01 11.99
C SER B 519 -9.57 7.11 12.48
N TRP B 520 -8.64 6.62 11.67
CA TRP B 520 -7.21 6.67 11.99
C TRP B 520 -6.77 8.09 12.36
N HIS B 521 -7.26 9.07 11.59
CA HIS B 521 -6.99 10.48 11.88
C HIS B 521 -7.92 11.05 12.97
N TRP B 522 -9.21 10.81 12.82
CA TRP B 522 -10.20 11.49 13.63
C TRP B 522 -10.24 11.02 15.09
N THR B 523 -9.69 9.83 15.35
CA THR B 523 -9.59 9.33 16.71
C THR B 523 -8.81 10.31 17.62
N TRP B 524 -7.94 11.13 17.02
CA TRP B 524 -7.10 12.04 17.79
C TRP B 524 -7.74 13.40 18.06
N SER B 525 -8.97 13.62 17.57
CA SER B 525 -9.57 14.95 17.60
C SER B 525 -10.24 15.21 18.95
N VAL B 526 -9.42 15.30 19.99
CA VAL B 526 -9.93 15.58 21.32
C VAL B 526 -8.93 16.53 21.97
N PHE B 527 -8.85 17.76 21.45
CA PHE B 527 -7.82 18.69 21.92
C PHE B 527 -8.12 19.24 23.30
N HIS B 528 -9.40 19.30 23.67
CA HIS B 528 -9.76 19.75 25.00
C HIS B 528 -9.59 18.68 26.09
N ASP B 529 -9.27 17.45 25.70
CA ASP B 529 -9.16 16.39 26.71
C ASP B 529 -8.18 15.27 26.35
N PRO B 530 -6.90 15.61 26.11
CA PRO B 530 -5.94 14.53 25.83
C PRO B 530 -5.95 13.45 26.92
N GLU B 531 -6.02 13.87 28.19
CA GLU B 531 -6.05 12.91 29.30
C GLU B 531 -7.20 11.93 29.16
N GLY B 532 -8.40 12.47 28.85
CA GLY B 532 -9.59 11.65 28.68
C GLY B 532 -9.47 10.74 27.46
N LEU B 533 -8.83 11.23 26.41
CA LEU B 533 -8.54 10.34 25.28
C LEU B 533 -7.60 9.20 25.70
N SER B 534 -6.56 9.50 26.47
CA SER B 534 -5.63 8.45 26.88
C SER B 534 -6.37 7.42 27.73
N GLU B 535 -7.32 7.90 28.53
CA GLU B 535 -8.15 6.99 29.31
C GLU B 535 -8.85 5.96 28.43
N LEU B 536 -9.48 6.42 27.37
CA LEU B 536 -10.19 5.50 26.47
C LEU B 536 -9.20 4.49 25.87
N MET B 537 -8.01 4.96 25.53
CA MET B 537 -6.97 4.14 24.90
C MET B 537 -6.29 3.16 25.87
N GLY B 538 -6.50 3.35 27.17
CA GLY B 538 -5.96 2.44 28.16
C GLY B 538 -4.86 3.03 29.03
N GLY B 539 -4.56 4.31 28.83
CA GLY B 539 -3.59 5.01 29.67
C GLY B 539 -2.55 5.76 28.88
N HIS B 540 -1.65 6.43 29.59
CA HIS B 540 -0.57 7.17 28.95
C HIS B 540 0.30 6.27 28.08
N GLU B 541 0.67 5.11 28.61
CA GLU B 541 1.58 4.23 27.87
C GLU B 541 1.03 3.72 26.55
N PRO B 542 -0.22 3.22 26.54
CA PRO B 542 -0.80 2.84 25.27
C PRO B 542 -0.91 4.01 24.28
N MET B 543 -1.28 5.20 24.77
CA MET B 543 -1.34 6.34 23.85
C MET B 543 0.04 6.66 23.28
N ILE B 544 1.07 6.62 24.11
CA ILE B 544 2.43 6.77 23.63
C ILE B 544 2.74 5.74 22.53
N ALA B 545 2.40 4.48 22.79
CA ALA B 545 2.66 3.40 21.83
C ALA B 545 2.02 3.68 20.48
N ARG B 546 0.79 4.19 20.50
CA ARG B 546 0.06 4.50 19.26
C ARG B 546 0.61 5.72 18.51
N LEU B 547 0.99 6.76 19.24
CA LEU B 547 1.69 7.86 18.61
C LEU B 547 2.98 7.36 17.97
N ASP B 548 3.76 6.61 18.74
CA ASP B 548 5.02 6.06 18.25
C ASP B 548 4.85 5.34 16.92
N SER B 549 3.77 4.57 16.78
CA SER B 549 3.53 3.81 15.55
C SER B 549 3.20 4.76 14.39
N MET B 550 2.51 5.86 14.69
CA MET B 550 2.24 6.87 13.66
C MET B 550 3.50 7.52 13.14
N PHE B 551 4.48 7.73 14.02
CA PHE B 551 5.69 8.45 13.64
C PHE B 551 6.91 7.53 13.49
N VAL B 552 6.70 6.22 13.54
CA VAL B 552 7.81 5.25 13.51
C VAL B 552 8.64 5.40 12.25
N ALA B 553 9.96 5.32 12.39
CA ALA B 553 10.84 5.31 11.23
C ALA B 553 10.64 3.98 10.51
N PRO B 554 10.90 3.95 9.20
CA PRO B 554 10.54 2.76 8.42
C PRO B 554 11.43 1.56 8.72
N ASN B 555 10.90 0.38 8.49
CA ASN B 555 11.63 -0.86 8.67
C ASN B 555 12.54 -1.14 7.48
N THR B 556 13.83 -1.26 7.73
CA THR B 556 14.79 -1.52 6.65
C THR B 556 15.39 -2.92 6.69
N TYR B 557 14.87 -3.77 7.58
CA TYR B 557 15.30 -5.17 7.69
C TYR B 557 16.83 -5.26 7.79
N ASN B 558 17.47 -6.03 6.91
CA ASN B 558 18.94 -6.08 6.87
C ASN B 558 19.58 -5.24 5.76
N TYR B 559 18.78 -4.41 5.09
CA TYR B 559 19.26 -3.64 3.94
C TYR B 559 20.15 -2.46 4.33
N GLY B 560 20.22 -2.17 5.63
CA GLY B 560 21.08 -1.11 6.15
C GLY B 560 22.55 -1.25 5.77
N THR B 561 23.02 -2.50 5.70
CA THR B 561 24.40 -2.77 5.30
C THR B 561 24.68 -2.24 3.88
N TYR B 562 23.97 -2.79 2.89
CA TYR B 562 24.14 -2.38 1.49
C TYR B 562 23.61 -0.96 1.24
N GLY B 563 24.45 0.04 1.49
CA GLY B 563 24.07 1.43 1.29
C GLY B 563 23.81 2.20 2.57
N PHE B 564 23.14 3.35 2.43
CA PHE B 564 22.85 4.25 3.54
C PHE B 564 23.24 5.68 3.17
N VAL B 565 22.37 6.64 3.46
CA VAL B 565 21.11 6.36 4.15
C VAL B 565 20.06 5.73 3.22
N ILE B 566 20.02 4.40 3.26
CA ILE B 566 18.93 3.66 2.67
C ILE B 566 17.74 3.87 3.60
N HIS B 567 18.06 4.30 4.82
CA HIS B 567 17.03 4.64 5.81
C HIS B 567 16.25 5.88 5.39
N GLU B 568 16.95 6.82 4.75
CA GLU B 568 16.31 8.03 4.22
C GLU B 568 15.37 7.67 3.07
N ILE B 569 15.87 6.93 2.09
CA ILE B 569 15.05 6.47 1.00
C ILE B 569 13.82 5.76 1.56
N ALA B 570 14.04 4.91 2.55
CA ALA B 570 12.97 4.13 3.14
C ALA B 570 11.93 5.04 3.80
N GLU B 571 12.37 6.22 4.26
CA GLU B 571 11.47 7.15 4.93
C GLU B 571 10.44 7.70 3.95
N MET B 572 10.90 7.97 2.74
CA MET B 572 10.07 8.49 1.65
C MET B 572 8.95 7.50 1.30
N VAL B 573 9.27 6.21 1.35
CA VAL B 573 8.27 5.17 1.12
C VAL B 573 7.17 5.20 2.18
N ALA B 574 7.58 5.27 3.46
CA ALA B 574 6.63 5.35 4.57
C ALA B 574 5.68 6.54 4.45
N LEU B 575 6.21 7.65 3.91
CA LEU B 575 5.41 8.85 3.68
C LEU B 575 4.47 8.70 2.49
N ASN B 576 4.95 8.05 1.43
CA ASN B 576 4.11 7.65 0.31
C ASN B 576 2.94 6.78 0.79
N MET B 577 3.22 5.85 1.71
CA MET B 577 2.19 5.00 2.32
C MET B 577 1.21 5.84 3.17
N GLY B 578 1.75 6.77 3.94
CA GLY B 578 0.93 7.75 4.65
C GLY B 578 0.53 7.44 6.08
N GLN B 579 1.43 6.83 6.85
CA GLN B 579 1.18 6.53 8.25
C GLN B 579 0.81 7.78 9.06
N TYR B 580 1.62 8.83 8.93
CA TYR B 580 1.30 10.12 9.55
C TYR B 580 0.89 11.13 8.48
N ALA B 581 -0.39 11.46 8.44
CA ALA B 581 -0.95 12.33 7.41
C ALA B 581 -0.81 13.82 7.77
N HIS B 582 0.40 14.35 7.63
CA HIS B 582 0.68 15.74 8.00
C HIS B 582 -0.22 16.72 7.26
N GLY B 583 -0.72 17.71 7.99
CA GLY B 583 -1.63 18.69 7.39
C GLY B 583 -3.07 18.24 7.55
N ASN B 584 -3.29 16.93 7.58
CA ASN B 584 -4.61 16.43 7.87
C ASN B 584 -5.07 17.05 9.20
N GLN B 585 -6.18 17.80 9.14
CA GLN B 585 -6.59 18.68 10.23
C GLN B 585 -6.72 18.03 11.61
N PRO B 586 -7.50 16.93 11.72
CA PRO B 586 -7.72 16.37 13.04
C PRO B 586 -6.49 15.79 13.74
N VAL B 587 -5.35 15.67 13.03
CA VAL B 587 -4.10 15.16 13.63
C VAL B 587 -2.95 16.18 13.61
N GLN B 588 -3.23 17.41 13.19
CA GLN B 588 -2.20 18.46 13.19
C GLN B 588 -1.52 18.61 14.55
N HIS B 589 -2.29 18.48 15.63
CA HIS B 589 -1.78 18.70 16.98
C HIS B 589 -1.09 17.46 17.56
N ALA B 590 -1.23 16.31 16.89
CA ALA B 590 -0.93 15.03 17.53
C ALA B 590 0.51 14.91 18.05
N ILE B 591 1.46 15.51 17.34
CA ILE B 591 2.87 15.38 17.74
C ILE B 591 3.12 16.01 19.11
N TYR B 592 2.29 17.00 19.46
CA TYR B 592 2.40 17.69 20.76
C TYR B 592 1.82 16.87 21.90
N LEU B 593 1.10 15.80 21.60
CA LEU B 593 0.44 15.02 22.67
C LEU B 593 1.38 14.35 23.68
N TYR B 594 2.60 14.03 23.26
CA TYR B 594 3.59 13.45 24.16
C TYR B 594 3.83 14.36 25.39
N ASP B 595 3.68 15.68 25.19
CA ASP B 595 3.76 16.67 26.29
C ASP B 595 2.75 16.41 27.42
N TYR B 596 1.64 15.77 27.07
CA TYR B 596 0.53 15.57 28.00
C TYR B 596 0.63 14.24 28.76
N ILE B 597 1.52 13.35 28.31
CA ILE B 597 1.52 11.97 28.78
C ILE B 597 2.90 11.50 29.23
N GLY B 598 3.83 12.44 29.44
CA GLY B 598 5.07 12.14 30.14
C GLY B 598 6.35 12.00 29.33
N GLN B 599 6.29 12.21 28.01
CA GLN B 599 7.50 12.03 27.20
C GLN B 599 7.75 13.16 26.19
N PRO B 600 7.97 14.37 26.70
CA PRO B 600 8.15 15.55 25.83
C PRO B 600 9.30 15.39 24.82
N TRP B 601 10.30 14.57 25.16
CA TRP B 601 11.45 14.41 24.26
C TRP B 601 11.01 13.84 22.92
N LYS B 602 9.92 13.08 22.93
CA LYS B 602 9.42 12.53 21.68
C LYS B 602 8.74 13.61 20.85
N THR B 603 7.98 14.50 21.50
CA THR B 603 7.50 15.69 20.79
C THR B 603 8.68 16.42 20.14
N GLN B 604 9.73 16.62 20.91
CA GLN B 604 10.85 17.39 20.43
C GLN B 604 11.48 16.77 19.18
N TYR B 605 11.78 15.49 19.24
CA TYR B 605 12.43 14.80 18.13
C TYR B 605 11.56 14.81 16.88
N HIS B 606 10.31 14.41 17.04
CA HIS B 606 9.42 14.28 15.89
C HIS B 606 9.02 15.59 15.24
N LEU B 607 8.78 16.63 16.03
CA LEU B 607 8.48 17.95 15.46
C LEU B 607 9.62 18.42 14.59
N ARG B 608 10.84 18.27 15.09
CA ARG B 608 11.98 18.76 14.35
C ARG B 608 12.17 17.96 13.06
N ASN B 609 11.91 16.67 13.12
CA ASN B 609 11.95 15.83 11.92
CA ASN B 609 11.96 15.85 11.91
C ASN B 609 10.94 16.31 10.87
N VAL B 610 9.71 16.58 11.30
CA VAL B 610 8.66 17.06 10.41
C VAL B 610 9.03 18.40 9.79
N MET B 611 9.52 19.30 10.61
CA MET B 611 9.89 20.60 10.07
C MET B 611 10.99 20.51 9.02
N ASP B 612 11.94 19.60 9.22
CA ASP B 612 13.04 19.42 8.28
C ASP B 612 12.55 18.75 6.98
N LYS B 613 11.61 17.82 7.08
CA LYS B 613 11.34 16.93 5.96
C LYS B 613 10.08 17.21 5.15
N LEU B 614 9.12 17.88 5.76
CA LEU B 614 7.81 18.05 5.13
C LEU B 614 7.59 19.50 4.62
N TYR B 615 8.60 20.34 4.73
CA TYR B 615 8.51 21.73 4.29
C TYR B 615 9.75 22.13 3.55
N ASN B 616 9.58 22.91 2.49
CA ASN B 616 10.72 23.66 1.95
C ASN B 616 10.17 24.93 1.29
N SER B 617 11.06 25.83 0.89
CA SER B 617 10.62 27.14 0.45
C SER B 617 10.35 27.19 -1.05
N GLY B 618 10.46 26.05 -1.73
CA GLY B 618 10.34 26.02 -3.19
C GLY B 618 8.91 25.82 -3.66
N SER B 619 8.74 25.65 -4.96
CA SER B 619 7.40 25.61 -5.54
C SER B 619 6.59 24.39 -5.08
N LYS B 620 7.26 23.31 -4.70
CA LYS B 620 6.59 22.14 -4.09
C LYS B 620 6.76 22.11 -2.57
N GLY B 621 6.81 23.29 -1.96
CA GLY B 621 7.16 23.44 -0.54
C GLY B 621 6.26 22.87 0.54
N TYR B 622 4.98 22.64 0.26
CA TYR B 622 4.06 22.09 1.28
C TYR B 622 3.64 20.67 0.94
N CYS B 623 3.21 19.92 1.94
CA CYS B 623 2.79 18.54 1.70
CA CYS B 623 2.80 18.54 1.72
C CYS B 623 1.33 18.38 1.33
N GLY B 624 0.61 19.50 1.33
CA GLY B 624 -0.82 19.49 1.07
C GLY B 624 -1.28 20.92 1.05
N ASP B 625 -2.58 21.13 1.04
CA ASP B 625 -3.11 22.46 0.87
C ASP B 625 -2.62 23.39 1.98
N GLU B 626 -2.20 24.58 1.59
CA GLU B 626 -1.82 25.63 2.55
C GLU B 626 -3.00 26.02 3.45
N ASP B 627 -4.20 26.09 2.87
CA ASP B 627 -5.44 26.32 3.65
C ASP B 627 -5.55 27.64 4.43
N ASN B 628 -5.47 28.78 3.73
CA ASN B 628 -5.75 30.07 4.37
C ASN B 628 -4.82 30.39 5.52
N GLY B 629 -3.58 29.92 5.44
CA GLY B 629 -2.62 30.19 6.49
C GLY B 629 -2.45 29.08 7.52
N GLN B 630 -3.35 28.11 7.54
CA GLN B 630 -3.32 27.10 8.63
C GLN B 630 -2.08 26.19 8.65
N THR B 631 -1.77 25.54 7.53
CA THR B 631 -0.53 24.75 7.49
C THR B 631 0.68 25.65 7.72
N SER B 632 0.57 26.85 7.20
CA SER B 632 1.59 27.86 7.40
C SER B 632 1.71 28.25 8.86
N ALA B 633 0.57 28.37 9.54
CA ALA B 633 0.63 28.80 10.94
C ALA B 633 1.21 27.69 11.85
N TRP B 634 0.95 26.43 11.50
CA TRP B 634 1.52 25.32 12.24
C TRP B 634 3.05 25.45 12.21
N TYR B 635 3.59 25.78 11.04
CA TYR B 635 5.04 25.85 10.90
C TYR B 635 5.61 27.05 11.68
N VAL B 636 4.92 28.18 11.62
CA VAL B 636 5.38 29.38 12.33
C VAL B 636 5.42 29.10 13.85
N PHE B 637 4.32 28.59 14.40
CA PHE B 637 4.31 28.25 15.82
C PHE B 637 5.39 27.20 16.14
N SER B 638 5.40 26.11 15.37
CA SER B 638 6.33 25.03 15.68
C SER B 638 7.79 25.49 15.63
N ALA B 639 8.13 26.38 14.69
CA ALA B 639 9.47 26.95 14.61
C ALA B 639 9.79 27.85 15.80
N MET B 640 8.78 28.54 16.35
CA MET B 640 9.02 29.35 17.52
C MET B 640 9.21 28.50 18.77
N GLY B 641 8.69 27.26 18.73
CA GLY B 641 8.89 26.33 19.84
C GLY B 641 7.66 25.96 20.68
N PHE B 642 6.48 26.40 20.25
CA PHE B 642 5.25 26.15 21.01
C PHE B 642 4.01 26.26 20.12
N TYR B 643 2.89 25.69 20.58
CA TYR B 643 1.74 25.50 19.68
C TYR B 643 0.44 25.48 20.46
N PRO B 644 -0.61 26.15 19.94
CA PRO B 644 -1.92 26.18 20.62
C PRO B 644 -2.71 24.90 20.37
N VAL B 645 -2.40 23.84 21.11
CA VAL B 645 -3.13 22.60 20.95
C VAL B 645 -4.64 22.78 21.13
N CYS B 646 -5.05 23.57 22.11
CA CYS B 646 -6.46 23.70 22.43
C CYS B 646 -6.88 25.18 22.53
N PRO B 647 -7.19 25.80 21.39
CA PRO B 647 -7.69 27.18 21.45
C PRO B 647 -8.94 27.25 22.36
N GLY B 648 -9.05 28.35 23.11
CA GLY B 648 -10.05 28.44 24.16
C GLY B 648 -9.40 28.22 25.52
N MET B 649 -8.22 27.60 25.54
CA MET B 649 -7.41 27.47 26.75
C MET B 649 -6.14 28.24 26.48
N PRO B 650 -5.89 29.29 27.27
CA PRO B 650 -4.81 30.19 26.88
C PRO B 650 -3.40 29.68 27.22
N GLU B 651 -2.99 28.61 26.55
CA GLU B 651 -1.66 28.05 26.75
C GLU B 651 -1.14 27.38 25.49
N TYR B 652 0.18 27.18 25.43
CA TYR B 652 0.81 26.69 24.22
C TYR B 652 1.76 25.58 24.64
N ALA B 653 1.54 24.39 24.11
CA ALA B 653 2.36 23.23 24.39
C ALA B 653 3.74 23.45 23.77
N ILE B 654 4.78 23.13 24.51
CA ILE B 654 6.15 23.37 24.04
C ILE B 654 6.62 22.20 23.18
N GLY B 655 7.29 22.53 22.07
CA GLY B 655 7.84 21.54 21.17
C GLY B 655 9.35 21.65 21.24
N SER B 656 9.92 22.18 20.16
CA SER B 656 11.36 22.36 20.03
C SER B 656 11.56 23.43 18.96
N PRO B 657 12.27 24.50 19.31
CA PRO B 657 12.44 25.64 18.40
C PRO B 657 13.35 25.28 17.22
N LEU B 658 13.13 25.94 16.09
CA LEU B 658 13.94 25.71 14.91
C LEU B 658 15.20 26.56 14.89
N PHE B 659 15.13 27.75 15.46
CA PHE B 659 16.21 28.73 15.32
C PHE B 659 17.02 28.84 16.61
N LYS B 660 18.18 29.46 16.54
CA LYS B 660 18.95 29.71 17.76
C LYS B 660 18.31 30.79 18.61
N LYS B 661 17.45 31.62 18.00
CA LYS B 661 16.74 32.67 18.73
C LYS B 661 15.52 33.14 17.96
N VAL B 662 14.39 33.27 18.66
CA VAL B 662 13.27 34.03 18.13
C VAL B 662 12.84 35.08 19.12
N THR B 663 12.57 36.26 18.62
CA THR B 663 12.08 37.33 19.46
C THR B 663 10.69 37.72 18.98
N LEU B 664 9.74 37.68 19.90
CA LEU B 664 8.39 38.10 19.60
C LEU B 664 8.16 39.50 20.15
N HIS B 665 7.71 40.41 19.28
CA HIS B 665 7.41 41.77 19.68
C HIS B 665 5.94 41.91 19.91
N LEU B 666 5.59 41.89 21.18
CA LEU B 666 4.20 41.91 21.61
C LEU B 666 3.73 43.32 21.93
N PRO B 667 2.42 43.49 22.15
CA PRO B 667 1.84 44.77 22.53
C PRO B 667 2.49 45.41 23.77
N GLU B 668 2.36 46.73 23.86
CA GLU B 668 2.82 47.52 25.01
C GLU B 668 4.32 47.39 25.20
N GLY B 669 5.05 47.18 24.11
CA GLY B 669 6.50 47.17 24.15
C GLY B 669 7.13 45.96 24.82
N LYS B 670 6.34 44.94 25.08
CA LYS B 670 6.84 43.71 25.69
C LYS B 670 7.47 42.80 24.64
N ASN B 671 8.63 42.23 24.95
CA ASN B 671 9.26 41.24 24.05
C ASN B 671 9.47 39.91 24.75
N PHE B 672 9.13 38.83 24.07
CA PHE B 672 9.41 37.51 24.59
C PHE B 672 10.43 36.79 23.72
N VAL B 673 11.48 36.28 24.35
CA VAL B 673 12.54 35.61 23.61
C VAL B 673 12.57 34.10 23.91
N VAL B 674 12.60 33.29 22.85
CA VAL B 674 12.96 31.87 23.02
C VAL B 674 14.40 31.71 22.54
N SER B 675 15.34 31.52 23.46
CA SER B 675 16.71 31.36 23.03
C SER B 675 17.14 29.90 23.10
N ALA B 676 17.92 29.46 22.11
CA ALA B 676 18.43 28.10 22.05
C ALA B 676 19.80 28.17 21.39
N ALA B 677 20.77 28.68 22.14
CA ALA B 677 22.05 29.08 21.58
C ALA B 677 22.79 27.91 20.97
N ASP B 678 22.58 26.72 21.51
CA ASP B 678 23.29 25.57 20.99
C ASP B 678 22.40 24.70 20.13
N ASN B 679 21.39 25.30 19.53
CA ASN B 679 20.50 24.59 18.64
C ASN B 679 21.28 24.20 17.39
N ALA B 680 20.88 23.07 16.80
CA ALA B 680 21.52 22.56 15.60
C ALA B 680 20.62 21.48 15.07
N ALA B 681 20.86 21.04 13.83
CA ALA B 681 19.98 20.04 13.21
C ALA B 681 19.88 18.72 13.99
N ASP B 682 20.97 18.30 14.61
CA ASP B 682 20.90 17.05 15.35
C ASP B 682 20.87 17.28 16.86
N ARG B 683 20.44 18.47 17.27
CA ARG B 683 20.23 18.74 18.69
C ARG B 683 18.79 19.21 18.95
N PRO B 684 17.80 18.33 18.69
CA PRO B 684 16.39 18.70 18.79
C PRO B 684 15.84 18.69 20.21
N TYR B 685 16.59 18.11 21.15
CA TYR B 685 16.08 17.87 22.49
C TYR B 685 16.35 19.02 23.44
N ILE B 686 15.39 19.26 24.33
CA ILE B 686 15.59 20.20 25.43
C ILE B 686 16.18 19.49 26.65
N ARG B 687 17.44 19.81 26.95
CA ARG B 687 18.08 19.24 28.13
C ARG B 687 17.63 19.95 29.41
N LYS B 688 17.53 21.27 29.33
CA LYS B 688 17.24 22.10 30.50
C LYS B 688 16.60 23.40 30.01
N ALA B 689 15.73 23.99 30.83
CA ALA B 689 15.13 25.29 30.49
C ALA B 689 15.08 26.23 31.70
N LEU B 690 15.22 27.52 31.42
CA LEU B 690 14.99 28.57 32.41
C LEU B 690 13.90 29.51 31.89
N LEU B 691 12.87 29.76 32.67
CA LEU B 691 11.91 30.78 32.34
C LEU B 691 12.20 31.98 33.22
N ASN B 692 12.58 33.08 32.60
CA ASN B 692 12.91 34.30 33.33
C ASN B 692 13.88 33.99 34.46
N GLY B 693 14.88 33.20 34.12
CA GLY B 693 15.96 32.88 35.05
C GLY B 693 15.67 31.79 36.06
N GLN B 694 14.46 31.23 36.08
CA GLN B 694 14.14 30.19 37.06
C GLN B 694 14.00 28.83 36.37
N GLU B 695 14.40 27.77 37.06
CA GLU B 695 14.33 26.44 36.46
C GLU B 695 12.89 26.13 36.05
N PHE B 696 12.71 25.65 34.81
CA PHE B 696 11.40 25.50 34.21
C PHE B 696 11.24 24.12 33.59
N THR B 697 10.22 23.39 34.04
CA THR B 697 10.03 22.01 33.58
C THR B 697 8.63 21.75 33.01
N ARG B 698 7.77 22.77 33.02
CA ARG B 698 6.44 22.61 32.45
C ARG B 698 6.50 22.42 30.94
N ASN B 699 5.59 21.62 30.39
CA ASN B 699 5.57 21.42 28.94
C ASN B 699 4.67 22.39 28.20
N TYR B 700 4.43 23.55 28.79
CA TYR B 700 3.59 24.56 28.14
C TYR B 700 3.90 25.94 28.71
N LEU B 701 3.63 26.97 27.92
CA LEU B 701 3.66 28.35 28.40
C LEU B 701 2.24 28.85 28.37
N THR B 702 1.89 29.70 29.32
CA THR B 702 0.60 30.39 29.22
C THR B 702 0.70 31.63 28.33
N HIS B 703 -0.45 32.06 27.84
CA HIS B 703 -0.54 33.31 27.12
C HIS B 703 -0.05 34.50 27.96
N ASP B 704 -0.37 34.51 29.24
CA ASP B 704 0.10 35.59 30.13
C ASP B 704 1.62 35.62 30.26
N GLU B 705 2.24 34.44 30.36
CA GLU B 705 3.70 34.34 30.42
C GLU B 705 4.39 34.94 29.19
N LEU B 706 3.81 34.69 28.02
CA LEU B 706 4.32 35.29 26.80
C LEU B 706 4.06 36.81 26.79
N LYS B 707 2.79 37.18 26.97
CA LYS B 707 2.30 38.56 26.87
C LYS B 707 3.10 39.52 27.74
N GLN B 708 3.51 39.06 28.91
CA GLN B 708 4.22 39.93 29.85
C GLN B 708 5.69 40.16 29.46
N GLY B 709 6.16 39.43 28.44
CA GLY B 709 7.54 39.57 27.99
C GLY B 709 8.47 38.78 28.87
N GLY B 710 9.68 38.52 28.39
CA GLY B 710 10.67 37.76 29.16
C GLY B 710 11.46 36.84 28.25
N GLU B 711 11.91 35.72 28.79
CA GLU B 711 12.77 34.81 28.04
C GLU B 711 12.66 33.36 28.49
N LEU B 712 12.55 32.48 27.52
CA LEU B 712 12.66 31.06 27.76
C LEU B 712 14.01 30.63 27.17
N ASN B 713 14.93 30.28 28.05
CA ASN B 713 16.31 29.96 27.68
C ASN B 713 16.45 28.45 27.67
N LEU B 714 16.61 27.87 26.48
CA LEU B 714 16.68 26.43 26.29
C LEU B 714 18.12 25.96 26.08
N SER B 715 18.49 24.88 26.76
CA SER B 715 19.75 24.20 26.49
C SER B 715 19.42 23.00 25.63
N MET B 716 19.89 23.01 24.39
CA MET B 716 19.59 21.93 23.43
C MET B 716 20.62 20.80 23.48
N ASP B 717 20.23 19.60 23.03
CA ASP B 717 21.09 18.44 23.18
C ASP B 717 20.80 17.40 22.11
N SER B 718 21.76 16.51 21.88
CA SER B 718 21.63 15.49 20.84
C SER B 718 21.01 14.22 21.40
N VAL B 719 20.81 14.19 22.72
CA VAL B 719 20.17 13.05 23.36
C VAL B 719 19.01 13.55 24.23
N PRO B 720 17.97 12.73 24.36
CA PRO B 720 16.84 13.18 25.15
C PRO B 720 17.17 13.25 26.64
N ASN B 721 16.50 14.16 27.36
CA ASN B 721 16.60 14.15 28.81
C ASN B 721 15.32 13.52 29.31
N GLN B 722 15.38 12.23 29.65
CA GLN B 722 14.18 11.51 30.05
C GLN B 722 13.73 11.79 31.49
N GLN B 723 14.50 12.61 32.21
CA GLN B 723 14.13 13.02 33.58
C GLN B 723 13.36 14.35 33.60
N ARG B 724 13.21 14.98 32.45
CA ARG B 724 12.58 16.30 32.38
C ARG B 724 11.15 16.30 31.84
N GLY B 725 10.24 17.00 32.53
CA GLY B 725 8.89 17.24 31.99
C GLY B 725 8.00 16.01 32.08
N THR B 726 8.31 15.12 33.02
CA THR B 726 7.60 13.85 33.11
C THR B 726 6.58 13.77 34.24
N GLN B 727 6.41 14.86 34.98
CA GLN B 727 5.52 14.86 36.14
C GLN B 727 4.16 15.49 35.83
N PRO B 728 3.10 15.04 36.54
CA PRO B 728 1.75 15.57 36.32
C PRO B 728 1.70 17.10 36.36
N ALA B 729 2.48 17.72 37.24
CA ALA B 729 2.52 19.18 37.30
C ALA B 729 3.02 19.81 35.98
N ASP B 730 3.77 19.04 35.19
CA ASP B 730 4.35 19.54 33.95
C ASP B 730 3.37 19.48 32.77
N PHE B 731 2.26 18.76 32.90
CA PHE B 731 1.37 18.51 31.75
C PHE B 731 0.40 19.67 31.53
N PRO B 732 0.08 19.96 30.25
CA PRO B 732 -0.88 21.02 29.98
C PRO B 732 -2.30 20.56 30.26
N TYR B 733 -3.27 21.41 29.94
CA TYR B 733 -4.67 21.21 30.31
C TYR B 733 -5.35 19.97 29.70
N SER B 734 -6.16 19.29 30.50
CA SER B 734 -7.17 18.38 29.98
C SER B 734 -8.42 18.56 30.81
N TYR B 735 -9.57 18.48 30.14
CA TYR B 735 -10.84 18.59 30.83
C TYR B 735 -10.98 17.52 31.94
N SER B 736 -10.45 16.33 31.70
CA SER B 736 -10.54 15.21 32.63
C SER B 736 -9.56 15.24 33.80
N LYS B 737 -8.41 15.89 33.63
CA LYS B 737 -7.31 15.78 34.61
C LYS B 737 -7.70 15.87 36.08
N SER C 1 17.21 -3.70 -50.86
CA SER C 1 16.22 -4.36 -49.97
C SER C 1 16.91 -5.28 -48.94
N LYS C 2 17.88 -6.09 -49.37
CA LYS C 2 18.57 -7.01 -48.45
C LYS C 2 19.36 -6.25 -47.39
N LYS C 3 19.23 -6.68 -46.13
CA LYS C 3 19.92 -6.03 -45.03
C LYS C 3 20.71 -7.04 -44.21
N THR C 4 21.82 -6.59 -43.65
CA THR C 4 22.62 -7.42 -42.76
C THR C 4 21.82 -7.89 -41.57
N VAL C 5 21.01 -7.00 -40.99
CA VAL C 5 20.08 -7.37 -39.94
C VAL C 5 18.66 -7.13 -40.45
N GLU C 6 17.91 -8.20 -40.63
CA GLU C 6 16.54 -8.10 -41.13
C GLU C 6 15.53 -7.99 -39.97
N PHE C 7 14.32 -7.55 -40.29
CA PHE C 7 13.35 -7.32 -39.21
C PHE C 7 13.09 -8.57 -38.36
N VAL C 8 13.01 -9.73 -38.98
CA VAL C 8 12.77 -10.96 -38.20
C VAL C 8 13.90 -11.23 -37.19
N ASP C 9 15.10 -10.75 -37.48
CA ASP C 9 16.24 -10.93 -36.59
C ASP C 9 16.07 -10.22 -35.24
N TYR C 10 15.18 -9.22 -35.20
CA TYR C 10 14.89 -8.51 -33.94
C TYR C 10 13.90 -9.23 -33.04
N VAL C 11 13.24 -10.25 -33.55
CA VAL C 11 12.15 -10.87 -32.83
C VAL C 11 12.64 -11.86 -31.77
N ASN C 12 12.19 -11.68 -30.52
CA ASN C 12 12.48 -12.60 -29.46
C ASN C 12 11.21 -13.32 -29.02
N PRO C 13 11.01 -14.56 -29.47
CA PRO C 13 9.77 -15.24 -29.11
C PRO C 13 9.74 -15.58 -27.63
N LEU C 14 10.86 -15.44 -26.93
CA LEU C 14 10.87 -15.70 -25.48
C LEU C 14 10.44 -14.48 -24.66
N MET C 15 10.28 -13.33 -25.31
CA MET C 15 9.79 -12.13 -24.62
C MET C 15 8.43 -12.46 -23.96
N GLY C 16 8.41 -12.45 -22.64
CA GLY C 16 7.24 -12.85 -21.85
C GLY C 16 7.06 -14.33 -21.52
N THR C 17 8.09 -15.17 -21.72
CA THR C 17 7.97 -16.61 -21.42
C THR C 17 8.42 -16.89 -20.02
N GLU C 18 9.07 -15.90 -19.41
CA GLU C 18 9.36 -16.01 -18.00
C GLU C 18 8.08 -15.54 -17.34
N SER C 19 7.06 -16.39 -17.49
CA SER C 19 5.75 -16.25 -16.85
C SER C 19 5.41 -17.57 -16.16
N THR C 20 4.63 -17.49 -15.09
CA THR C 20 4.12 -18.66 -14.42
C THR C 20 2.63 -18.43 -14.18
N PHE C 21 1.96 -19.40 -13.59
CA PHE C 21 0.55 -19.22 -13.22
C PHE C 21 0.40 -18.02 -12.26
N ALA C 22 1.30 -17.93 -11.29
CA ALA C 22 1.31 -16.84 -10.31
C ALA C 22 1.63 -15.47 -10.92
N PHE C 23 2.70 -15.38 -11.70
CA PHE C 23 3.12 -14.08 -12.22
C PHE C 23 3.28 -14.07 -13.74
N SER C 24 2.42 -13.30 -14.41
CA SER C 24 2.52 -13.16 -15.84
C SER C 24 3.49 -12.07 -16.28
N HIS C 25 4.43 -12.43 -17.13
CA HIS C 25 5.26 -11.43 -17.78
C HIS C 25 4.92 -11.47 -19.27
N GLY C 26 3.79 -12.10 -19.58
CA GLY C 26 3.26 -12.18 -20.94
C GLY C 26 2.42 -13.41 -21.26
N ASN C 27 2.59 -14.48 -20.46
CA ASN C 27 1.92 -15.78 -20.68
C ASN C 27 2.00 -16.35 -22.10
N THR C 28 3.23 -16.43 -22.58
CA THR C 28 3.53 -16.85 -23.94
C THR C 28 4.42 -18.08 -23.98
N TYR C 29 4.43 -18.75 -25.12
CA TYR C 29 5.41 -19.78 -25.37
C TYR C 29 6.11 -19.30 -26.62
N PRO C 30 7.30 -19.84 -26.91
CA PRO C 30 8.01 -19.27 -28.07
C PRO C 30 7.56 -19.90 -29.39
N ALA C 31 6.42 -19.42 -29.89
CA ALA C 31 5.77 -20.02 -31.06
C ALA C 31 6.62 -19.98 -32.32
N VAL C 32 6.80 -21.17 -32.91
CA VAL C 32 7.41 -21.31 -34.23
C VAL C 32 6.22 -21.42 -35.19
N ALA C 33 6.18 -20.54 -36.19
CA ALA C 33 4.96 -20.38 -36.96
C ALA C 33 5.23 -19.55 -38.19
N VAL C 34 4.20 -19.41 -39.03
CA VAL C 34 4.16 -18.29 -39.95
C VAL C 34 2.92 -17.46 -39.57
N PRO C 35 2.84 -16.21 -40.05
CA PRO C 35 1.72 -15.37 -39.61
C PRO C 35 0.35 -16.04 -39.76
N TRP C 36 -0.45 -15.98 -38.69
CA TRP C 36 -1.80 -16.57 -38.63
C TRP C 36 -1.87 -18.06 -39.01
N GLY C 37 -0.74 -18.77 -38.88
CA GLY C 37 -0.69 -20.21 -39.21
C GLY C 37 -1.71 -21.04 -38.47
N MET C 38 -2.32 -22.00 -39.16
CA MET C 38 -3.27 -22.91 -38.57
C MET C 38 -2.68 -23.71 -37.42
N ASN C 39 -1.44 -24.17 -37.59
CA ASN C 39 -0.77 -24.93 -36.54
C ASN C 39 0.51 -24.20 -36.15
N PHE C 40 0.70 -23.98 -34.85
CA PHE C 40 1.96 -23.47 -34.28
C PHE C 40 2.72 -24.63 -33.64
N TRP C 41 4.02 -24.42 -33.44
CA TRP C 41 4.84 -25.40 -32.76
C TRP C 41 5.62 -24.73 -31.63
N SER C 42 5.86 -25.47 -30.56
CA SER C 42 6.56 -24.95 -29.38
C SER C 42 7.24 -26.06 -28.59
N PRO C 43 8.39 -25.76 -27.98
CA PRO C 43 8.94 -26.63 -26.97
C PRO C 43 7.94 -26.71 -25.81
N GLN C 44 7.91 -27.84 -25.11
CA GLN C 44 7.01 -28.04 -23.98
C GLN C 44 7.85 -28.47 -22.77
N THR C 45 7.77 -27.72 -21.67
CA THR C 45 8.41 -28.11 -20.41
C THR C 45 7.37 -28.58 -19.38
N GLY C 46 6.15 -28.08 -19.49
CA GLY C 46 5.11 -28.43 -18.54
C GLY C 46 4.49 -29.77 -18.86
N GLU C 47 3.75 -30.35 -17.92
CA GLU C 47 3.07 -31.62 -18.15
C GLU C 47 2.03 -31.46 -19.24
N ASN C 48 1.69 -32.56 -19.91
CA ASN C 48 0.53 -32.58 -20.79
C ASN C 48 -0.68 -32.10 -19.98
N GLY C 49 -1.54 -31.26 -20.56
CA GLY C 49 -2.73 -30.83 -19.87
C GLY C 49 -2.56 -29.48 -19.19
N SER C 50 -1.31 -29.11 -18.90
CA SER C 50 -1.07 -27.83 -18.25
C SER C 50 -1.04 -26.68 -19.26
N GLY C 51 -1.77 -25.61 -18.98
CA GLY C 51 -1.72 -24.42 -19.82
C GLY C 51 -0.35 -23.77 -19.77
N TRP C 52 0.44 -24.08 -18.74
CA TRP C 52 1.81 -23.58 -18.70
C TRP C 52 2.76 -24.51 -19.46
N MET C 53 2.61 -24.48 -20.78
CA MET C 53 3.27 -25.43 -21.65
C MET C 53 4.79 -25.23 -21.65
N TYR C 54 5.21 -23.96 -21.67
CA TYR C 54 6.63 -23.63 -21.59
C TYR C 54 6.84 -22.55 -20.55
N THR C 55 7.74 -22.79 -19.61
CA THR C 55 8.08 -21.74 -18.66
C THR C 55 9.60 -21.59 -18.60
N TYR C 56 10.07 -20.35 -18.79
CA TYR C 56 11.49 -20.05 -18.87
C TYR C 56 12.36 -20.65 -17.77
N THR C 57 11.83 -20.75 -16.55
CA THR C 57 12.65 -21.25 -15.44
C THR C 57 12.75 -22.77 -15.41
N ASP C 58 11.96 -23.46 -16.23
CA ASP C 58 12.05 -24.92 -16.29
C ASP C 58 13.31 -25.33 -17.01
N SER C 59 13.92 -26.41 -16.57
CA SER C 59 15.17 -26.87 -17.15
C SER C 59 15.04 -28.25 -17.79
N LEU C 60 13.81 -28.78 -17.87
CA LEU C 60 13.57 -30.12 -18.40
C LEU C 60 12.55 -30.08 -19.54
N MET C 61 12.90 -30.66 -20.69
CA MET C 61 11.98 -30.64 -21.83
CA MET C 61 12.02 -30.66 -21.85
C MET C 61 11.28 -31.99 -21.97
N ARG C 62 10.02 -31.95 -22.37
CA ARG C 62 9.21 -33.17 -22.52
C ARG C 62 8.81 -33.45 -23.97
N GLY C 63 8.76 -32.41 -24.80
CA GLY C 63 8.36 -32.61 -26.20
C GLY C 63 8.35 -31.34 -27.01
N PHE C 64 7.99 -31.48 -28.28
CA PHE C 64 7.73 -30.34 -29.16
C PHE C 64 6.31 -30.48 -29.66
N ARG C 65 5.48 -29.53 -29.26
CA ARG C 65 4.04 -29.64 -29.46
C ARG C 65 3.59 -28.96 -30.75
N GLN C 66 2.66 -29.60 -31.46
CA GLN C 66 1.80 -28.88 -32.36
C GLN C 66 0.71 -28.28 -31.46
N THR C 67 0.61 -26.96 -31.40
CA THR C 67 -0.30 -26.33 -30.43
C THR C 67 -1.21 -25.29 -31.07
N HIS C 68 -2.38 -25.05 -30.46
CA HIS C 68 -3.28 -23.98 -30.89
C HIS C 68 -3.55 -22.97 -29.77
N GLN C 69 -2.91 -23.19 -28.63
CA GLN C 69 -3.30 -22.50 -27.40
C GLN C 69 -3.15 -20.97 -27.46
N PRO C 70 -4.25 -20.25 -27.20
CA PRO C 70 -4.22 -18.79 -27.17
C PRO C 70 -4.00 -18.20 -25.76
N SER C 71 -4.22 -18.99 -24.71
CA SER C 71 -3.88 -18.56 -23.35
C SER C 71 -3.80 -19.76 -22.42
N PRO C 72 -3.04 -19.66 -21.33
CA PRO C 72 -2.94 -20.80 -20.41
C PRO C 72 -4.30 -21.19 -19.81
N TRP C 73 -5.18 -20.23 -19.58
CA TRP C 73 -6.48 -20.56 -18.95
C TRP C 73 -7.46 -21.12 -19.95
N ILE C 74 -7.36 -20.68 -21.19
CA ILE C 74 -8.18 -21.26 -22.25
C ILE C 74 -7.65 -22.66 -22.60
N ASN C 75 -6.33 -22.80 -22.59
CA ASN C 75 -5.69 -24.10 -22.80
C ASN C 75 -5.79 -24.53 -24.28
N ASP C 76 -5.45 -25.78 -24.57
CA ASP C 76 -5.12 -26.20 -25.94
C ASP C 76 -6.15 -27.16 -26.52
N TYR C 77 -6.03 -27.45 -27.82
CA TYR C 77 -6.87 -28.46 -28.48
C TYR C 77 -6.12 -28.94 -29.72
N GLY C 78 -6.46 -30.13 -30.21
CA GLY C 78 -5.88 -30.63 -31.45
C GLY C 78 -4.37 -30.69 -31.35
N THR C 79 -3.87 -31.18 -30.23
CA THR C 79 -2.45 -31.08 -29.97
C THR C 79 -1.80 -32.46 -29.84
N PHE C 80 -0.57 -32.58 -30.34
CA PHE C 80 0.23 -33.79 -30.13
C PHE C 80 1.67 -33.33 -30.05
N SER C 81 2.57 -34.21 -29.64
CA SER C 81 3.97 -33.80 -29.60
C SER C 81 4.93 -34.83 -30.19
N ILE C 82 6.12 -34.33 -30.54
CA ILE C 82 7.20 -35.14 -31.06
C ILE C 82 8.39 -34.90 -30.15
N MET C 83 9.08 -35.97 -29.77
CA MET C 83 10.25 -35.84 -28.85
C MET C 83 11.36 -36.81 -29.21
N PRO C 84 12.42 -36.30 -29.83
CA PRO C 84 13.58 -37.17 -30.05
C PRO C 84 14.23 -37.43 -28.70
N LEU C 85 14.79 -38.63 -28.55
CA LEU C 85 15.46 -39.05 -27.34
C LEU C 85 16.75 -39.81 -27.66
N ALA C 86 17.77 -39.60 -26.83
CA ALA C 86 18.98 -40.42 -26.88
C ALA C 86 19.09 -41.25 -25.60
N GLY C 87 19.45 -42.52 -25.75
CA GLY C 87 19.73 -43.36 -24.59
C GLY C 87 18.49 -44.09 -24.12
N GLU C 88 17.91 -43.62 -23.01
CA GLU C 88 16.79 -44.32 -22.39
C GLU C 88 15.46 -43.93 -23.01
N LEU C 89 14.71 -44.92 -23.47
CA LEU C 89 13.39 -44.65 -24.01
C LEU C 89 12.41 -44.38 -22.86
N LYS C 90 11.63 -43.29 -22.96
CA LYS C 90 10.58 -43.01 -21.99
C LYS C 90 9.33 -42.60 -22.78
N MET C 91 8.19 -43.18 -22.45
CA MET C 91 6.99 -42.97 -23.26
C MET C 91 6.10 -41.87 -22.71
N SER C 92 5.74 -41.95 -21.44
CA SER C 92 4.77 -41.04 -20.87
C SER C 92 5.33 -39.62 -20.69
N HIS C 93 4.50 -38.61 -20.92
CA HIS C 93 4.92 -37.22 -20.70
C HIS C 93 5.45 -37.00 -19.27
N LYS C 94 5.02 -37.84 -18.33
CA LYS C 94 5.44 -37.75 -16.93
C LYS C 94 6.90 -38.13 -16.75
N GLU C 95 7.41 -38.93 -17.68
CA GLU C 95 8.76 -39.45 -17.55
C GLU C 95 9.73 -38.94 -18.61
N ARG C 96 9.21 -38.30 -19.66
CA ARG C 96 10.09 -37.73 -20.69
C ARG C 96 10.54 -36.39 -20.19
N LEU C 97 11.68 -36.35 -19.54
CA LEU C 97 12.18 -35.09 -18.98
C LEU C 97 13.64 -35.02 -19.34
N VAL C 98 14.01 -34.14 -20.27
CA VAL C 98 15.38 -34.12 -20.76
C VAL C 98 16.00 -32.77 -20.42
N PRO C 99 17.09 -32.78 -19.63
CA PRO C 99 17.71 -31.52 -19.21
C PRO C 99 18.28 -30.72 -20.38
N PHE C 100 18.11 -29.40 -20.36
CA PHE C 100 18.74 -28.53 -21.34
C PHE C 100 19.07 -27.19 -20.70
N SER C 101 19.94 -26.43 -21.35
CA SER C 101 20.28 -25.09 -20.88
C SER C 101 19.85 -24.06 -21.91
N HIS C 102 19.31 -22.93 -21.45
CA HIS C 102 19.03 -21.83 -22.38
C HIS C 102 20.26 -21.40 -23.16
N GLN C 103 21.46 -21.67 -22.63
CA GLN C 103 22.67 -21.31 -23.37
C GLN C 103 22.78 -22.04 -24.71
N GLN C 104 22.12 -23.19 -24.82
CA GLN C 104 22.13 -23.96 -26.06
C GLN C 104 20.72 -24.01 -26.69
N GLU C 105 20.02 -22.88 -26.59
CA GLU C 105 18.69 -22.75 -27.14
C GLU C 105 18.64 -21.47 -27.97
N LYS C 106 18.07 -21.57 -29.18
CA LYS C 106 17.90 -20.41 -30.05
C LYS C 106 16.46 -20.39 -30.55
N ALA C 107 15.65 -19.50 -29.98
CA ALA C 107 14.24 -19.41 -30.32
C ALA C 107 14.05 -18.26 -31.30
N THR C 108 13.52 -18.58 -32.48
CA THR C 108 13.15 -17.57 -33.47
C THR C 108 11.77 -17.96 -34.02
N PRO C 109 11.09 -17.03 -34.71
CA PRO C 109 9.76 -17.37 -35.24
C PRO C 109 9.81 -18.40 -36.36
N TYR C 110 10.96 -18.51 -37.04
CA TYR C 110 11.10 -19.34 -38.23
C TYR C 110 11.87 -20.64 -37.95
N ASN C 111 12.40 -20.77 -36.73
CA ASN C 111 13.16 -21.95 -36.32
C ASN C 111 13.42 -21.91 -34.81
N TYR C 112 13.12 -23.01 -34.13
CA TYR C 112 13.55 -23.20 -32.74
C TYR C 112 14.57 -24.33 -32.71
N SER C 113 15.71 -24.05 -32.09
CA SER C 113 16.80 -25.03 -32.04
C SER C 113 17.26 -25.19 -30.61
N VAL C 114 17.51 -26.43 -30.19
CA VAL C 114 18.00 -26.68 -28.83
C VAL C 114 18.94 -27.88 -28.81
N THR C 115 19.98 -27.79 -28.00
CA THR C 115 20.86 -28.94 -27.80
C THR C 115 20.76 -29.31 -26.32
N PHE C 116 20.40 -30.58 -26.07
CA PHE C 116 20.22 -31.07 -24.71
C PHE C 116 21.56 -31.34 -24.06
N ASN C 117 21.56 -31.46 -22.73
CA ASN C 117 22.81 -31.67 -22.01
C ASN C 117 23.51 -32.95 -22.48
N ASN C 118 22.73 -33.93 -22.94
CA ASN C 118 23.31 -35.17 -23.46
C ASN C 118 23.90 -35.06 -24.86
N GLY C 119 23.82 -33.88 -25.48
CA GLY C 119 24.41 -33.68 -26.81
C GLY C 119 23.47 -33.83 -27.99
N LEU C 120 22.26 -34.34 -27.76
CA LEU C 120 21.27 -34.43 -28.84
C LEU C 120 20.85 -33.02 -29.26
N GLN C 121 20.91 -32.76 -30.55
CA GLN C 121 20.49 -31.46 -31.07
C GLN C 121 19.25 -31.64 -31.96
N THR C 122 18.30 -30.73 -31.84
CA THR C 122 17.15 -30.77 -32.72
C THR C 122 16.75 -29.33 -33.07
N SER C 123 16.20 -29.15 -34.26
CA SER C 123 15.59 -27.87 -34.56
C SER C 123 14.37 -28.10 -35.43
N LEU C 124 13.43 -27.17 -35.38
CA LEU C 124 12.19 -27.31 -36.12
C LEU C 124 11.77 -25.97 -36.70
N SER C 125 11.17 -26.01 -37.88
CA SER C 125 10.65 -24.81 -38.53
C SER C 125 9.26 -25.14 -39.03
N ALA C 126 8.37 -24.16 -39.03
CA ALA C 126 6.97 -24.41 -39.42
C ALA C 126 6.55 -23.79 -40.74
N THR C 127 5.58 -24.44 -41.40
CA THR C 127 4.80 -23.80 -42.45
C THR C 127 3.44 -23.47 -41.81
N SER C 128 2.47 -23.06 -42.61
CA SER C 128 1.14 -22.74 -42.06
C SER C 128 0.55 -23.96 -41.32
N ARG C 129 0.69 -25.14 -41.92
CA ARG C 129 0.02 -26.33 -41.40
C ARG C 129 0.96 -27.50 -41.08
N GLY C 130 2.24 -27.34 -41.41
CA GLY C 130 3.19 -28.43 -41.20
C GLY C 130 4.45 -27.97 -40.49
N ALA C 131 5.37 -28.90 -40.27
CA ALA C 131 6.67 -28.57 -39.70
C ALA C 131 7.72 -29.56 -40.16
N VAL C 132 8.98 -29.16 -40.13
CA VAL C 132 10.06 -30.08 -40.43
C VAL C 132 11.10 -29.94 -39.33
N PHE C 133 11.54 -31.08 -38.79
CA PHE C 133 12.59 -31.19 -37.77
C PHE C 133 13.86 -31.71 -38.41
N GLU C 134 15.00 -31.37 -37.81
CA GLU C 134 16.25 -32.10 -38.04
C GLU C 134 16.67 -32.60 -36.65
N VAL C 135 17.27 -33.78 -36.58
CA VAL C 135 17.80 -34.29 -35.31
C VAL C 135 19.22 -34.81 -35.50
N SER C 136 20.15 -34.36 -34.65
CA SER C 136 21.49 -34.95 -34.60
C SER C 136 21.60 -35.75 -33.33
N PHE C 137 21.65 -37.08 -33.45
CA PHE C 137 21.75 -37.94 -32.28
C PHE C 137 23.19 -38.05 -31.83
N PRO C 138 23.41 -38.11 -30.50
CA PRO C 138 24.77 -38.37 -30.05
C PRO C 138 25.23 -39.76 -30.47
N GLU C 139 26.52 -39.90 -30.76
CA GLU C 139 27.06 -41.17 -31.23
C GLU C 139 26.99 -42.23 -30.14
N LYS C 140 26.86 -43.49 -30.52
CA LYS C 140 26.97 -44.59 -29.55
C LYS C 140 25.83 -44.68 -28.52
N GLU C 141 24.79 -43.87 -28.69
CA GLU C 141 23.59 -44.00 -27.85
C GLU C 141 22.41 -44.44 -28.71
N ASP C 142 21.46 -45.15 -28.11
CA ASP C 142 20.22 -45.51 -28.83
C ASP C 142 19.51 -44.24 -29.31
N GLN C 143 18.81 -44.37 -30.44
CA GLN C 143 18.15 -43.25 -31.10
C GLN C 143 16.64 -43.47 -31.18
N TYR C 144 15.84 -42.63 -30.53
CA TYR C 144 14.38 -42.74 -30.61
C TYR C 144 13.69 -41.43 -30.98
N VAL C 145 12.47 -41.57 -31.49
CA VAL C 145 11.54 -40.46 -31.53
C VAL C 145 10.25 -40.95 -30.92
N VAL C 146 9.73 -40.21 -29.96
CA VAL C 146 8.43 -40.54 -29.35
C VAL C 146 7.38 -39.59 -29.88
N VAL C 147 6.25 -40.17 -30.30
CA VAL C 147 5.10 -39.40 -30.73
C VAL C 147 4.08 -39.52 -29.61
N ASP C 148 3.65 -38.37 -29.08
CA ASP C 148 2.65 -38.35 -28.00
C ASP C 148 1.38 -37.74 -28.56
N ALA C 149 0.34 -38.57 -28.68
CA ALA C 149 -0.93 -38.15 -29.27
C ALA C 149 -1.92 -37.58 -28.23
N TYR C 150 -1.44 -37.40 -27.00
CA TYR C 150 -2.18 -36.74 -25.92
C TYR C 150 -3.32 -37.59 -25.41
N ASN C 151 -4.01 -37.10 -24.37
CA ASN C 151 -5.11 -37.85 -23.79
C ASN C 151 -6.44 -37.33 -24.33
N GLY C 152 -7.55 -37.76 -23.76
CA GLY C 152 -8.86 -37.40 -24.31
C GLY C 152 -9.33 -38.27 -25.48
N GLY C 153 -8.64 -39.36 -25.76
CA GLY C 153 -9.11 -40.32 -26.78
C GLY C 153 -8.36 -40.20 -28.10
N SER C 154 -7.15 -40.75 -28.15
CA SER C 154 -6.32 -40.62 -29.35
C SER C 154 -6.01 -41.97 -29.97
N SER C 155 -5.38 -41.95 -31.14
CA SER C 155 -4.97 -43.18 -31.78
C SER C 155 -3.78 -42.92 -32.68
N ILE C 156 -2.98 -43.96 -32.87
CA ILE C 156 -1.78 -43.86 -33.66
C ILE C 156 -1.63 -45.12 -34.50
N THR C 157 -1.19 -44.95 -35.74
CA THR C 157 -0.82 -46.08 -36.60
C THR C 157 0.58 -45.87 -37.14
N ILE C 158 1.47 -46.82 -36.88
CA ILE C 158 2.82 -46.78 -37.45
C ILE C 158 2.86 -47.63 -38.72
N GLU C 159 3.46 -47.09 -39.79
CA GLU C 159 3.77 -47.87 -40.98
C GLU C 159 5.28 -47.88 -41.16
N PRO C 160 5.95 -48.79 -40.44
CA PRO C 160 7.42 -48.74 -40.35
C PRO C 160 8.11 -48.85 -41.71
N GLU C 161 7.57 -49.68 -42.60
CA GLU C 161 8.23 -49.88 -43.91
C GLU C 161 8.21 -48.61 -44.74
N LYS C 162 7.17 -47.79 -44.56
CA LYS C 162 7.07 -46.53 -45.31
C LYS C 162 7.60 -45.36 -44.49
N ARG C 163 8.12 -45.65 -43.31
CA ARG C 163 8.69 -44.63 -42.42
C ARG C 163 7.64 -43.57 -42.08
N LEU C 164 6.39 -44.02 -41.92
CA LEU C 164 5.28 -43.11 -41.66
C LEU C 164 4.61 -43.38 -40.32
N VAL C 165 4.13 -42.32 -39.71
CA VAL C 165 3.23 -42.42 -38.57
C VAL C 165 2.05 -41.49 -38.83
N LYS C 166 0.85 -42.01 -38.67
CA LYS C 166 -0.36 -41.19 -38.75
C LYS C 166 -1.13 -41.34 -37.45
N GLY C 167 -1.95 -40.35 -37.13
CA GLY C 167 -2.78 -40.48 -35.95
C GLY C 167 -3.87 -39.44 -35.83
N ALA C 168 -4.64 -39.54 -34.76
CA ALA C 168 -5.68 -38.55 -34.48
C ALA C 168 -5.59 -38.15 -33.02
N THR C 169 -5.61 -36.85 -32.77
CA THR C 169 -5.68 -36.33 -31.40
C THR C 169 -7.02 -35.62 -31.23
N ARG C 170 -7.70 -35.87 -30.12
CA ARG C 170 -9.01 -35.29 -29.89
C ARG C 170 -9.05 -34.42 -28.64
N TYR C 171 -7.92 -34.31 -27.95
CA TYR C 171 -7.82 -33.48 -26.75
C TYR C 171 -8.40 -32.09 -27.02
N ASN C 172 -9.16 -31.60 -26.05
CA ASN C 172 -9.63 -30.23 -26.10
C ASN C 172 -10.07 -29.75 -24.72
N ASN C 173 -10.37 -28.46 -24.63
CA ASN C 173 -10.89 -27.88 -23.39
C ASN C 173 -12.28 -27.29 -23.58
N GLY C 174 -13.05 -27.87 -24.48
CA GLY C 174 -14.36 -27.34 -24.77
C GLY C 174 -14.41 -26.62 -26.10
N GLY C 175 -15.60 -26.20 -26.49
CA GLY C 175 -15.79 -25.44 -27.73
C GLY C 175 -15.54 -26.25 -28.99
N VAL C 176 -15.81 -27.56 -28.90
CA VAL C 176 -15.63 -28.43 -30.07
C VAL C 176 -16.89 -29.24 -30.36
N PRO C 177 -17.14 -29.49 -31.64
CA PRO C 177 -18.28 -30.35 -32.01
C PRO C 177 -17.97 -31.80 -31.63
N ASP C 178 -18.99 -32.66 -31.64
CA ASP C 178 -18.79 -34.05 -31.18
C ASP C 178 -17.81 -34.84 -32.04
N ASN C 179 -17.69 -34.50 -33.32
CA ASN C 179 -16.85 -35.27 -34.24
C ASN C 179 -15.43 -34.71 -34.33
N PHE C 180 -15.08 -33.83 -33.38
CA PHE C 180 -13.77 -33.17 -33.40
C PHE C 180 -12.53 -34.09 -33.41
N ALA C 181 -11.55 -33.74 -34.22
CA ALA C 181 -10.25 -34.41 -34.19
C ALA C 181 -9.27 -33.62 -35.04
N ASN C 182 -8.00 -33.72 -34.69
CA ASN C 182 -6.93 -33.24 -35.54
C ASN C 182 -6.23 -34.49 -36.06
N TYR C 183 -6.13 -34.58 -37.38
CA TYR C 183 -5.58 -35.75 -38.04
C TYR C 183 -4.18 -35.39 -38.48
N PHE C 184 -3.18 -36.13 -37.99
CA PHE C 184 -1.80 -35.75 -38.28
C PHE C 184 -1.05 -36.87 -38.98
N MET C 185 0.04 -36.50 -39.66
CA MET C 185 0.90 -37.50 -40.26
C MET C 185 2.33 -37.02 -40.20
N MET C 186 3.26 -37.95 -40.24
CA MET C 186 4.67 -37.58 -40.27
C MET C 186 5.49 -38.64 -40.98
N GLU C 187 6.60 -38.20 -41.55
CA GLU C 187 7.48 -39.08 -42.30
C GLU C 187 8.87 -38.88 -41.78
N PHE C 188 9.64 -39.97 -41.75
CA PHE C 188 11.01 -39.97 -41.27
C PHE C 188 11.96 -40.28 -42.42
N SER C 189 13.14 -39.65 -42.40
CA SER C 189 14.07 -39.79 -43.51
C SER C 189 14.84 -41.12 -43.51
N HIS C 190 15.01 -41.72 -42.34
CA HIS C 190 15.84 -42.92 -42.20
C HIS C 190 15.03 -44.15 -41.80
N PRO C 191 15.57 -45.35 -42.08
CA PRO C 191 14.86 -46.59 -41.78
C PRO C 191 14.50 -46.74 -40.31
N VAL C 192 13.27 -47.20 -40.04
CA VAL C 192 12.84 -47.50 -38.71
C VAL C 192 13.36 -48.87 -38.31
N ILE C 193 14.19 -48.95 -37.27
CA ILE C 193 14.75 -50.27 -36.91
C ILE C 193 13.95 -51.02 -35.85
N GLU C 194 13.17 -50.30 -35.05
CA GLU C 194 12.23 -50.92 -34.12
C GLU C 194 11.16 -49.89 -33.84
N TYR C 195 10.03 -50.31 -33.29
CA TYR C 195 8.90 -49.42 -33.07
C TYR C 195 7.96 -50.06 -32.05
N GLY C 196 7.10 -49.26 -31.44
CA GLY C 196 6.18 -49.80 -30.45
C GLY C 196 5.12 -48.81 -30.05
N THR C 197 4.19 -49.25 -29.21
CA THR C 197 3.06 -48.41 -28.82
C THR C 197 2.89 -48.36 -27.31
N TYR C 198 2.14 -47.36 -26.86
CA TYR C 198 1.89 -47.15 -25.46
C TYR C 198 0.45 -46.67 -25.33
N ASN C 199 -0.33 -47.31 -24.45
CA ASN C 199 -1.74 -46.99 -24.30
C ASN C 199 -2.05 -46.35 -22.96
N GLY C 200 -1.02 -45.79 -22.32
CA GLY C 200 -1.18 -45.13 -21.02
C GLY C 200 -0.97 -46.08 -19.86
N ASP C 201 -0.84 -47.36 -20.17
CA ASP C 201 -0.59 -48.40 -19.16
C ASP C 201 0.60 -49.28 -19.53
N THR C 202 0.62 -49.78 -20.76
CA THR C 202 1.61 -50.75 -21.19
C THR C 202 2.35 -50.33 -22.45
N LEU C 203 3.66 -50.50 -22.43
CA LEU C 203 4.49 -50.29 -23.60
C LEU C 203 4.57 -51.63 -24.35
N LEU C 204 4.18 -51.64 -25.62
CA LEU C 204 4.21 -52.85 -26.41
C LEU C 204 5.22 -52.72 -27.54
N HIS C 205 6.21 -53.60 -27.56
CA HIS C 205 7.28 -53.53 -28.54
C HIS C 205 6.90 -54.23 -29.84
N HIS C 206 7.37 -53.68 -30.95
CA HIS C 206 7.12 -54.24 -32.28
C HIS C 206 5.62 -54.32 -32.63
N GLN C 207 4.86 -53.31 -32.23
CA GLN C 207 3.46 -53.21 -32.61
C GLN C 207 3.21 -51.85 -33.28
N THR C 208 2.14 -51.76 -34.06
CA THR C 208 1.95 -50.62 -34.95
C THR C 208 0.72 -49.77 -34.61
N ASP C 209 -0.27 -50.38 -33.97
CA ASP C 209 -1.59 -49.72 -33.83
C ASP C 209 -2.09 -49.64 -32.40
N VAL C 210 -2.45 -48.43 -31.99
CA VAL C 210 -2.97 -48.23 -30.64
C VAL C 210 -4.04 -47.12 -30.61
N ALA C 211 -5.05 -47.33 -29.77
CA ALA C 211 -6.10 -46.35 -29.55
C ALA C 211 -6.53 -46.47 -28.07
N ALA C 212 -6.60 -45.33 -27.38
CA ALA C 212 -6.96 -45.32 -25.95
C ALA C 212 -7.15 -43.87 -25.50
N ASP C 213 -7.52 -43.67 -24.24
CA ASP C 213 -7.60 -42.30 -23.74
C ASP C 213 -6.31 -41.54 -24.04
N TYR C 214 -5.18 -42.17 -23.69
CA TYR C 214 -3.86 -41.56 -23.90
C TYR C 214 -3.01 -42.57 -24.68
N THR C 215 -2.38 -42.12 -25.76
CA THR C 215 -1.51 -42.98 -26.55
C THR C 215 -0.22 -42.28 -26.95
N CYS C 216 0.85 -43.07 -27.03
CA CYS C 216 2.12 -42.63 -27.58
C CYS C 216 2.67 -43.75 -28.46
N ALA C 217 3.69 -43.44 -29.26
CA ALA C 217 4.37 -44.48 -30.04
C ALA C 217 5.84 -44.13 -30.10
N TYR C 218 6.69 -45.12 -30.30
CA TYR C 218 8.09 -44.82 -30.51
C TYR C 218 8.63 -45.42 -31.81
N LEU C 219 9.65 -44.78 -32.35
CA LEU C 219 10.42 -45.31 -33.45
C LEU C 219 11.89 -45.24 -33.05
N LYS C 220 12.62 -46.29 -33.38
CA LYS C 220 14.05 -46.36 -33.09
C LYS C 220 14.79 -46.31 -34.44
N PHE C 221 15.90 -45.58 -34.50
CA PHE C 221 16.63 -45.39 -35.74
C PHE C 221 18.07 -45.87 -35.57
N ASP C 222 18.81 -45.92 -36.68
CA ASP C 222 20.24 -46.17 -36.67
C ASP C 222 20.89 -45.22 -37.68
N VAL C 223 20.70 -43.93 -37.43
CA VAL C 223 21.23 -42.91 -38.32
C VAL C 223 22.76 -42.94 -38.25
N PRO C 224 23.44 -43.02 -39.40
CA PRO C 224 24.91 -43.09 -39.36
C PRO C 224 25.56 -41.81 -38.86
N ALA C 225 26.74 -41.94 -38.28
CA ALA C 225 27.48 -40.79 -37.79
C ALA C 225 27.60 -39.77 -38.92
N GLY C 226 27.44 -38.50 -38.59
CA GLY C 226 27.57 -37.44 -39.58
C GLY C 226 26.27 -37.10 -40.29
N GLU C 227 25.26 -37.98 -40.19
CA GLU C 227 23.97 -37.72 -40.82
C GLU C 227 22.94 -37.25 -39.79
N LYS C 228 21.82 -36.69 -40.28
CA LYS C 228 20.77 -36.17 -39.43
C LYS C 228 19.45 -36.79 -39.80
N LEU C 229 18.58 -36.99 -38.82
CA LEU C 229 17.24 -37.46 -39.12
C LEU C 229 16.38 -36.27 -39.50
N THR C 230 15.63 -36.39 -40.60
CA THR C 230 14.61 -35.40 -40.91
C THR C 230 13.24 -35.97 -40.52
N ILE C 231 12.42 -35.17 -39.83
CA ILE C 231 11.04 -35.52 -39.58
C ILE C 231 10.14 -34.49 -40.26
N ARG C 232 9.25 -34.93 -41.15
CA ARG C 232 8.30 -34.03 -41.80
C ARG C 232 6.90 -34.34 -41.27
N THR C 233 6.11 -33.32 -40.96
CA THR C 233 4.79 -33.57 -40.40
C THR C 233 3.81 -32.49 -40.85
N ALA C 234 2.53 -32.85 -40.93
CA ALA C 234 1.46 -31.88 -41.15
C ALA C 234 0.17 -32.45 -40.57
N SER C 235 -0.83 -31.58 -40.37
CA SER C 235 -2.10 -32.05 -39.87
C SER C 235 -3.26 -31.33 -40.53
N SER C 236 -4.48 -31.79 -40.20
CA SER C 236 -5.69 -31.22 -40.76
C SER C 236 -6.79 -31.39 -39.75
N PHE C 237 -7.75 -30.48 -39.74
CA PHE C 237 -8.97 -30.70 -38.95
C PHE C 237 -10.07 -31.35 -39.76
N ILE C 238 -9.80 -31.55 -41.05
CA ILE C 238 -10.83 -32.05 -41.96
C ILE C 238 -10.80 -33.59 -42.05
N SER C 239 -9.64 -34.14 -42.40
CA SER C 239 -9.52 -35.59 -42.58
C SER C 239 -8.05 -36.00 -42.69
N PRO C 240 -7.76 -37.29 -42.51
CA PRO C 240 -6.43 -37.81 -42.84
C PRO C 240 -6.02 -37.51 -44.28
N GLU C 241 -6.98 -37.56 -45.20
CA GLU C 241 -6.71 -37.31 -46.61
C GLU C 241 -6.27 -35.88 -46.83
N GLN C 242 -6.94 -34.94 -46.16
CA GLN C 242 -6.57 -33.54 -46.30
C GLN C 242 -5.24 -33.29 -45.58
N ALA C 243 -4.96 -34.05 -44.53
CA ALA C 243 -3.66 -33.91 -43.85
C ALA C 243 -2.54 -34.26 -44.83
N ALA C 244 -2.79 -35.27 -45.67
CA ALA C 244 -1.80 -35.69 -46.65
C ALA C 244 -1.68 -34.65 -47.77
N ILE C 245 -2.80 -34.00 -48.11
CA ILE C 245 -2.76 -32.91 -49.07
C ILE C 245 -1.92 -31.76 -48.51
N ASN C 246 -2.12 -31.39 -47.25
CA ASN C 246 -1.32 -30.32 -46.61
C ASN C 246 0.15 -30.70 -46.60
N PHE C 247 0.41 -31.94 -46.21
CA PHE C 247 1.79 -32.47 -46.14
C PHE C 247 2.45 -32.39 -47.50
N ASN C 248 1.81 -32.94 -48.52
CA ASN C 248 2.40 -32.93 -49.85
C ASN C 248 2.63 -31.53 -50.42
N ARG C 249 1.73 -30.60 -50.11
CA ARG C 249 1.91 -29.23 -50.61
C ARG C 249 2.95 -28.44 -49.83
N GLU C 250 2.99 -28.62 -48.50
CA GLU C 250 3.81 -27.73 -47.68
C GLU C 250 5.19 -28.24 -47.24
N VAL C 251 5.33 -29.54 -46.96
CA VAL C 251 6.60 -30.04 -46.40
C VAL C 251 7.26 -31.26 -47.09
N ALA C 252 6.57 -31.91 -48.03
CA ALA C 252 7.10 -33.12 -48.62
C ALA C 252 8.44 -32.82 -49.27
N ASP C 253 9.40 -33.70 -49.05
CA ASP C 253 10.73 -33.58 -49.64
C ASP C 253 11.60 -32.47 -49.04
N ALA C 254 11.04 -31.68 -48.13
CA ALA C 254 11.80 -30.57 -47.55
C ALA C 254 12.76 -30.99 -46.43
N ASP C 255 13.83 -30.22 -46.24
CA ASP C 255 14.63 -30.34 -45.02
C ASP C 255 14.38 -29.09 -44.16
N VAL C 256 14.87 -29.08 -42.93
CA VAL C 256 14.53 -27.99 -42.03
C VAL C 256 15.06 -26.65 -42.58
N GLN C 257 16.16 -26.72 -43.35
CA GLN C 257 16.75 -25.50 -43.91
C GLN C 257 15.81 -24.81 -44.90
N LEU C 258 15.18 -25.59 -45.77
CA LEU C 258 14.22 -25.06 -46.72
C LEU C 258 13.06 -24.38 -45.99
N ILE C 259 12.47 -25.09 -45.03
CA ILE C 259 11.32 -24.56 -44.30
C ILE C 259 11.66 -23.31 -43.47
N SER C 260 12.84 -23.32 -42.86
CA SER C 260 13.31 -22.20 -42.09
C SER C 260 13.45 -20.97 -43.01
N GLY C 261 14.09 -21.18 -44.15
CA GLY C 261 14.28 -20.09 -45.11
C GLY C 261 12.96 -19.48 -45.55
N LYS C 262 11.98 -20.32 -45.86
CA LYS C 262 10.67 -19.85 -46.30
C LYS C 262 9.94 -19.05 -45.23
N ALA C 263 9.93 -19.57 -44.00
CA ALA C 263 9.31 -18.86 -42.87
C ALA C 263 10.01 -17.53 -42.58
N ARG C 264 11.34 -17.55 -42.62
CA ARG C 264 12.12 -16.35 -42.42
C ARG C 264 11.67 -15.28 -43.44
N GLU C 265 11.58 -15.67 -44.71
CA GLU C 265 11.12 -14.77 -45.75
C GLU C 265 9.72 -14.23 -45.47
N GLN C 266 8.80 -15.11 -45.07
CA GLN C 266 7.44 -14.68 -44.80
C GLN C 266 7.40 -13.67 -43.64
N TRP C 267 8.18 -13.94 -42.61
CA TRP C 267 8.17 -13.02 -41.48
C TRP C 267 8.74 -11.67 -41.88
N ASN C 268 9.84 -11.68 -42.64
CA ASN C 268 10.42 -10.42 -43.13
C ASN C 268 9.42 -9.64 -44.00
N ASN C 269 8.67 -10.36 -44.82
CA ASN C 269 7.66 -9.73 -45.67
C ASN C 269 6.58 -9.04 -44.85
N TYR C 270 5.98 -9.75 -43.89
CA TYR C 270 4.88 -9.18 -43.10
C TYR C 270 5.33 -8.16 -42.04
N LEU C 271 6.44 -8.45 -41.36
CA LEU C 271 6.96 -7.48 -40.38
C LEU C 271 7.37 -6.21 -41.12
N GLY C 272 7.89 -6.41 -42.34
CA GLY C 272 8.42 -5.32 -43.15
C GLY C 272 7.40 -4.31 -43.62
N ARG C 273 6.12 -4.58 -43.42
CA ARG C 273 5.09 -3.59 -43.70
C ARG C 273 5.15 -2.33 -42.83
N VAL C 274 5.81 -2.40 -41.66
CA VAL C 274 6.22 -1.19 -40.96
C VAL C 274 7.73 -1.22 -40.76
N GLU C 275 8.44 -0.25 -41.30
CA GLU C 275 9.87 -0.14 -41.17
C GLU C 275 10.21 0.94 -40.15
N ALA C 276 10.71 0.53 -38.98
CA ALA C 276 11.19 1.43 -37.96
C ALA C 276 12.66 1.74 -38.17
N GLU C 277 13.01 3.02 -38.16
CA GLU C 277 14.41 3.45 -38.32
C GLU C 277 14.77 4.50 -37.27
N GLY C 278 16.01 4.46 -36.79
CA GLY C 278 16.46 5.46 -35.84
C GLY C 278 15.96 5.13 -34.44
N GLY C 279 16.42 4.00 -33.93
CA GLY C 279 16.11 3.58 -32.55
C GLY C 279 17.26 2.70 -32.07
N THR C 280 17.23 2.32 -30.80
CA THR C 280 18.25 1.43 -30.27
C THR C 280 17.90 0.02 -30.67
N ASP C 281 18.85 -0.90 -30.59
CA ASP C 281 18.56 -2.29 -30.89
C ASP C 281 17.48 -2.78 -29.93
N GLU C 282 17.54 -2.34 -28.68
CA GLU C 282 16.54 -2.79 -27.68
C GLU C 282 15.14 -2.34 -28.08
N GLN C 283 15.03 -1.11 -28.60
CA GLN C 283 13.75 -0.62 -29.10
C GLN C 283 13.30 -1.42 -30.31
N LEU C 284 14.21 -1.66 -31.24
CA LEU C 284 13.86 -2.44 -32.42
C LEU C 284 13.45 -3.85 -32.02
N ARG C 285 14.17 -4.46 -31.08
CA ARG C 285 13.77 -5.81 -30.63
C ARG C 285 12.38 -5.80 -29.99
N THR C 286 12.10 -4.78 -29.19
CA THR C 286 10.81 -4.74 -28.49
C THR C 286 9.68 -4.57 -29.51
N PHE C 287 9.88 -3.64 -30.44
CA PHE C 287 8.86 -3.29 -31.44
C PHE C 287 8.55 -4.49 -32.30
N TYR C 288 9.60 -5.10 -32.85
CA TYR C 288 9.38 -6.23 -33.78
C TYR C 288 8.92 -7.51 -33.06
N SER C 289 9.33 -7.68 -31.81
CA SER C 289 8.81 -8.83 -31.03
C SER C 289 7.31 -8.64 -30.77
N CYS C 290 6.91 -7.42 -30.41
CA CYS C 290 5.49 -7.14 -30.23
C CYS C 290 4.72 -7.31 -31.53
N LEU C 291 5.28 -6.84 -32.64
CA LEU C 291 4.59 -6.98 -33.93
C LEU C 291 4.44 -8.47 -34.29
N TYR C 292 5.49 -9.25 -34.05
CA TYR C 292 5.40 -10.71 -34.24
C TYR C 292 4.22 -11.30 -33.47
N ARG C 293 4.07 -10.91 -32.20
CA ARG C 293 2.98 -11.42 -31.36
C ARG C 293 1.61 -11.08 -31.94
N THR C 294 1.51 -9.87 -32.49
CA THR C 294 0.26 -9.38 -33.03
C THR C 294 -0.15 -10.14 -34.28
N LEU C 295 0.82 -10.70 -35.00
CA LEU C 295 0.52 -11.37 -36.26
C LEU C 295 0.24 -12.88 -36.13
N LEU C 296 0.12 -13.37 -34.89
CA LEU C 296 -0.09 -14.82 -34.65
C LEU C 296 -1.57 -15.17 -34.64
N PHE C 297 -2.37 -14.36 -33.93
CA PHE C 297 -3.78 -14.65 -33.67
C PHE C 297 -4.66 -13.55 -34.29
N PRO C 298 -5.90 -13.89 -34.67
CA PRO C 298 -6.49 -15.22 -34.59
C PRO C 298 -5.89 -16.06 -35.70
N ARG C 299 -5.89 -17.38 -35.54
CA ARG C 299 -5.28 -18.22 -36.55
C ARG C 299 -6.24 -18.52 -37.70
N GLU C 300 -5.69 -18.63 -38.90
CA GLU C 300 -6.41 -19.22 -40.02
C GLU C 300 -6.86 -20.62 -39.63
N PHE C 301 -8.11 -20.97 -39.92
CA PHE C 301 -8.63 -22.31 -39.60
C PHE C 301 -9.10 -23.00 -40.87
N TYR C 302 -8.66 -22.48 -42.01
CA TYR C 302 -9.04 -23.05 -43.29
C TYR C 302 -7.84 -23.70 -43.96
N GLU C 303 -8.12 -24.50 -44.98
CA GLU C 303 -7.14 -25.33 -45.63
C GLU C 303 -7.43 -25.34 -47.13
N PHE C 304 -6.44 -25.69 -47.95
CA PHE C 304 -6.66 -25.71 -49.39
C PHE C 304 -6.79 -27.13 -49.95
N ASP C 305 -7.94 -27.43 -50.54
CA ASP C 305 -8.22 -28.81 -50.96
C ASP C 305 -7.43 -29.18 -52.22
N SER C 306 -7.67 -30.38 -52.75
CA SER C 306 -6.92 -30.87 -53.90
C SER C 306 -7.06 -29.93 -55.09
N GLN C 307 -8.08 -29.07 -55.08
CA GLN C 307 -8.33 -28.15 -56.18
C GLN C 307 -7.70 -26.77 -55.96
N GLY C 308 -7.04 -26.60 -54.81
CA GLY C 308 -6.49 -25.30 -54.44
C GLY C 308 -7.51 -24.35 -53.81
N ASN C 309 -8.69 -24.85 -53.51
CA ASN C 309 -9.76 -24.01 -52.95
C ASN C 309 -9.81 -24.02 -51.43
N PRO C 310 -10.15 -22.88 -50.83
CA PRO C 310 -10.15 -22.83 -49.36
C PRO C 310 -11.40 -23.51 -48.81
N VAL C 311 -11.19 -24.40 -47.85
CA VAL C 311 -12.27 -25.08 -47.15
C VAL C 311 -11.88 -25.18 -45.67
N TYR C 312 -12.86 -25.45 -44.82
CA TYR C 312 -12.58 -25.55 -43.40
C TYR C 312 -13.53 -26.47 -42.67
N TYR C 313 -12.99 -27.14 -41.66
CA TYR C 313 -13.78 -27.82 -40.65
C TYR C 313 -14.37 -26.76 -39.74
N SER C 314 -15.70 -26.70 -39.64
CA SER C 314 -16.31 -25.74 -38.75
C SER C 314 -16.32 -26.22 -37.29
N PRO C 315 -15.66 -25.46 -36.39
CA PRO C 315 -15.74 -25.83 -34.98
C PRO C 315 -17.08 -25.40 -34.37
N TYR C 316 -17.98 -24.85 -35.19
CA TYR C 316 -19.29 -24.45 -34.72
C TYR C 316 -20.37 -25.48 -35.02
N ASP C 317 -20.28 -26.14 -36.16
CA ASP C 317 -21.30 -27.15 -36.48
C ASP C 317 -20.70 -28.50 -36.89
N GLY C 318 -19.38 -28.58 -36.95
CA GLY C 318 -18.72 -29.85 -37.24
C GLY C 318 -18.75 -30.33 -38.69
N ASN C 319 -19.27 -29.49 -39.58
CA ASN C 319 -19.27 -29.82 -41.01
C ASN C 319 -18.12 -29.12 -41.72
N VAL C 320 -17.82 -29.54 -42.94
CA VAL C 320 -16.82 -28.90 -43.78
C VAL C 320 -17.50 -27.92 -44.75
N HIS C 321 -16.92 -26.73 -44.88
CA HIS C 321 -17.50 -25.65 -45.67
C HIS C 321 -16.47 -25.04 -46.61
N ASP C 322 -16.97 -24.42 -47.67
CA ASP C 322 -16.14 -23.60 -48.55
C ASP C 322 -15.94 -22.24 -47.90
N GLY C 323 -14.70 -21.75 -47.93
CA GLY C 323 -14.46 -20.36 -47.59
C GLY C 323 -13.50 -20.26 -46.43
N TYR C 324 -13.67 -19.23 -45.61
CA TYR C 324 -12.71 -18.92 -44.55
C TYR C 324 -13.29 -19.06 -43.15
N MET C 325 -12.43 -19.49 -42.24
CA MET C 325 -12.74 -19.52 -40.83
C MET C 325 -11.45 -19.15 -40.09
N TYR C 326 -11.61 -18.46 -38.95
CA TYR C 326 -10.51 -18.12 -38.06
C TYR C 326 -10.93 -18.49 -36.64
N THR C 327 -9.99 -18.62 -35.73
CA THR C 327 -10.36 -18.86 -34.36
C THR C 327 -9.19 -18.53 -33.47
N ASP C 328 -9.36 -18.83 -32.18
CA ASP C 328 -8.39 -18.54 -31.11
C ASP C 328 -8.21 -17.04 -30.86
N ASN C 329 -9.28 -16.43 -30.35
CA ASN C 329 -9.31 -14.98 -30.15
C ASN C 329 -10.42 -14.67 -29.13
N GLY C 330 -10.12 -13.78 -28.19
CA GLY C 330 -11.15 -13.17 -27.36
C GLY C 330 -11.31 -11.75 -27.84
N PHE C 331 -12.40 -11.47 -28.55
CA PHE C 331 -12.57 -10.14 -29.11
C PHE C 331 -12.58 -9.06 -28.02
N TRP C 332 -12.95 -9.44 -26.79
CA TRP C 332 -12.93 -8.50 -25.67
C TRP C 332 -11.54 -7.87 -25.53
N ASP C 333 -10.50 -8.65 -25.83
CA ASP C 333 -9.11 -8.19 -25.84
C ASP C 333 -8.77 -7.51 -27.15
N THR C 334 -8.95 -8.27 -28.24
CA THR C 334 -8.36 -7.94 -29.53
C THR C 334 -9.08 -6.87 -30.35
N PHE C 335 -10.30 -6.50 -29.96
CA PHE C 335 -10.95 -5.41 -30.68
C PHE C 335 -10.22 -4.08 -30.50
N ARG C 336 -9.49 -3.94 -29.39
CA ARG C 336 -8.99 -2.64 -28.95
C ARG C 336 -7.88 -2.13 -29.85
N ALA C 337 -6.94 -2.99 -30.19
CA ALA C 337 -5.83 -2.55 -31.05
C ALA C 337 -5.37 -3.61 -32.07
N VAL C 338 -5.51 -4.89 -31.74
CA VAL C 338 -5.05 -5.92 -32.66
C VAL C 338 -5.80 -5.83 -33.99
N HIS C 339 -7.12 -5.92 -33.94
CA HIS C 339 -7.83 -5.88 -35.21
C HIS C 339 -7.74 -4.53 -35.96
N PRO C 340 -7.79 -3.42 -35.23
CA PRO C 340 -7.51 -2.16 -35.91
C PRO C 340 -6.13 -2.15 -36.61
N LEU C 341 -5.10 -2.76 -36.02
CA LEU C 341 -3.81 -2.81 -36.73
C LEU C 341 -3.95 -3.59 -38.04
N PHE C 342 -4.66 -4.72 -38.01
CA PHE C 342 -4.93 -5.44 -39.24
C PHE C 342 -5.65 -4.55 -40.24
N THR C 343 -6.68 -3.81 -39.81
CA THR C 343 -7.46 -3.02 -40.77
C THR C 343 -6.57 -2.03 -41.50
N LEU C 344 -5.49 -1.61 -40.85
CA LEU C 344 -4.60 -0.61 -41.42
C LEU C 344 -3.48 -1.24 -42.27
N LEU C 345 -2.75 -2.20 -41.70
CA LEU C 345 -1.54 -2.73 -42.33
C LEU C 345 -1.71 -4.10 -42.98
N TYR C 346 -2.70 -4.85 -42.53
CA TYR C 346 -2.95 -6.22 -43.03
C TYR C 346 -4.44 -6.42 -43.33
N PRO C 347 -5.02 -5.53 -44.16
CA PRO C 347 -6.48 -5.51 -44.36
C PRO C 347 -7.01 -6.75 -45.09
N GLU C 348 -6.16 -7.44 -45.83
CA GLU C 348 -6.56 -8.70 -46.45
C GLU C 348 -6.91 -9.75 -45.40
N VAL C 349 -6.32 -9.63 -44.21
CA VAL C 349 -6.66 -10.51 -43.10
C VAL C 349 -8.03 -10.12 -42.52
N SER C 350 -8.24 -8.83 -42.32
CA SER C 350 -9.53 -8.33 -41.85
C SER C 350 -10.66 -8.73 -42.82
N GLU C 351 -10.37 -8.70 -44.12
CA GLU C 351 -11.38 -9.12 -45.11
C GLU C 351 -11.89 -10.53 -44.82
N ARG C 352 -10.99 -11.45 -44.50
CA ARG C 352 -11.36 -12.85 -44.24
C ARG C 352 -11.89 -13.06 -42.82
N VAL C 353 -11.32 -12.32 -41.86
CA VAL C 353 -11.79 -12.41 -40.48
C VAL C 353 -13.26 -12.01 -40.36
N THR C 354 -13.64 -10.90 -40.98
CA THR C 354 -15.01 -10.42 -40.90
C THR C 354 -15.98 -11.44 -41.53
N GLN C 355 -15.64 -11.97 -42.70
CA GLN C 355 -16.43 -13.06 -43.29
C GLN C 355 -16.55 -14.26 -42.35
N SER C 356 -15.46 -14.61 -41.68
CA SER C 356 -15.46 -15.76 -40.78
CA SER C 356 -15.47 -15.76 -40.78
C SER C 356 -16.38 -15.56 -39.56
N ILE C 357 -16.58 -14.30 -39.16
CA ILE C 357 -17.48 -13.98 -38.06
C ILE C 357 -18.93 -14.23 -38.50
N ILE C 358 -19.24 -13.80 -39.72
CA ILE C 358 -20.57 -14.08 -40.27
C ILE C 358 -20.76 -15.58 -40.50
N ASN C 359 -19.72 -16.26 -40.99
CA ASN C 359 -19.80 -17.72 -41.13
C ASN C 359 -20.14 -18.41 -39.81
N ALA C 360 -19.49 -17.99 -38.73
CA ALA C 360 -19.70 -18.59 -37.42
C ALA C 360 -21.13 -18.38 -36.96
N TYR C 361 -21.65 -17.18 -37.21
CA TYR C 361 -23.04 -16.85 -36.92
C TYR C 361 -24.02 -17.73 -37.71
N ASN C 362 -23.77 -17.92 -39.01
CA ASN C 362 -24.61 -18.83 -39.82
C ASN C 362 -24.53 -20.27 -39.32
N GLU C 363 -23.38 -20.65 -38.79
CA GLU C 363 -23.15 -22.03 -38.37
C GLU C 363 -23.63 -22.33 -36.96
N SER C 364 -23.76 -21.29 -36.14
CA SER C 364 -24.05 -21.52 -34.73
C SER C 364 -25.25 -20.74 -34.23
N GLY C 365 -25.62 -19.68 -34.94
CA GLY C 365 -26.69 -18.78 -34.47
C GLY C 365 -26.20 -17.50 -33.77
N PHE C 366 -24.93 -17.47 -33.39
CA PHE C 366 -24.37 -16.30 -32.70
C PHE C 366 -22.99 -15.98 -33.25
N MET C 367 -22.59 -14.71 -33.15
CA MET C 367 -21.20 -14.38 -33.47
C MET C 367 -20.33 -14.82 -32.29
N PRO C 368 -19.08 -15.19 -32.57
CA PRO C 368 -18.21 -15.55 -31.46
C PRO C 368 -17.78 -14.32 -30.68
N GLU C 369 -17.46 -14.49 -29.40
CA GLU C 369 -16.79 -13.45 -28.65
C GLU C 369 -15.44 -14.00 -28.21
N TRP C 370 -15.43 -15.11 -27.47
CA TRP C 370 -14.21 -15.88 -27.25
C TRP C 370 -14.40 -17.21 -27.97
N ALA C 371 -13.48 -17.53 -28.87
CA ALA C 371 -13.54 -18.79 -29.63
C ALA C 371 -12.22 -19.52 -29.52
N SER C 372 -12.27 -20.81 -29.17
CA SER C 372 -11.10 -21.67 -29.09
C SER C 372 -11.50 -23.16 -28.98
N PRO C 373 -11.75 -23.82 -30.12
CA PRO C 373 -11.87 -23.21 -31.45
C PRO C 373 -13.30 -22.76 -31.74
N GLY C 374 -14.28 -23.36 -31.07
CA GLY C 374 -15.67 -22.89 -31.17
C GLY C 374 -15.99 -21.97 -30.00
N HIS C 375 -17.29 -21.74 -29.73
CA HIS C 375 -17.70 -20.83 -28.66
C HIS C 375 -17.15 -21.26 -27.28
N ARG C 376 -16.52 -20.32 -26.58
CA ARG C 376 -16.03 -20.63 -25.23
C ARG C 376 -16.53 -19.58 -24.23
N GLY C 377 -16.94 -20.03 -23.05
CA GLY C 377 -17.46 -19.13 -22.00
C GLY C 377 -16.33 -18.36 -21.34
N CYS C 378 -16.15 -17.11 -21.74
CA CYS C 378 -15.03 -16.34 -21.23
C CYS C 378 -15.21 -14.85 -21.53
N MET C 379 -14.98 -14.01 -20.51
CA MET C 379 -15.10 -12.56 -20.61
C MET C 379 -16.52 -12.06 -20.95
N ILE C 380 -16.60 -10.87 -21.55
CA ILE C 380 -17.89 -10.17 -21.67
C ILE C 380 -17.93 -9.30 -22.91
N GLY C 381 -19.09 -8.70 -23.16
CA GLY C 381 -19.23 -7.70 -24.21
C GLY C 381 -19.68 -8.24 -25.55
N ASN C 382 -19.95 -7.32 -26.48
CA ASN C 382 -20.35 -7.69 -27.84
C ASN C 382 -19.36 -7.12 -28.85
N ASN C 383 -18.07 -7.36 -28.60
CA ASN C 383 -17.03 -6.72 -29.40
C ASN C 383 -16.81 -7.33 -30.77
N SER C 384 -17.39 -8.50 -31.01
CA SER C 384 -17.54 -8.99 -32.39
C SER C 384 -18.12 -7.86 -33.27
N VAL C 385 -19.01 -7.07 -32.70
CA VAL C 385 -19.63 -5.98 -33.45
C VAL C 385 -18.57 -4.94 -33.83
N SER C 386 -17.68 -4.65 -32.88
CA SER C 386 -16.60 -3.69 -33.16
C SER C 386 -15.73 -4.13 -34.33
N LEU C 387 -15.35 -5.41 -34.38
CA LEU C 387 -14.56 -5.88 -35.53
C LEU C 387 -15.22 -5.58 -36.87
N LEU C 388 -16.49 -5.94 -37.00
CA LEU C 388 -17.22 -5.73 -38.25
C LEU C 388 -17.35 -4.25 -38.57
N VAL C 389 -17.72 -3.47 -37.56
CA VAL C 389 -18.01 -2.06 -37.81
C VAL C 389 -16.73 -1.25 -38.03
N ASP C 390 -15.69 -1.50 -37.26
CA ASP C 390 -14.45 -0.77 -37.47
C ASP C 390 -13.96 -1.03 -38.89
N ALA C 391 -14.00 -2.29 -39.31
CA ALA C 391 -13.60 -2.66 -40.67
C ALA C 391 -14.48 -1.96 -41.71
N TRP C 392 -15.80 -2.05 -41.51
CA TRP C 392 -16.75 -1.46 -42.46
C TRP C 392 -16.52 0.05 -42.69
N MET C 393 -16.37 0.79 -41.59
CA MET C 393 -16.22 2.24 -41.68
C MET C 393 -14.86 2.63 -42.26
N LYS C 394 -14.00 1.64 -42.42
CA LYS C 394 -12.70 1.84 -43.06
C LYS C 394 -12.68 1.33 -44.51
N GLY C 395 -13.84 0.91 -45.00
CA GLY C 395 -13.95 0.54 -46.41
C GLY C 395 -13.67 -0.94 -46.67
N ILE C 396 -13.52 -1.71 -45.59
CA ILE C 396 -13.35 -3.16 -45.68
C ILE C 396 -14.74 -3.77 -45.56
N GLN C 397 -15.29 -4.17 -46.70
CA GLN C 397 -16.70 -4.53 -46.76
C GLN C 397 -16.90 -5.81 -47.57
N THR C 398 -16.55 -6.94 -46.96
CA THR C 398 -16.64 -8.21 -47.66
C THR C 398 -17.87 -9.02 -47.22
N VAL C 399 -18.53 -8.61 -46.15
CA VAL C 399 -19.74 -9.31 -45.74
C VAL C 399 -20.97 -8.62 -46.33
N ASP C 400 -22.08 -9.36 -46.40
CA ASP C 400 -23.36 -8.80 -46.80
C ASP C 400 -23.88 -7.85 -45.71
N ALA C 401 -24.16 -6.61 -46.08
CA ALA C 401 -24.55 -5.59 -45.10
C ALA C 401 -25.80 -5.97 -44.30
N GLU C 402 -26.82 -6.46 -44.99
CA GLU C 402 -28.06 -6.86 -44.32
C GLU C 402 -27.86 -8.06 -43.40
N LYS C 403 -27.10 -9.06 -43.84
CA LYS C 403 -26.82 -10.18 -42.97
C LYS C 403 -26.04 -9.72 -41.73
N ALA C 404 -25.03 -8.86 -41.94
CA ALA C 404 -24.20 -8.38 -40.83
C ALA C 404 -25.05 -7.67 -39.79
N LEU C 405 -25.93 -6.77 -40.26
CA LEU C 405 -26.80 -6.01 -39.37
C LEU C 405 -27.72 -6.96 -38.59
N GLU C 406 -28.28 -7.93 -39.28
CA GLU C 406 -29.08 -8.94 -38.62
C GLU C 406 -28.28 -9.63 -37.50
N ALA C 407 -27.06 -10.07 -37.82
CA ALA C 407 -26.23 -10.76 -36.84
C ALA C 407 -25.95 -9.87 -35.62
N MET C 408 -25.66 -8.59 -35.87
CA MET C 408 -25.35 -7.65 -34.80
C MET C 408 -26.53 -7.46 -33.87
N ILE C 409 -27.70 -7.18 -34.45
CA ILE C 409 -28.90 -6.95 -33.65
C ILE C 409 -29.22 -8.19 -32.81
N HIS C 410 -29.18 -9.36 -33.45
CA HIS C 410 -29.40 -10.61 -32.74
C HIS C 410 -28.44 -10.76 -31.56
N GLN C 411 -27.17 -10.39 -31.76
CA GLN C 411 -26.17 -10.51 -30.70
C GLN C 411 -26.55 -9.72 -29.45
N THR C 412 -27.37 -8.67 -29.63
CA THR C 412 -27.77 -7.82 -28.51
C THR C 412 -29.18 -8.11 -28.03
N GLN C 413 -29.89 -8.99 -28.74
CA GLN C 413 -31.29 -9.27 -28.41
C GLN C 413 -31.49 -10.75 -28.08
N ALA C 414 -30.39 -11.45 -27.83
CA ALA C 414 -30.45 -12.86 -27.47
C ALA C 414 -29.19 -13.24 -26.70
N ARG C 415 -29.26 -14.34 -25.95
CA ARG C 415 -28.09 -14.90 -25.29
C ARG C 415 -28.11 -16.41 -25.43
N HIS C 416 -26.92 -17.01 -25.52
CA HIS C 416 -26.80 -18.46 -25.58
C HIS C 416 -27.43 -19.07 -24.35
N ALA C 417 -28.07 -20.23 -24.52
CA ALA C 417 -28.76 -20.84 -23.38
C ALA C 417 -27.82 -21.21 -22.23
N GLU C 418 -26.58 -21.57 -22.52
CA GLU C 418 -25.66 -22.01 -21.45
C GLU C 418 -24.37 -21.22 -21.33
N ILE C 419 -23.97 -20.52 -22.38
CA ILE C 419 -22.71 -19.78 -22.33
C ILE C 419 -22.99 -18.28 -22.26
N ALA C 420 -22.75 -17.69 -21.09
CA ALA C 420 -23.17 -16.32 -20.80
C ALA C 420 -22.49 -15.26 -21.69
N SER C 421 -21.29 -15.54 -22.19
CA SER C 421 -20.55 -14.58 -23.00
C SER C 421 -20.93 -14.61 -24.48
N VAL C 422 -21.86 -15.48 -24.84
CA VAL C 422 -22.25 -15.61 -26.23
C VAL C 422 -23.61 -14.95 -26.42
N GLY C 423 -23.62 -13.82 -27.13
CA GLY C 423 -24.79 -12.96 -27.18
C GLY C 423 -24.67 -11.90 -26.10
N ARG C 424 -25.78 -11.46 -25.54
CA ARG C 424 -25.74 -10.39 -24.55
C ARG C 424 -26.36 -10.80 -23.22
N ASP C 425 -25.50 -11.12 -22.25
CA ASP C 425 -25.98 -11.47 -20.92
C ASP C 425 -26.68 -10.26 -20.30
N GLY C 426 -27.92 -10.45 -19.88
CA GLY C 426 -28.70 -9.38 -19.26
C GLY C 426 -29.37 -8.43 -20.25
N PHE C 427 -29.56 -8.87 -21.49
CA PHE C 427 -30.10 -7.96 -22.48
C PHE C 427 -31.51 -7.46 -22.12
N GLU C 428 -32.29 -8.30 -21.45
CA GLU C 428 -33.65 -7.92 -21.10
C GLU C 428 -33.68 -6.80 -20.04
N TYR C 429 -32.87 -6.94 -19.00
CA TYR C 429 -32.71 -5.86 -18.02
C TYR C 429 -32.23 -4.58 -18.70
N TYR C 430 -31.19 -4.72 -19.52
CA TYR C 430 -30.55 -3.58 -20.18
C TYR C 430 -31.54 -2.78 -21.02
N ASP C 431 -32.32 -3.48 -21.83
CA ASP C 431 -33.32 -2.84 -22.68
C ASP C 431 -34.39 -2.14 -21.84
N LYS C 432 -34.75 -2.75 -20.71
CA LYS C 432 -35.80 -2.20 -19.85
C LYS C 432 -35.29 -1.06 -18.95
N LEU C 433 -34.15 -1.23 -18.29
CA LEU C 433 -33.71 -0.27 -17.29
C LEU C 433 -32.66 0.74 -17.75
N GLY C 434 -32.02 0.47 -18.88
CA GLY C 434 -30.94 1.35 -19.34
C GLY C 434 -29.60 0.95 -18.75
N TYR C 435 -29.57 -0.17 -18.05
CA TYR C 435 -28.32 -0.75 -17.50
C TYR C 435 -28.59 -2.19 -17.08
N VAL C 436 -27.53 -2.98 -16.92
CA VAL C 436 -27.64 -4.33 -16.38
C VAL C 436 -27.47 -4.23 -14.85
N PRO C 437 -28.41 -4.80 -14.09
CA PRO C 437 -28.34 -4.72 -12.64
C PRO C 437 -27.50 -5.81 -11.96
N TYR C 438 -26.90 -5.45 -10.83
CA TYR C 438 -26.19 -6.37 -9.95
C TYR C 438 -26.88 -6.25 -8.59
N PRO C 439 -27.05 -7.37 -7.87
CA PRO C 439 -26.44 -8.68 -8.07
C PRO C 439 -27.22 -9.62 -9.01
N GLU C 440 -28.27 -9.13 -9.65
CA GLU C 440 -29.01 -9.96 -10.59
C GLU C 440 -28.12 -10.59 -11.67
N VAL C 441 -27.17 -9.83 -12.21
CA VAL C 441 -26.28 -10.35 -13.25
C VAL C 441 -24.83 -10.11 -12.83
N PRO C 442 -24.00 -11.17 -12.90
CA PRO C 442 -22.61 -11.01 -12.53
C PRO C 442 -21.93 -10.01 -13.46
N GLU C 443 -21.00 -9.22 -12.92
CA GLU C 443 -20.19 -8.27 -13.70
C GLU C 443 -21.04 -7.27 -14.49
N ALA C 444 -22.18 -6.90 -13.89
CA ALA C 444 -23.20 -6.10 -14.56
C ALA C 444 -22.75 -4.73 -15.07
N THR C 445 -21.87 -4.08 -14.30
CA THR C 445 -21.46 -2.74 -14.67
C THR C 445 -20.49 -2.77 -15.84
N ALA C 446 -19.47 -3.62 -15.74
CA ALA C 446 -18.56 -3.81 -16.85
C ALA C 446 -19.37 -4.14 -18.10
N LYS C 447 -20.33 -5.06 -17.97
CA LYS C 447 -21.18 -5.44 -19.12
C LYS C 447 -21.94 -4.23 -19.69
N THR C 448 -22.54 -3.42 -18.82
CA THR C 448 -23.29 -2.26 -19.28
C THR C 448 -22.42 -1.35 -20.13
N LEU C 449 -21.21 -1.10 -19.65
CA LEU C 449 -20.28 -0.21 -20.33
C LEU C 449 -19.83 -0.77 -21.68
N GLU C 450 -19.61 -2.08 -21.73
CA GLU C 450 -19.27 -2.71 -23.00
C GLU C 450 -20.48 -2.66 -23.95
N TYR C 451 -21.69 -2.83 -23.41
CA TYR C 451 -22.88 -2.84 -24.25
C TYR C 451 -23.15 -1.47 -24.86
N ALA C 452 -22.95 -0.42 -24.07
CA ALA C 452 -23.22 0.94 -24.58
C ALA C 452 -22.34 1.21 -25.80
N TYR C 453 -21.10 0.71 -25.76
CA TYR C 453 -20.19 0.89 -26.88
C TYR C 453 -20.60 0.08 -28.10
N ALA C 454 -20.99 -1.17 -27.87
CA ALA C 454 -21.41 -2.00 -28.99
C ALA C 454 -22.67 -1.42 -29.63
N ASP C 455 -23.59 -0.93 -28.80
CA ASP C 455 -24.78 -0.26 -29.32
C ASP C 455 -24.42 0.96 -30.17
N TRP C 456 -23.46 1.75 -29.72
CA TRP C 456 -22.96 2.87 -30.52
C TRP C 456 -22.44 2.36 -31.88
N CYS C 457 -21.73 1.24 -31.89
CA CYS C 457 -21.15 0.70 -33.11
C CYS C 457 -22.26 0.31 -34.08
N ILE C 458 -23.28 -0.38 -33.57
CA ILE C 458 -24.42 -0.74 -34.41
C ILE C 458 -25.12 0.47 -35.01
N ALA C 459 -25.24 1.55 -34.24
CA ALA C 459 -25.87 2.79 -34.74
C ALA C 459 -25.05 3.39 -35.88
N ARG C 460 -23.75 3.44 -35.69
CA ARG C 460 -22.84 3.93 -36.72
C ARG C 460 -23.04 3.12 -38.00
N PHE C 461 -23.14 1.80 -37.85
CA PHE C 461 -23.27 0.89 -38.97
C PHE C 461 -24.61 1.11 -39.69
N ALA C 462 -25.70 0.98 -38.94
CA ALA C 462 -27.03 1.24 -39.46
C ALA C 462 -27.15 2.60 -40.17
N GLU C 463 -26.57 3.62 -39.54
CA GLU C 463 -26.59 4.95 -40.12
C GLU C 463 -25.92 4.98 -41.49
N SER C 464 -24.75 4.38 -41.60
CA SER C 464 -24.03 4.36 -42.88
C SER C 464 -24.78 3.56 -43.95
N LEU C 465 -25.69 2.69 -43.55
CA LEU C 465 -26.50 1.94 -44.51
C LEU C 465 -27.75 2.71 -44.92
N GLY C 466 -27.99 3.85 -44.29
CA GLY C 466 -29.18 4.65 -44.56
C GLY C 466 -30.38 4.24 -43.74
N LYS C 467 -30.14 3.41 -42.73
CA LYS C 467 -31.23 2.93 -41.87
C LYS C 467 -31.36 3.80 -40.63
N GLN C 468 -31.96 4.97 -40.81
CA GLN C 468 -31.94 5.98 -39.76
C GLN C 468 -32.75 5.60 -38.53
N ASP C 469 -33.84 4.87 -38.73
CA ASP C 469 -34.68 4.46 -37.60
C ASP C 469 -33.95 3.49 -36.70
N ILE C 470 -33.28 2.50 -37.30
CA ILE C 470 -32.48 1.56 -36.54
C ILE C 470 -31.32 2.30 -35.86
N ALA C 471 -30.64 3.16 -36.62
CA ALA C 471 -29.54 3.94 -36.07
C ALA C 471 -29.96 4.73 -34.84
N ASP C 472 -31.09 5.43 -34.94
CA ASP C 472 -31.61 6.21 -33.82
C ASP C 472 -31.98 5.36 -32.61
N GLN C 473 -32.51 4.16 -32.85
CA GLN C 473 -32.81 3.25 -31.77
C GLN C 473 -31.53 2.91 -31.00
N TYR C 474 -30.46 2.68 -31.74
CA TYR C 474 -29.20 2.31 -31.10
C TYR C 474 -28.43 3.51 -30.51
N TYR C 475 -28.43 4.64 -31.20
CA TYR C 475 -27.81 5.86 -30.64
C TYR C 475 -28.45 6.22 -29.30
N GLN C 476 -29.70 5.84 -29.12
CA GLN C 476 -30.42 6.07 -27.87
C GLN C 476 -29.79 5.30 -26.71
N LYS C 477 -29.08 4.22 -27.03
CA LYS C 477 -28.47 3.36 -26.01
C LYS C 477 -27.02 3.74 -25.77
N ALA C 478 -26.43 4.48 -26.71
CA ALA C 478 -25.02 4.86 -26.63
C ALA C 478 -24.63 5.60 -25.34
N PRO C 479 -25.53 6.45 -24.80
CA PRO C 479 -25.24 7.09 -23.50
C PRO C 479 -25.62 6.28 -22.25
N ASN C 480 -25.89 4.98 -22.41
CA ASN C 480 -26.28 4.17 -21.25
C ASN C 480 -25.22 4.13 -20.13
N TYR C 481 -23.96 4.39 -20.48
CA TYR C 481 -22.91 4.48 -19.46
C TYR C 481 -23.27 5.48 -18.36
N ARG C 482 -24.00 6.52 -18.73
CA ARG C 482 -24.37 7.57 -17.78
C ARG C 482 -25.23 7.01 -16.65
N ASN C 483 -25.96 5.93 -16.95
CA ASN C 483 -26.94 5.40 -16.00
C ASN C 483 -26.29 4.74 -14.78
N LEU C 484 -24.98 4.54 -14.83
CA LEU C 484 -24.28 3.90 -13.71
C LEU C 484 -23.22 4.79 -13.07
N TYR C 485 -23.13 6.04 -13.53
CA TYR C 485 -22.23 7.00 -12.90
C TYR C 485 -22.89 7.48 -11.61
N TYR C 486 -22.20 7.26 -10.49
CA TYR C 486 -22.72 7.58 -9.16
C TYR C 486 -22.24 8.98 -8.80
N PRO C 487 -23.11 9.99 -8.99
CA PRO C 487 -22.60 11.37 -8.92
C PRO C 487 -22.10 11.77 -7.52
N GLU C 488 -22.74 11.25 -6.47
CA GLU C 488 -22.29 11.47 -5.09
C GLU C 488 -20.80 11.14 -4.91
N HIS C 489 -20.32 10.13 -5.63
CA HIS C 489 -18.97 9.60 -5.46
C HIS C 489 -18.04 9.84 -6.66
N GLY C 490 -18.62 10.15 -7.82
CA GLY C 490 -17.81 10.46 -9.01
C GLY C 490 -17.17 9.28 -9.73
N PHE C 491 -17.75 8.09 -9.57
CA PHE C 491 -17.23 6.88 -10.24
C PHE C 491 -18.40 6.03 -10.74
N MET C 492 -18.13 5.13 -11.68
CA MET C 492 -19.11 4.13 -12.04
C MET C 492 -19.37 3.21 -10.84
N TRP C 493 -20.61 2.77 -10.68
CA TRP C 493 -20.93 1.88 -9.59
C TRP C 493 -22.02 0.93 -10.09
N THR C 494 -22.92 0.48 -9.21
CA THR C 494 -23.92 -0.50 -9.64
C THR C 494 -25.25 -0.32 -8.92
N LYS C 495 -26.34 -0.70 -9.59
CA LYS C 495 -27.68 -0.68 -9.01
C LYS C 495 -28.37 -2.03 -9.22
N ASP C 496 -29.29 -2.37 -8.33
CA ASP C 496 -30.09 -3.58 -8.55
C ASP C 496 -31.25 -3.27 -9.49
N ALA C 497 -32.14 -4.24 -9.69
CA ALA C 497 -33.20 -4.06 -10.67
C ALA C 497 -34.21 -3.03 -10.21
N LYS C 498 -34.25 -2.78 -8.90
CA LYS C 498 -35.16 -1.80 -8.33
C LYS C 498 -34.56 -0.39 -8.39
N GLY C 499 -33.27 -0.31 -8.71
CA GLY C 499 -32.62 0.99 -8.91
C GLY C 499 -31.83 1.50 -7.71
N ASN C 500 -31.68 0.67 -6.69
CA ASN C 500 -30.91 1.04 -5.52
C ASN C 500 -29.41 0.83 -5.71
N TRP C 501 -28.61 1.89 -5.50
CA TRP C 501 -27.15 1.77 -5.51
C TRP C 501 -26.65 0.74 -4.49
N ARG C 502 -25.73 -0.13 -4.90
CA ARG C 502 -25.09 -1.06 -3.97
C ARG C 502 -24.49 -0.25 -2.82
N ASP C 503 -24.54 -0.82 -1.61
CA ASP C 503 -24.04 -0.15 -0.41
C ASP C 503 -22.53 -0.02 -0.35
N ARG C 504 -22.06 0.90 0.49
CA ARG C 504 -20.65 1.07 0.83
C ARG C 504 -19.78 1.21 -0.40
N PHE C 505 -19.91 2.36 -1.07
CA PHE C 505 -19.11 2.61 -2.24
C PHE C 505 -17.61 2.47 -1.95
N ASP C 506 -16.88 1.86 -2.88
CA ASP C 506 -15.46 1.67 -2.76
C ASP C 506 -14.89 1.57 -4.18
N ALA C 507 -14.20 2.63 -4.60
CA ALA C 507 -13.71 2.73 -5.97
C ALA C 507 -12.65 1.68 -6.31
N THR C 508 -12.01 1.11 -5.30
CA THR C 508 -10.92 0.18 -5.55
C THR C 508 -11.32 -1.27 -5.34
N GLU C 509 -12.58 -1.51 -5.00
CA GLU C 509 -13.06 -2.87 -4.79
C GLU C 509 -13.28 -3.64 -6.09
N TRP C 510 -12.52 -4.73 -6.25
CA TRP C 510 -12.61 -5.59 -7.43
C TRP C 510 -13.83 -6.48 -7.37
N GLY C 511 -14.21 -7.03 -8.52
CA GLY C 511 -15.21 -8.07 -8.59
C GLY C 511 -16.62 -7.54 -8.55
N GLY C 512 -17.57 -8.43 -8.27
CA GLY C 512 -18.98 -8.08 -8.22
C GLY C 512 -19.49 -7.54 -9.54
N PRO C 513 -19.82 -6.24 -9.57
CA PRO C 513 -20.34 -5.66 -10.79
C PRO C 513 -19.23 -5.40 -11.83
N PHE C 514 -17.97 -5.60 -11.45
CA PHE C 514 -16.85 -5.39 -12.36
C PHE C 514 -16.13 -6.69 -12.72
N THR C 515 -15.41 -6.65 -13.82
CA THR C 515 -14.63 -7.80 -14.26
C THR C 515 -13.19 -7.37 -14.48
N GLU C 516 -12.26 -8.10 -13.88
CA GLU C 516 -10.85 -7.87 -14.12
C GLU C 516 -10.47 -6.44 -13.85
N GLY C 517 -10.94 -5.89 -12.73
CA GLY C 517 -10.69 -4.49 -12.42
C GLY C 517 -11.75 -3.97 -11.46
N SER C 518 -11.59 -2.72 -11.03
CA SER C 518 -12.54 -2.09 -10.13
C SER C 518 -13.11 -0.85 -10.82
N SER C 519 -13.89 -0.05 -10.08
CA SER C 519 -14.44 1.16 -10.65
C SER C 519 -13.33 2.08 -11.10
N TRP C 520 -12.23 2.10 -10.34
CA TRP C 520 -11.07 2.92 -10.67
C TRP C 520 -10.68 2.73 -12.15
N HIS C 521 -10.85 1.51 -12.64
CA HIS C 521 -10.47 1.19 -14.02
C HIS C 521 -11.67 1.41 -14.94
N TRP C 522 -12.80 0.87 -14.56
CA TRP C 522 -13.95 0.81 -15.48
C TRP C 522 -14.63 2.14 -15.74
N THR C 523 -14.40 3.10 -14.87
CA THR C 523 -14.95 4.45 -15.05
C THR C 523 -14.48 5.08 -16.35
N TRP C 524 -13.35 4.58 -16.86
CA TRP C 524 -12.78 5.12 -18.10
C TRP C 524 -13.30 4.46 -19.38
N SER C 525 -14.14 3.45 -19.21
CA SER C 525 -14.57 2.66 -20.37
C SER C 525 -15.72 3.32 -21.14
N VAL C 526 -15.43 4.48 -21.73
CA VAL C 526 -16.36 5.22 -22.57
C VAL C 526 -15.58 5.82 -23.75
N PHE C 527 -15.00 4.98 -24.60
CA PHE C 527 -14.13 5.53 -25.65
C PHE C 527 -14.87 6.06 -26.86
N HIS C 528 -16.18 5.79 -26.94
CA HIS C 528 -17.03 6.44 -27.95
C HIS C 528 -17.52 7.81 -27.48
N ASP C 529 -17.27 8.18 -26.23
CA ASP C 529 -17.74 9.50 -25.75
C ASP C 529 -16.86 10.10 -24.64
N PRO C 530 -15.56 10.32 -24.93
CA PRO C 530 -14.76 10.95 -23.89
C PRO C 530 -15.36 12.28 -23.39
N GLU C 531 -15.84 13.11 -24.32
CA GLU C 531 -16.45 14.38 -23.93
C GLU C 531 -17.61 14.14 -22.97
N GLY C 532 -18.46 13.17 -23.30
CA GLY C 532 -19.61 12.85 -22.45
C GLY C 532 -19.15 12.41 -21.08
N LEU C 533 -18.06 11.66 -21.02
CA LEU C 533 -17.51 11.23 -19.73
C LEU C 533 -16.96 12.42 -18.94
N SER C 534 -16.28 13.35 -19.62
CA SER C 534 -15.81 14.54 -18.90
C SER C 534 -16.98 15.34 -18.34
N GLU C 535 -18.11 15.34 -19.06
CA GLU C 535 -19.30 16.04 -18.56
C GLU C 535 -19.73 15.46 -17.22
N LEU C 536 -19.82 14.14 -17.15
CA LEU C 536 -20.14 13.48 -15.89
C LEU C 536 -19.14 13.89 -14.82
N MET C 537 -17.87 14.01 -15.20
CA MET C 537 -16.81 14.29 -14.22
C MET C 537 -16.77 15.74 -13.78
N GLY C 538 -17.51 16.61 -14.45
CA GLY C 538 -17.51 18.02 -14.09
C GLY C 538 -16.75 18.88 -15.06
N GLY C 539 -16.18 18.27 -16.11
CA GLY C 539 -15.52 19.07 -17.16
C GLY C 539 -14.14 18.54 -17.49
N HIS C 540 -13.46 19.21 -18.41
CA HIS C 540 -12.13 18.84 -18.84
C HIS C 540 -11.15 18.90 -17.67
N GLU C 541 -11.26 19.95 -16.85
CA GLU C 541 -10.34 20.09 -15.72
C GLU C 541 -10.38 18.93 -14.73
N PRO C 542 -11.57 18.56 -14.24
CA PRO C 542 -11.65 17.42 -13.35
C PRO C 542 -11.18 16.12 -14.02
N MET C 543 -11.52 15.91 -15.28
CA MET C 543 -11.07 14.69 -15.94
C MET C 543 -9.54 14.67 -16.05
N ILE C 544 -8.95 15.79 -16.46
CA ILE C 544 -7.49 15.90 -16.48
C ILE C 544 -6.86 15.51 -15.13
N ALA C 545 -7.47 15.95 -14.04
CA ALA C 545 -6.95 15.66 -12.72
C ALA C 545 -6.99 14.18 -12.44
N ARG C 546 -8.09 13.55 -12.81
CA ARG C 546 -8.24 12.15 -12.53
C ARG C 546 -7.29 11.31 -13.38
N LEU C 547 -6.98 11.78 -14.58
CA LEU C 547 -5.96 11.12 -15.39
C LEU C 547 -4.60 11.26 -14.72
N ASP C 548 -4.25 12.49 -14.35
CA ASP C 548 -2.98 12.71 -13.64
C ASP C 548 -2.84 11.81 -12.41
N SER C 549 -3.92 11.64 -11.66
CA SER C 549 -3.87 10.85 -10.43
C SER C 549 -3.58 9.36 -10.70
N MET C 550 -3.67 8.94 -11.96
CA MET C 550 -3.30 7.58 -12.33
C MET C 550 -1.83 7.43 -12.67
N PHE C 551 -1.25 8.46 -13.26
CA PHE C 551 0.14 8.45 -13.66
C PHE C 551 0.92 9.30 -12.67
N VAL C 552 1.65 10.27 -13.19
CA VAL C 552 2.29 11.27 -12.33
C VAL C 552 3.72 11.53 -12.69
N ALA C 553 4.36 12.30 -11.79
CA ALA C 553 5.81 12.34 -11.68
C ALA C 553 6.21 11.65 -10.36
N PRO C 554 5.55 12.04 -9.24
CA PRO C 554 5.58 11.43 -7.88
C PRO C 554 6.50 12.11 -6.85
N ASN C 555 6.18 11.88 -5.56
CA ASN C 555 6.70 12.71 -4.46
C ASN C 555 7.97 12.20 -3.77
N THR C 556 9.02 13.02 -3.79
CA THR C 556 10.28 12.68 -3.14
C THR C 556 10.62 13.65 -2.01
N TYR C 557 9.66 14.50 -1.65
CA TYR C 557 9.85 15.48 -0.56
C TYR C 557 11.17 16.24 -0.68
N ASN C 558 12.01 16.17 0.36
CA ASN C 558 13.33 16.79 0.34
C ASN C 558 14.43 15.78 0.04
N TYR C 559 14.04 14.52 -0.19
CA TYR C 559 14.97 13.40 -0.32
C TYR C 559 15.88 13.44 -1.56
N GLY C 560 15.37 13.96 -2.68
CA GLY C 560 16.19 14.11 -3.88
C GLY C 560 17.37 15.02 -3.61
N THR C 561 17.99 14.83 -2.45
CA THR C 561 19.04 15.74 -1.95
C THR C 561 20.31 15.88 -2.80
N TYR C 562 20.88 14.80 -3.36
CA TYR C 562 20.52 13.38 -3.17
C TYR C 562 20.11 12.63 -4.45
N GLY C 563 19.34 13.27 -5.33
CA GLY C 563 18.76 12.61 -6.50
C GLY C 563 19.63 12.59 -7.75
N PHE C 564 19.02 12.41 -8.92
CA PHE C 564 17.56 12.36 -9.07
C PHE C 564 17.04 10.93 -9.18
N VAL C 565 17.95 9.96 -9.05
CA VAL C 565 17.56 8.55 -9.10
C VAL C 565 16.60 8.25 -7.96
N ILE C 566 16.55 9.14 -6.99
CA ILE C 566 15.56 9.03 -5.94
C ILE C 566 14.19 9.01 -6.60
N HIS C 567 14.03 9.81 -7.64
CA HIS C 567 12.73 9.92 -8.29
C HIS C 567 12.36 8.67 -9.07
N GLU C 568 13.31 8.10 -9.81
CA GLU C 568 13.04 6.90 -10.57
C GLU C 568 12.67 5.76 -9.61
N ILE C 569 13.38 5.71 -8.48
CA ILE C 569 13.04 4.77 -7.41
C ILE C 569 11.65 5.03 -6.85
N ALA C 570 11.30 6.29 -6.65
CA ALA C 570 9.96 6.63 -6.19
C ALA C 570 8.91 6.21 -7.22
N GLU C 571 9.27 6.28 -8.49
CA GLU C 571 8.35 5.91 -9.56
C GLU C 571 8.08 4.42 -9.57
N MET C 572 9.14 3.65 -9.29
CA MET C 572 9.05 2.20 -9.28
C MET C 572 8.12 1.75 -8.17
N VAL C 573 8.27 2.38 -7.02
CA VAL C 573 7.42 2.07 -5.88
C VAL C 573 5.95 2.28 -6.22
N ALA C 574 5.66 3.42 -6.84
CA ALA C 574 4.30 3.77 -7.25
C ALA C 574 3.71 2.74 -8.21
N LEU C 575 4.54 2.26 -9.13
CA LEU C 575 4.13 1.21 -10.06
C LEU C 575 3.80 -0.07 -9.32
N ASN C 576 4.63 -0.42 -8.35
CA ASN C 576 4.35 -1.58 -7.50
C ASN C 576 3.05 -1.41 -6.71
N MET C 577 2.76 -0.17 -6.32
CA MET C 577 1.53 0.14 -5.60
C MET C 577 0.32 0.17 -6.55
N GLY C 578 0.59 0.15 -7.85
CA GLY C 578 -0.45 -0.09 -8.86
C GLY C 578 -1.25 1.10 -9.41
N GLN C 579 -0.79 2.32 -9.12
CA GLN C 579 -1.53 3.54 -9.46
C GLN C 579 -1.88 3.64 -10.94
N TYR C 580 -0.96 3.19 -11.79
CA TYR C 580 -1.17 3.12 -13.24
C TYR C 580 -1.23 1.66 -13.70
N ALA C 581 -2.44 1.13 -13.83
CA ALA C 581 -2.64 -0.29 -14.14
C ALA C 581 -2.45 -0.62 -15.63
N HIS C 582 -1.24 -0.39 -16.14
CA HIS C 582 -0.96 -0.63 -17.56
C HIS C 582 -1.25 -2.09 -17.97
N GLY C 583 -2.03 -2.25 -19.03
CA GLY C 583 -2.42 -3.57 -19.48
C GLY C 583 -3.86 -3.87 -19.11
N ASN C 584 -4.33 -3.25 -18.02
CA ASN C 584 -5.72 -3.42 -17.63
C ASN C 584 -6.60 -2.82 -18.75
N GLN C 585 -7.47 -3.64 -19.31
CA GLN C 585 -8.15 -3.30 -20.58
C GLN C 585 -8.95 -2.01 -20.60
N PRO C 586 -9.84 -1.81 -19.61
CA PRO C 586 -10.66 -0.60 -19.65
C PRO C 586 -9.87 0.72 -19.57
N VAL C 587 -8.58 0.65 -19.27
CA VAL C 587 -7.75 1.86 -19.20
C VAL C 587 -6.59 1.85 -20.20
N GLN C 588 -6.57 0.87 -21.11
CA GLN C 588 -5.51 0.80 -22.13
C GLN C 588 -5.48 2.06 -23.01
N HIS C 589 -6.65 2.64 -23.26
CA HIS C 589 -6.73 3.82 -24.11
C HIS C 589 -6.51 5.10 -23.30
N ALA C 590 -6.43 4.99 -21.97
CA ALA C 590 -6.64 6.17 -21.12
C ALA C 590 -5.59 7.28 -21.31
N ILE C 591 -4.35 6.90 -21.58
CA ILE C 591 -3.29 7.89 -21.74
C ILE C 591 -3.56 8.82 -22.91
N TYR C 592 -4.31 8.31 -23.90
CA TYR C 592 -4.65 9.12 -25.08
C TYR C 592 -5.81 10.10 -24.83
N LEU C 593 -6.47 10.01 -23.68
CA LEU C 593 -7.64 10.87 -23.42
C LEU C 593 -7.30 12.37 -23.30
N TYR C 594 -6.06 12.70 -22.94
CA TYR C 594 -5.65 14.11 -22.84
C TYR C 594 -5.80 14.81 -24.18
N ASP C 595 -5.73 14.04 -25.27
CA ASP C 595 -5.93 14.56 -26.62
C ASP C 595 -7.32 15.13 -26.82
N TYR C 596 -8.28 14.68 -26.01
CA TYR C 596 -9.69 15.02 -26.21
C TYR C 596 -10.09 16.22 -25.37
N ILE C 597 -9.23 16.59 -24.44
CA ILE C 597 -9.61 17.57 -23.42
C ILE C 597 -8.59 18.69 -23.26
N GLY C 598 -7.73 18.85 -24.27
CA GLY C 598 -6.94 20.07 -24.38
C GLY C 598 -5.48 20.04 -23.93
N GLN C 599 -4.95 18.88 -23.56
CA GLN C 599 -3.53 18.82 -23.16
C GLN C 599 -2.78 17.64 -23.77
N PRO C 600 -2.55 17.68 -25.10
CA PRO C 600 -1.88 16.56 -25.78
C PRO C 600 -0.44 16.35 -25.30
N TRP C 601 0.18 17.37 -24.71
CA TRP C 601 1.53 17.20 -24.22
C TRP C 601 1.60 16.19 -23.08
N LYS C 602 0.52 16.07 -22.30
CA LYS C 602 0.45 15.03 -21.25
C LYS C 602 0.41 13.61 -21.82
N THR C 603 -0.37 13.42 -22.87
CA THR C 603 -0.36 12.17 -23.61
C THR C 603 1.05 11.87 -24.12
N GLN C 604 1.70 12.87 -24.68
CA GLN C 604 3.02 12.67 -25.25
C GLN C 604 4.02 12.21 -24.17
N TYR C 605 4.08 12.97 -23.07
CA TYR C 605 4.97 12.62 -21.97
C TYR C 605 4.68 11.22 -21.41
N HIS C 606 3.44 10.94 -21.02
CA HIS C 606 3.18 9.68 -20.31
C HIS C 606 3.35 8.47 -21.22
N LEU C 607 2.92 8.60 -22.47
CA LEU C 607 3.10 7.53 -23.45
CA LEU C 607 3.09 7.53 -23.43
C LEU C 607 4.58 7.16 -23.59
N ARG C 608 5.42 8.16 -23.78
CA ARG C 608 6.83 7.88 -23.96
C ARG C 608 7.43 7.28 -22.68
N ASN C 609 6.99 7.75 -21.52
CA ASN C 609 7.45 7.22 -20.25
C ASN C 609 7.08 5.73 -20.11
N VAL C 610 5.84 5.41 -20.47
CA VAL C 610 5.37 4.03 -20.44
C VAL C 610 6.15 3.13 -21.38
N MET C 611 6.42 3.63 -22.59
CA MET C 611 7.12 2.77 -23.55
C MET C 611 8.56 2.50 -23.06
N ASP C 612 9.15 3.47 -22.39
CA ASP C 612 10.53 3.37 -21.88
C ASP C 612 10.59 2.50 -20.62
N LYS C 613 9.61 2.63 -19.73
CA LYS C 613 9.69 2.05 -18.40
C LYS C 613 9.06 0.67 -18.26
N LEU C 614 8.04 0.38 -19.07
CA LEU C 614 7.23 -0.81 -18.85
C LEU C 614 7.44 -1.91 -19.88
N TYR C 615 8.39 -1.72 -20.79
CA TYR C 615 8.67 -2.74 -21.80
C TYR C 615 10.16 -3.02 -21.96
N ASN C 616 10.47 -4.26 -22.31
CA ASN C 616 11.80 -4.60 -22.83
C ASN C 616 11.70 -5.89 -23.62
N SER C 617 12.79 -6.23 -24.33
CA SER C 617 12.71 -7.35 -25.26
C SER C 617 13.08 -8.69 -24.60
N GLY C 618 13.34 -8.69 -23.30
CA GLY C 618 13.81 -9.90 -22.60
C GLY C 618 12.66 -10.77 -22.11
N SER C 619 13.00 -11.83 -21.37
CA SER C 619 12.03 -12.81 -20.93
C SER C 619 10.94 -12.22 -20.04
N LYS C 620 11.27 -11.17 -19.29
CA LYS C 620 10.29 -10.47 -18.46
C LYS C 620 9.80 -9.17 -19.11
N GLY C 621 9.77 -9.14 -20.44
CA GLY C 621 9.63 -7.88 -21.18
C GLY C 621 8.30 -7.15 -21.17
N TYR C 622 7.22 -7.81 -20.75
CA TYR C 622 5.98 -7.09 -20.51
C TYR C 622 5.98 -6.78 -19.01
N CYS C 623 6.59 -5.64 -18.65
CA CYS C 623 6.90 -5.28 -17.24
C CYS C 623 5.71 -5.03 -16.30
N GLY C 624 4.65 -4.38 -16.79
CA GLY C 624 3.51 -4.10 -15.94
C GLY C 624 2.99 -5.35 -15.25
N ASP C 625 2.76 -5.28 -13.93
CA ASP C 625 2.14 -6.38 -13.20
C ASP C 625 0.80 -6.78 -13.84
N GLU C 626 0.09 -5.81 -14.40
CA GLU C 626 -1.20 -6.11 -15.02
C GLU C 626 -1.05 -6.39 -16.52
N ASP C 627 0.19 -6.29 -17.01
CA ASP C 627 0.48 -6.54 -18.41
C ASP C 627 1.08 -7.95 -18.57
N ASN C 628 0.25 -8.83 -19.12
CA ASN C 628 0.63 -10.19 -19.48
C ASN C 628 0.70 -10.36 -20.98
N GLY C 629 1.30 -9.40 -21.68
CA GLY C 629 1.43 -9.53 -23.13
C GLY C 629 0.30 -8.98 -23.99
N GLN C 630 -0.87 -8.72 -23.41
CA GLN C 630 -2.01 -8.26 -24.22
C GLN C 630 -1.72 -6.89 -24.83
N THR C 631 -0.65 -6.25 -24.37
CA THR C 631 -0.37 -4.90 -24.87
C THR C 631 0.50 -4.87 -26.12
N SER C 632 0.68 -6.00 -26.79
CA SER C 632 1.51 -6.05 -28.00
C SER C 632 1.13 -5.05 -29.08
N ALA C 633 -0.14 -5.02 -29.47
CA ALA C 633 -0.57 -4.08 -30.51
C ALA C 633 -0.56 -2.65 -29.98
N TRP C 634 -0.86 -2.48 -28.69
CA TRP C 634 -0.78 -1.17 -28.04
C TRP C 634 0.61 -0.58 -28.24
N TYR C 635 1.65 -1.39 -28.00
CA TYR C 635 3.03 -0.94 -28.15
C TYR C 635 3.36 -0.58 -29.60
N VAL C 636 2.91 -1.41 -30.54
CA VAL C 636 3.19 -1.16 -31.97
C VAL C 636 2.56 0.16 -32.43
N PHE C 637 1.27 0.36 -32.13
CA PHE C 637 0.63 1.61 -32.48
C PHE C 637 1.33 2.78 -31.79
N SER C 638 1.54 2.67 -30.48
CA SER C 638 2.08 3.80 -29.71
C SER C 638 3.48 4.15 -30.21
N ALA C 639 4.26 3.14 -30.59
CA ALA C 639 5.59 3.42 -31.14
C ALA C 639 5.49 4.13 -32.50
N MET C 640 4.46 3.81 -33.28
CA MET C 640 4.27 4.49 -34.55
C MET C 640 3.79 5.94 -34.31
N GLY C 641 3.13 6.19 -33.19
CA GLY C 641 2.77 7.55 -32.84
C GLY C 641 1.28 7.84 -32.84
N PHE C 642 0.44 6.80 -32.92
CA PHE C 642 -1.01 7.01 -32.91
C PHE C 642 -1.73 5.72 -32.50
N TYR C 643 -3.00 5.85 -32.10
CA TYR C 643 -3.69 4.72 -31.47
C TYR C 643 -5.20 4.80 -31.73
N PRO C 644 -5.83 3.65 -32.04
CA PRO C 644 -7.27 3.60 -32.26
C PRO C 644 -8.04 3.59 -30.94
N VAL C 645 -8.28 4.76 -30.36
CA VAL C 645 -9.02 4.86 -29.10
C VAL C 645 -10.42 4.27 -29.22
N CYS C 646 -11.10 4.55 -30.35
CA CYS C 646 -12.48 4.12 -30.53
C CYS C 646 -12.69 3.41 -31.88
N PRO C 647 -12.39 2.10 -31.94
CA PRO C 647 -12.66 1.34 -33.16
C PRO C 647 -14.14 1.51 -33.49
N GLY C 648 -14.44 1.62 -34.78
CA GLY C 648 -15.78 1.99 -35.23
C GLY C 648 -15.77 3.44 -35.72
N MET C 649 -14.81 4.21 -35.22
CA MET C 649 -14.54 5.56 -35.70
C MET C 649 -13.17 5.53 -36.38
N PRO C 650 -13.15 5.76 -37.70
CA PRO C 650 -11.90 5.57 -38.46
C PRO C 650 -10.89 6.68 -38.24
N GLU C 651 -10.37 6.78 -37.01
CA GLU C 651 -9.36 7.76 -36.69
C GLU C 651 -8.50 7.24 -35.56
N TYR C 652 -7.30 7.79 -35.45
CA TYR C 652 -6.32 7.35 -34.48
C TYR C 652 -5.82 8.59 -33.77
N ALA C 653 -5.90 8.56 -32.44
CA ALA C 653 -5.43 9.64 -31.61
C ALA C 653 -3.89 9.68 -31.63
N ILE C 654 -3.32 10.86 -31.78
CA ILE C 654 -1.88 10.99 -31.90
C ILE C 654 -1.20 11.01 -30.54
N GLY C 655 -0.14 10.22 -30.40
CA GLY C 655 0.61 10.20 -29.16
C GLY C 655 1.96 10.87 -29.37
N SER C 656 3.02 10.06 -29.33
CA SER C 656 4.37 10.54 -29.61
C SER C 656 5.14 9.33 -30.09
N PRO C 657 5.80 9.45 -31.25
CA PRO C 657 6.44 8.28 -31.83
C PRO C 657 7.73 7.92 -31.11
N LEU C 658 8.10 6.65 -31.19
CA LEU C 658 9.30 6.14 -30.51
C LEU C 658 10.58 6.30 -31.34
N PHE C 659 10.46 6.14 -32.66
CA PHE C 659 11.64 6.14 -33.55
C PHE C 659 11.81 7.48 -34.28
N LYS C 660 12.96 7.65 -34.90
CA LYS C 660 13.16 8.83 -35.73
C LYS C 660 12.30 8.75 -36.97
N LYS C 661 11.95 7.54 -37.39
CA LYS C 661 11.12 7.40 -38.58
C LYS C 661 10.44 6.05 -38.62
N VAL C 662 9.14 6.03 -38.95
CA VAL C 662 8.48 4.78 -39.33
C VAL C 662 7.82 4.97 -40.67
N THR C 663 7.92 3.95 -41.53
CA THR C 663 7.26 3.96 -42.83
C THR C 663 6.25 2.82 -42.88
N LEU C 664 4.99 3.16 -43.11
CA LEU C 664 3.95 2.16 -43.27
C LEU C 664 3.73 1.90 -44.75
N HIS C 665 3.87 0.64 -45.14
CA HIS C 665 3.62 0.20 -46.50
C HIS C 665 2.20 -0.30 -46.58
N LEU C 666 1.34 0.55 -47.13
CA LEU C 666 -0.09 0.29 -47.18
C LEU C 666 -0.45 -0.26 -48.55
N PRO C 667 -1.71 -0.68 -48.72
CA PRO C 667 -2.08 -1.26 -50.00
C PRO C 667 -1.95 -0.28 -51.16
N GLU C 668 -1.85 -0.81 -52.37
CA GLU C 668 -1.84 -0.02 -53.59
C GLU C 668 -0.61 0.88 -53.69
N GLY C 669 0.49 0.41 -53.13
CA GLY C 669 1.77 1.11 -53.24
C GLY C 669 1.85 2.41 -52.46
N LYS C 670 0.87 2.66 -51.58
CA LYS C 670 0.88 3.87 -50.77
C LYS C 670 1.74 3.71 -49.51
N ASN C 671 2.61 4.69 -49.24
CA ASN C 671 3.44 4.67 -48.05
C ASN C 671 3.14 5.89 -47.20
N PHE C 672 2.99 5.67 -45.90
CA PHE C 672 2.82 6.77 -44.97
C PHE C 672 3.96 6.80 -43.97
N VAL C 673 4.59 7.97 -43.87
CA VAL C 673 5.78 8.14 -43.05
C VAL C 673 5.47 9.02 -41.86
N VAL C 674 5.86 8.57 -40.66
CA VAL C 674 5.90 9.47 -39.53
C VAL C 674 7.37 9.75 -39.27
N SER C 675 7.81 10.96 -39.54
CA SER C 675 9.20 11.31 -39.28
C SER C 675 9.36 12.23 -38.08
N ALA C 676 10.36 11.94 -37.27
CA ALA C 676 10.62 12.70 -36.06
C ALA C 676 12.13 12.77 -35.95
N ALA C 677 12.74 13.53 -36.85
CA ALA C 677 14.18 13.49 -37.05
C ALA C 677 14.97 13.88 -35.81
N ASP C 678 14.39 14.76 -34.99
CA ASP C 678 15.05 15.19 -33.76
CA ASP C 678 15.05 15.19 -33.75
C ASP C 678 14.54 14.45 -32.51
N ASN C 679 13.98 13.26 -32.71
CA ASN C 679 13.50 12.44 -31.58
C ASN C 679 14.64 11.97 -30.68
N ALA C 680 14.36 11.88 -29.38
CA ALA C 680 15.31 11.36 -28.41
C ALA C 680 14.55 11.00 -27.15
N ALA C 681 15.20 10.24 -26.26
CA ALA C 681 14.58 9.82 -25.00
C ALA C 681 14.01 11.00 -24.22
N ASP C 682 14.69 12.15 -24.23
CA ASP C 682 14.20 13.28 -23.47
C ASP C 682 13.50 14.34 -24.35
N ARG C 683 13.04 13.92 -25.51
CA ARG C 683 12.32 14.81 -26.40
C ARG C 683 10.98 14.18 -26.82
N PRO C 684 10.08 13.99 -25.86
CA PRO C 684 8.83 13.27 -26.15
C PRO C 684 7.76 14.18 -26.70
N TYR C 685 7.96 15.49 -26.59
CA TYR C 685 6.93 16.47 -26.93
C TYR C 685 6.93 16.84 -28.40
N ILE C 686 5.73 16.97 -28.96
CA ILE C 686 5.58 17.52 -30.30
C ILE C 686 5.46 19.05 -30.23
N ARG C 687 6.45 19.75 -30.76
CA ARG C 687 6.42 21.21 -30.80
C ARG C 687 5.63 21.71 -32.00
N LYS C 688 5.79 21.03 -33.13
CA LYS C 688 5.10 21.43 -34.34
C LYS C 688 4.96 20.21 -35.24
N ALA C 689 3.98 20.26 -36.14
CA ALA C 689 3.73 19.16 -37.07
C ALA C 689 3.34 19.68 -38.45
N LEU C 690 3.81 19.00 -39.49
CA LEU C 690 3.33 19.22 -40.84
C LEU C 690 2.72 17.93 -41.37
N LEU C 691 1.48 17.99 -41.84
CA LEU C 691 0.89 16.88 -42.55
C LEU C 691 0.91 17.21 -44.03
N ASN C 692 1.69 16.43 -44.78
CA ASN C 692 1.85 16.66 -46.19
C ASN C 692 2.22 18.10 -46.45
N GLY C 693 3.11 18.62 -45.61
CA GLY C 693 3.64 19.96 -45.79
C GLY C 693 2.78 21.07 -45.23
N GLN C 694 1.60 20.75 -44.71
CA GLN C 694 0.69 21.76 -44.17
C GLN C 694 0.70 21.77 -42.66
N GLU C 695 0.68 22.96 -42.06
CA GLU C 695 0.63 23.05 -40.60
C GLU C 695 -0.52 22.20 -40.07
N PHE C 696 -0.25 21.42 -39.02
CA PHE C 696 -1.18 20.42 -38.56
C PHE C 696 -1.24 20.51 -37.05
N THR C 697 -2.43 20.74 -36.51
CA THR C 697 -2.62 20.89 -35.07
C THR C 697 -3.62 19.89 -34.49
N ARG C 698 -4.26 19.11 -35.36
CA ARG C 698 -5.23 18.13 -34.87
C ARG C 698 -4.53 17.05 -34.07
N ASN C 699 -5.23 16.51 -33.07
CA ASN C 699 -4.69 15.43 -32.23
C ASN C 699 -5.11 14.04 -32.70
N TYR C 700 -5.48 13.92 -33.97
CA TYR C 700 -5.83 12.63 -34.56
C TYR C 700 -5.55 12.64 -36.07
N LEU C 701 -5.27 11.45 -36.61
CA LEU C 701 -5.21 11.20 -38.05
C LEU C 701 -6.40 10.34 -38.42
N THR C 702 -7.01 10.62 -39.57
CA THR C 702 -8.04 9.73 -40.10
C THR C 702 -7.43 8.50 -40.77
N HIS C 703 -8.18 7.40 -40.78
CA HIS C 703 -7.77 6.27 -41.58
C HIS C 703 -7.52 6.72 -43.03
N ASP C 704 -8.37 7.60 -43.56
CA ASP C 704 -8.20 8.07 -44.94
C ASP C 704 -6.88 8.80 -45.19
N GLU C 705 -6.47 9.61 -44.22
CA GLU C 705 -5.19 10.32 -44.34
C GLU C 705 -4.00 9.37 -44.37
N LEU C 706 -4.07 8.29 -43.60
CA LEU C 706 -3.01 7.27 -43.62
C LEU C 706 -3.02 6.48 -44.92
N LYS C 707 -4.21 6.03 -45.32
CA LYS C 707 -4.39 5.12 -46.44
C LYS C 707 -3.91 5.74 -47.77
N GLN C 708 -4.12 7.05 -47.90
CA GLN C 708 -3.71 7.80 -49.08
C GLN C 708 -2.21 7.86 -49.23
N GLY C 709 -1.49 7.64 -48.13
CA GLY C 709 -0.04 7.84 -48.13
C GLY C 709 0.34 9.31 -47.92
N GLY C 710 1.61 9.54 -47.63
CA GLY C 710 2.07 10.89 -47.34
C GLY C 710 3.02 10.93 -46.16
N GLU C 711 3.01 12.03 -45.43
CA GLU C 711 3.96 12.19 -44.32
C GLU C 711 3.47 13.13 -43.22
N LEU C 712 3.65 12.67 -41.99
CA LEU C 712 3.49 13.50 -40.81
C LEU C 712 4.90 13.79 -40.31
N ASN C 713 5.32 15.05 -40.44
CA ASN C 713 6.67 15.45 -40.08
C ASN C 713 6.64 16.19 -38.75
N LEU C 714 7.18 15.56 -37.71
CA LEU C 714 7.07 16.07 -36.36
C LEU C 714 8.37 16.71 -35.92
N SER C 715 8.26 17.88 -35.29
CA SER C 715 9.41 18.52 -34.66
C SER C 715 9.31 18.23 -33.16
N MET C 716 10.21 17.41 -32.65
CA MET C 716 10.16 16.96 -31.25
C MET C 716 10.94 17.94 -30.39
N ASP C 717 10.62 18.00 -29.10
CA ASP C 717 11.21 19.00 -28.20
C ASP C 717 11.21 18.44 -26.78
N SER C 718 12.04 19.01 -25.91
CA SER C 718 12.19 18.55 -24.54
C SER C 718 11.27 19.31 -23.57
N VAL C 719 10.56 20.31 -24.09
CA VAL C 719 9.54 21.01 -23.31
C VAL C 719 8.20 20.94 -24.05
N PRO C 720 7.08 20.96 -23.31
CA PRO C 720 5.78 20.88 -23.98
C PRO C 720 5.41 22.17 -24.70
N ASN C 721 4.74 22.06 -25.85
CA ASN C 721 4.16 23.24 -26.50
C ASN C 721 2.74 23.40 -26.04
N GLN C 722 2.52 24.22 -25.01
CA GLN C 722 1.18 24.33 -24.47
C GLN C 722 0.21 25.13 -25.35
N GLN C 723 0.71 25.67 -26.47
CA GLN C 723 -0.16 26.39 -27.41
C GLN C 723 -0.77 25.46 -28.48
N ARG C 724 -0.22 24.26 -28.63
CA ARG C 724 -0.60 23.39 -29.76
C ARG C 724 -1.65 22.34 -29.38
N GLY C 725 -2.71 22.23 -30.19
CA GLY C 725 -3.65 21.11 -30.05
C GLY C 725 -4.64 21.28 -28.91
N THR C 726 -4.92 22.53 -28.55
CA THR C 726 -5.80 22.84 -27.44
C THR C 726 -7.18 23.32 -27.87
N GLN C 727 -7.44 23.39 -29.18
CA GLN C 727 -8.73 23.91 -29.64
C GLN C 727 -9.73 22.78 -29.90
N PRO C 728 -11.02 23.07 -29.76
CA PRO C 728 -12.05 22.08 -30.03
C PRO C 728 -11.89 21.40 -31.40
N ALA C 729 -11.51 22.16 -32.41
CA ALA C 729 -11.29 21.60 -33.75
C ALA C 729 -10.17 20.57 -33.78
N ASP C 730 -9.31 20.56 -32.75
CA ASP C 730 -8.20 19.62 -32.70
C ASP C 730 -8.58 18.31 -32.01
N PHE C 731 -9.72 18.28 -31.31
CA PHE C 731 -10.07 17.09 -30.51
C PHE C 731 -10.66 16.00 -31.38
N PRO C 732 -10.40 14.74 -31.03
CA PRO C 732 -11.00 13.67 -31.82
C PRO C 732 -12.47 13.48 -31.45
N TYR C 733 -13.08 12.43 -31.97
CA TYR C 733 -14.53 12.25 -31.86
C TYR C 733 -15.05 11.95 -30.45
N SER C 734 -16.23 12.50 -30.14
CA SER C 734 -17.05 12.04 -29.03
C SER C 734 -18.50 12.05 -29.46
N TYR C 735 -19.27 11.07 -29.01
CA TYR C 735 -20.70 11.05 -29.30
C TYR C 735 -21.39 12.36 -28.89
N SER C 736 -20.96 12.92 -27.75
CA SER C 736 -21.55 14.13 -27.20
C SER C 736 -21.08 15.42 -27.88
N LYS C 737 -19.87 15.38 -28.41
CA LYS C 737 -19.24 16.55 -29.02
C LYS C 737 -20.24 17.37 -29.84
C1 MPD D . 21.25 -6.31 20.73
C2 MPD D . 21.65 -4.98 21.33
O2 MPD D . 22.34 -4.22 20.31
CM MPD D . 20.43 -4.20 21.80
C3 MPD D . 22.51 -5.18 22.56
C4 MPD D . 23.43 -4.00 22.62
O4 MPD D . 22.95 -3.05 23.57
C5 MPD D . 24.86 -4.51 22.83
NA NA E . 25.88 -2.98 26.20
NA NA F . 9.17 -7.64 14.23
C1 GOL G . 25.45 -20.71 4.49
O1 GOL G . 24.61 -19.89 5.30
C2 GOL G . 26.89 -20.66 4.97
O2 GOL G . 27.55 -21.90 4.96
C3 GOL G . 26.94 -20.20 6.39
O3 GOL G . 27.36 -18.89 6.28
C1 GOL H . 11.61 -14.21 26.26
O1 GOL H . 10.45 -14.25 25.46
C2 GOL H . 12.36 -12.90 26.03
O2 GOL H . 11.87 -11.90 26.92
C3 GOL H . 13.86 -13.15 26.24
O3 GOL H . 14.53 -12.93 25.00
C1 GOL I . 0.34 -3.02 28.18
O1 GOL I . 1.29 -4.06 28.22
C2 GOL I . 0.26 -2.30 29.52
O2 GOL I . 0.69 -3.17 30.55
C3 GOL I . 1.10 -1.03 29.46
O3 GOL I . 0.43 0.01 30.14
C1 GOL J . 4.69 -16.48 21.64
O1 GOL J . 5.87 -17.15 22.02
C2 GOL J . 3.78 -16.32 22.86
O2 GOL J . 2.66 -17.17 22.79
C3 GOL J . 3.28 -14.89 22.91
O3 GOL J . 3.86 -14.27 24.03
C1 GOL K . 4.07 -19.39 24.78
O1 GOL K . 2.87 -18.72 24.78
C2 GOL K . 5.13 -18.34 25.00
O2 GOL K . 4.51 -17.07 25.02
C3 GOL K . 5.66 -18.58 26.39
O3 GOL K . 4.87 -17.78 27.22
C1 GOL L . 28.81 -12.76 55.26
O1 GOL L . 29.20 -13.91 55.97
C2 GOL L . 27.89 -13.08 54.08
O2 GOL L . 26.69 -13.71 54.49
C3 GOL L . 28.59 -13.96 53.07
O3 GOL L . 29.21 -13.14 52.11
C1 GOL M . -8.33 -14.52 31.94
O1 GOL M . -7.53 -13.42 32.32
C2 GOL M . -9.49 -14.63 32.93
O2 GOL M . -9.26 -15.77 33.75
C3 GOL M . -10.83 -14.72 32.20
O3 GOL M . -10.84 -13.97 31.00
NA NA N . 12.06 33.59 -11.51
C1 GOL O . 18.76 24.40 13.31
O1 GOL O . 17.40 24.22 12.94
C2 GOL O . 19.11 25.83 12.95
O2 GOL O . 19.80 25.86 11.72
C3 GOL O . 19.89 26.45 14.09
O3 GOL O . 21.15 26.86 13.60
C1 GOL P . 1.12 60.11 -14.47
O1 GOL P . 2.20 59.39 -15.02
C2 GOL P . 0.04 60.32 -15.52
O2 GOL P . 0.28 61.53 -16.20
C3 GOL P . -1.32 60.38 -14.83
O3 GOL P . -2.34 60.09 -15.74
C1 GOL Q . -1.61 15.91 1.57
O1 GOL Q . -1.04 15.39 0.39
C2 GOL Q . -1.52 14.87 2.69
O2 GOL Q . -2.81 14.57 3.16
C3 GOL Q . -0.68 15.45 3.83
O3 GOL Q . 0.36 14.58 4.17
C1 GOL R . -1.51 46.29 6.15
O1 GOL R . -0.62 47.19 5.51
C2 GOL R . -2.55 47.06 6.96
O2 GOL R . -3.37 47.82 6.08
C3 GOL R . -3.36 46.03 7.74
O3 GOL R . -4.56 46.60 8.23
C1 SWA S . -11.04 23.88 3.26
C1 SWA S . -10.98 23.81 3.28
O1 SWA S . -11.67 24.38 4.45
O1 SWA S . -11.70 24.39 4.37
C3 SWA S . -11.24 22.37 3.22
C3 SWA S . -11.22 22.31 3.27
N4 SWA S . -10.62 21.83 2.01
N4 SWA S . -10.69 21.75 2.02
C5 SWA S . -11.34 22.30 0.82
C5 SWA S . -11.58 22.07 0.88
C6 SWA S . -11.15 23.83 0.72
C6 SWA S . -12.28 23.42 1.11
C2 SWA S . -11.62 24.53 2.00
C2 SWA S . -11.42 24.40 1.93
C9 SWA S . -10.71 20.37 2.23
C9 SWA S . -10.66 20.29 2.28
C8 SWA S . -10.42 20.21 3.74
C8 SWA S . -10.39 20.16 3.80
O13 SWA S . -9.14 19.58 3.95
O13 SWA S . -9.12 19.52 4.04
C7 SWA S . -10.42 21.65 4.29
C7 SWA S . -10.38 21.60 4.32
O11 SWA S . -9.09 22.18 4.33
O11 SWA S . -9.05 22.14 4.32
NA NA T . 19.69 -19.04 -25.74
C1 GOL U . 14.22 7.59 -29.01
O1 GOL U . 13.17 6.80 -28.51
C2 GOL U . 14.80 6.78 -30.15
O2 GOL U . 15.88 5.96 -29.73
C3 GOL U . 15.17 7.67 -31.30
O3 GOL U . 16.50 8.10 -31.15
C1 GOL V . -7.57 -16.49 -20.48
O1 GOL V . -8.60 -16.65 -19.53
C2 GOL V . -7.31 -15.00 -20.53
O2 GOL V . -5.91 -14.75 -20.45
C3 GOL V . -8.02 -14.41 -19.33
O3 GOL V . -8.54 -13.16 -19.69
C1 GOL W . -3.10 -12.16 -25.07
O1 GOL W . -2.02 -11.66 -24.31
C2 GOL W . -3.02 -11.64 -26.51
O2 GOL W . -2.83 -12.69 -27.43
C3 GOL W . -4.29 -10.87 -26.85
O3 GOL W . -3.94 -9.78 -27.68
#